data_1DWM
#
_entry.id   1DWM
#
_cell.length_a   1.000
_cell.length_b   1.000
_cell.length_c   1.000
_cell.angle_alpha   90.00
_cell.angle_beta   90.00
_cell.angle_gamma   90.00
#
_symmetry.space_group_name_H-M   'P 1'
#
_entity_poly.entity_id   1
_entity_poly.type   'polypeptide(L)'
_entity_poly.pdbx_seq_one_letter_code
;(ACE)SRRCPGKNAWPELVGKSGNMAAATVERENRNVHAIVLKEGSAMTKDFRCDRVWVIVNDHGVVTSVPHIT
;
_entity_poly.pdbx_strand_id   A
#
# COMPACT_ATOMS: atom_id res chain seq x y z
N SER A 2 -13.61 18.45 0.66
CA SER A 2 -13.72 17.16 -0.05
C SER A 2 -12.44 16.26 0.07
N ARG A 3 -12.44 15.33 1.04
CA ARG A 3 -11.37 14.38 1.28
C ARG A 3 -11.90 13.11 1.95
N ARG A 4 -12.63 12.32 1.18
CA ARG A 4 -13.20 11.07 1.68
C ARG A 4 -13.35 10.05 0.56
N CYS A 5 -12.32 9.27 0.32
CA CYS A 5 -12.34 8.26 -0.72
C CYS A 5 -12.89 6.95 -0.18
N PRO A 6 -13.58 6.18 -1.05
CA PRO A 6 -14.16 4.90 -0.66
C PRO A 6 -13.09 3.85 -0.37
N GLY A 7 -13.48 2.80 0.36
CA GLY A 7 -12.53 1.76 0.69
C GLY A 7 -11.55 2.18 1.77
N LYS A 8 -10.96 1.19 2.43
CA LYS A 8 -10.00 1.44 3.48
C LYS A 8 -8.84 2.31 2.96
N ASN A 9 -8.34 3.21 3.81
CA ASN A 9 -7.26 4.12 3.41
C ASN A 9 -5.89 3.67 3.94
N ALA A 10 -5.88 2.70 4.83
CA ALA A 10 -4.63 2.20 5.39
C ALA A 10 -4.80 0.78 5.88
N TRP A 11 -3.80 -0.06 5.66
CA TRP A 11 -3.88 -1.45 6.09
C TRP A 11 -2.74 -1.80 7.06
N PRO A 12 -2.75 -1.24 8.28
CA PRO A 12 -1.71 -1.52 9.27
C PRO A 12 -1.47 -3.02 9.45
N GLU A 13 -2.55 -3.78 9.36
CA GLU A 13 -2.47 -5.24 9.51
C GLU A 13 -1.63 -5.90 8.41
N LEU A 14 -1.24 -5.12 7.39
CA LEU A 14 -0.44 -5.65 6.31
C LEU A 14 1.04 -5.65 6.68
N VAL A 15 1.40 -4.83 7.68
CA VAL A 15 2.79 -4.74 8.13
C VAL A 15 3.31 -6.11 8.55
N GLY A 16 4.28 -6.63 7.81
CA GLY A 16 4.84 -7.93 8.12
C GLY A 16 4.46 -8.98 7.10
N LYS A 17 3.56 -8.62 6.18
CA LYS A 17 3.13 -9.55 5.14
C LYS A 17 3.86 -9.28 3.83
N SER A 18 3.92 -10.28 2.97
CA SER A 18 4.60 -10.15 1.68
C SER A 18 4.02 -8.99 0.88
N GLY A 19 4.89 -8.23 0.22
CA GLY A 19 4.45 -7.10 -0.57
C GLY A 19 3.36 -7.48 -1.56
N ASN A 20 3.36 -8.73 -2.00
CA ASN A 20 2.36 -9.21 -2.95
C ASN A 20 1.02 -9.40 -2.26
N MET A 21 1.04 -10.05 -1.10
CA MET A 21 -0.18 -10.29 -0.35
C MET A 21 -0.75 -8.96 0.14
N ALA A 22 0.14 -8.03 0.44
CA ALA A 22 -0.28 -6.70 0.89
C ALA A 22 -0.98 -5.95 -0.23
N ALA A 23 -0.27 -5.73 -1.33
CA ALA A 23 -0.85 -5.05 -2.48
C ALA A 23 -2.18 -5.68 -2.87
N ALA A 24 -2.21 -7.01 -2.85
CA ALA A 24 -3.42 -7.74 -3.19
C ALA A 24 -4.54 -7.40 -2.21
N THR A 25 -4.20 -7.39 -0.92
CA THR A 25 -5.17 -7.07 0.12
C THR A 25 -5.78 -5.70 -0.12
N VAL A 26 -4.95 -4.75 -0.52
CA VAL A 26 -5.44 -3.40 -0.78
C VAL A 26 -6.39 -3.36 -1.96
N GLU A 27 -5.95 -3.87 -3.10
CA GLU A 27 -6.77 -3.89 -4.30
C GLU A 27 -8.01 -4.78 -4.12
N ARG A 28 -7.90 -5.78 -3.25
CA ARG A 28 -9.02 -6.68 -3.00
C ARG A 28 -10.01 -6.08 -2.00
N GLU A 29 -9.51 -5.73 -0.82
CA GLU A 29 -10.37 -5.14 0.22
C GLU A 29 -10.93 -3.81 -0.26
N ASN A 30 -10.16 -3.13 -1.10
CA ASN A 30 -10.57 -1.84 -1.63
C ASN A 30 -10.48 -1.82 -3.15
N ARG A 31 -11.53 -2.31 -3.80
CA ARG A 31 -11.59 -2.37 -5.26
C ARG A 31 -11.50 -0.98 -5.90
N ASN A 32 -11.54 0.08 -5.09
CA ASN A 32 -11.47 1.44 -5.61
C ASN A 32 -10.04 1.99 -5.60
N VAL A 33 -9.07 1.19 -5.16
CA VAL A 33 -7.69 1.65 -5.10
C VAL A 33 -6.75 0.67 -5.79
N HIS A 34 -5.51 1.12 -6.02
CA HIS A 34 -4.50 0.29 -6.66
C HIS A 34 -3.19 0.38 -5.88
N ALA A 35 -2.63 -0.78 -5.54
CA ALA A 35 -1.40 -0.83 -4.76
C ALA A 35 -0.19 -1.13 -5.62
N ILE A 36 0.93 -0.52 -5.27
CA ILE A 36 2.19 -0.72 -5.98
C ILE A 36 3.25 -1.27 -5.03
N VAL A 37 4.10 -2.16 -5.55
CA VAL A 37 5.14 -2.77 -4.73
C VAL A 37 6.47 -2.06 -4.90
N LEU A 38 7.10 -1.73 -3.78
CA LEU A 38 8.39 -1.05 -3.78
C LEU A 38 9.13 -1.27 -2.45
N LYS A 39 10.45 -1.23 -2.50
CA LYS A 39 11.26 -1.46 -1.31
C LYS A 39 11.50 -0.17 -0.52
N GLU A 40 11.88 -0.34 0.75
CA GLU A 40 12.16 0.79 1.63
C GLU A 40 13.19 1.73 1.02
N GLY A 41 12.79 2.97 0.81
CA GLY A 41 13.69 3.95 0.24
C GLY A 41 13.45 4.16 -1.25
N SER A 42 12.44 3.49 -1.79
CA SER A 42 12.13 3.61 -3.22
C SER A 42 11.69 5.02 -3.55
N ALA A 43 12.28 5.57 -4.61
CA ALA A 43 11.95 6.92 -5.06
C ALA A 43 10.53 6.98 -5.58
N MET A 44 9.56 7.10 -4.67
CA MET A 44 8.17 7.14 -5.05
C MET A 44 7.56 8.51 -4.74
N THR A 45 6.39 8.77 -5.33
CA THR A 45 5.70 10.04 -5.12
C THR A 45 5.32 10.19 -3.65
N LYS A 46 4.99 11.42 -3.26
CA LYS A 46 4.62 11.71 -1.89
C LYS A 46 3.18 12.21 -1.81
N ASP A 47 2.69 12.78 -2.90
CA ASP A 47 1.33 13.31 -2.94
C ASP A 47 0.32 12.25 -2.51
N PHE A 48 -0.93 12.66 -2.35
CA PHE A 48 -2.00 11.76 -1.93
C PHE A 48 -2.79 11.26 -3.13
N ARG A 49 -2.95 9.94 -3.22
CA ARG A 49 -3.69 9.32 -4.32
C ARG A 49 -4.46 8.10 -3.82
N CYS A 50 -5.79 8.20 -3.81
CA CYS A 50 -6.64 7.12 -3.35
C CYS A 50 -6.43 5.87 -4.20
N ASP A 51 -6.21 6.05 -5.49
CA ASP A 51 -6.02 4.92 -6.39
C ASP A 51 -4.60 4.36 -6.29
N ARG A 52 -3.77 5.00 -5.48
CA ARG A 52 -2.40 4.55 -5.31
C ARG A 52 -2.07 4.25 -3.85
N VAL A 53 -1.51 3.08 -3.62
CA VAL A 53 -1.12 2.66 -2.28
C VAL A 53 0.30 2.08 -2.32
N TRP A 54 1.21 2.69 -1.58
CA TRP A 54 2.61 2.24 -1.58
C TRP A 54 2.79 1.02 -0.70
N VAL A 55 3.45 0.01 -1.26
CA VAL A 55 3.73 -1.22 -0.53
C VAL A 55 5.23 -1.34 -0.32
N ILE A 56 5.71 -0.70 0.75
CA ILE A 56 7.12 -0.70 1.07
C ILE A 56 7.54 -1.99 1.76
N VAL A 57 8.45 -2.70 1.11
CA VAL A 57 8.94 -3.97 1.63
C VAL A 57 10.46 -3.94 1.78
N ASN A 58 10.98 -4.91 2.52
CA ASN A 58 12.42 -5.01 2.73
C ASN A 58 13.08 -5.83 1.63
N ASP A 59 14.37 -6.12 1.80
CA ASP A 59 15.12 -6.89 0.82
C ASP A 59 14.50 -8.27 0.60
N HIS A 60 13.75 -8.75 1.60
CA HIS A 60 13.11 -10.06 1.52
C HIS A 60 11.70 -9.98 0.92
N GLY A 61 11.29 -8.78 0.51
CA GLY A 61 9.98 -8.62 -0.06
C GLY A 61 8.89 -8.61 0.99
N VAL A 62 9.26 -8.24 2.22
CA VAL A 62 8.32 -8.18 3.33
C VAL A 62 7.87 -6.74 3.55
N VAL A 63 6.57 -6.53 3.71
CA VAL A 63 6.05 -5.19 3.93
C VAL A 63 6.48 -4.67 5.30
N THR A 64 7.39 -3.70 5.30
CA THR A 64 7.89 -3.13 6.55
C THR A 64 7.08 -1.89 6.94
N SER A 65 6.63 -1.14 5.96
CA SER A 65 5.85 0.06 6.21
C SER A 65 4.37 -0.19 5.98
N VAL A 66 3.54 0.63 6.62
CA VAL A 66 2.10 0.50 6.48
C VAL A 66 1.62 0.89 5.09
N PRO A 67 0.92 -0.01 4.39
CA PRO A 67 0.40 0.28 3.07
C PRO A 67 -0.91 1.05 3.16
N HIS A 68 -0.84 2.36 2.94
CA HIS A 68 -2.01 3.21 3.03
C HIS A 68 -2.11 4.13 1.82
N ILE A 69 -3.34 4.41 1.41
CA ILE A 69 -3.61 5.28 0.27
C ILE A 69 -2.65 6.47 0.27
N THR A 70 -1.68 6.46 -0.64
CA THR A 70 -0.69 7.52 -0.75
C THR A 70 -0.19 7.66 -2.18
N SER A 2 -17.09 16.42 -3.04
CA SER A 2 -16.74 15.01 -3.42
C SER A 2 -15.27 14.59 -3.08
N ARG A 3 -15.02 14.19 -1.81
CA ARG A 3 -13.69 13.90 -1.28
C ARG A 3 -13.76 12.79 -0.25
N ARG A 4 -14.21 11.62 -0.70
CA ARG A 4 -14.31 10.45 0.17
C ARG A 4 -14.17 9.17 -0.64
N CYS A 5 -12.93 8.72 -0.80
CA CYS A 5 -12.66 7.51 -1.56
C CYS A 5 -13.12 6.27 -0.81
N PRO A 6 -13.76 5.33 -1.51
CA PRO A 6 -14.26 4.11 -0.90
C PRO A 6 -13.14 3.16 -0.49
N GLY A 7 -13.49 2.19 0.34
CA GLY A 7 -12.50 1.22 0.79
C GLY A 7 -11.54 1.80 1.81
N LYS A 8 -10.85 0.91 2.51
CA LYS A 8 -9.89 1.30 3.52
C LYS A 8 -8.77 2.18 2.93
N ASN A 9 -8.17 3.02 3.79
CA ASN A 9 -7.11 3.94 3.35
C ASN A 9 -5.76 3.63 4.01
N ALA A 10 -5.75 2.69 4.93
CA ALA A 10 -4.52 2.31 5.62
C ALA A 10 -4.64 0.89 6.13
N TRP A 11 -3.69 0.04 5.75
CA TRP A 11 -3.71 -1.35 6.15
C TRP A 11 -2.57 -1.68 7.11
N PRO A 12 -2.70 -1.27 8.38
CA PRO A 12 -1.67 -1.55 9.39
C PRO A 12 -1.47 -3.04 9.57
N GLU A 13 -2.55 -3.80 9.47
CA GLU A 13 -2.49 -5.25 9.61
C GLU A 13 -1.67 -5.91 8.51
N LEU A 14 -1.31 -5.14 7.48
CA LEU A 14 -0.51 -5.66 6.39
C LEU A 14 0.96 -5.67 6.75
N VAL A 15 1.33 -4.86 7.74
CA VAL A 15 2.73 -4.77 8.18
C VAL A 15 3.26 -6.16 8.57
N GLY A 16 4.18 -6.66 7.77
CA GLY A 16 4.76 -7.97 8.03
C GLY A 16 4.38 -8.98 6.95
N LYS A 17 3.45 -8.60 6.08
CA LYS A 17 3.02 -9.49 5.00
C LYS A 17 3.79 -9.19 3.72
N SER A 18 3.83 -10.17 2.82
CA SER A 18 4.54 -10.00 1.56
C SER A 18 3.96 -8.84 0.75
N GLY A 19 4.83 -8.04 0.15
CA GLY A 19 4.38 -6.91 -0.64
C GLY A 19 3.28 -7.30 -1.61
N ASN A 20 3.33 -8.54 -2.08
CA ASN A 20 2.31 -9.04 -3.01
C ASN A 20 0.98 -9.21 -2.30
N MET A 21 1.02 -9.83 -1.13
CA MET A 21 -0.19 -10.04 -0.34
C MET A 21 -0.74 -8.71 0.11
N ALA A 22 0.15 -7.76 0.36
CA ALA A 22 -0.24 -6.43 0.78
C ALA A 22 -1.05 -5.73 -0.30
N ALA A 23 -0.43 -5.57 -1.48
CA ALA A 23 -1.10 -4.94 -2.60
C ALA A 23 -2.41 -5.65 -2.91
N ALA A 24 -2.38 -6.97 -2.87
CA ALA A 24 -3.58 -7.77 -3.14
C ALA A 24 -4.67 -7.43 -2.13
N THR A 25 -4.31 -7.38 -0.86
CA THR A 25 -5.26 -7.05 0.20
C THR A 25 -5.90 -5.70 -0.07
N VAL A 26 -5.09 -4.73 -0.44
CA VAL A 26 -5.59 -3.39 -0.73
C VAL A 26 -6.55 -3.41 -1.90
N GLU A 27 -6.11 -3.99 -3.02
CA GLU A 27 -6.93 -4.06 -4.22
C GLU A 27 -8.18 -4.91 -3.98
N ARG A 28 -8.10 -5.88 -3.08
CA ARG A 28 -9.24 -6.74 -2.78
C ARG A 28 -10.23 -6.03 -1.86
N GLU A 29 -9.75 -5.59 -0.70
CA GLU A 29 -10.59 -4.90 0.26
C GLU A 29 -11.09 -3.58 -0.31
N ASN A 30 -10.23 -2.93 -1.10
CA ASN A 30 -10.56 -1.66 -1.73
C ASN A 30 -10.42 -1.76 -3.24
N ARG A 31 -11.42 -2.36 -3.89
CA ARG A 31 -11.42 -2.54 -5.34
C ARG A 31 -11.38 -1.20 -6.09
N ASN A 32 -11.42 -0.07 -5.37
CA ASN A 32 -11.40 1.23 -6.02
C ASN A 32 -9.98 1.79 -6.14
N VAL A 33 -9.00 1.08 -5.56
CA VAL A 33 -7.62 1.55 -5.61
C VAL A 33 -6.65 0.40 -5.83
N HIS A 34 -5.39 0.75 -6.13
CA HIS A 34 -4.35 -0.26 -6.35
C HIS A 34 -3.08 0.10 -5.59
N ALA A 35 -2.36 -0.93 -5.13
CA ALA A 35 -1.13 -0.71 -4.37
C ALA A 35 0.09 -1.11 -5.18
N ILE A 36 1.14 -0.29 -5.08
CA ILE A 36 2.39 -0.54 -5.78
C ILE A 36 3.46 -1.05 -4.83
N VAL A 37 3.97 -2.24 -5.09
CA VAL A 37 4.99 -2.83 -4.25
C VAL A 37 6.38 -2.27 -4.55
N LEU A 38 7.06 -1.85 -3.50
CA LEU A 38 8.41 -1.28 -3.63
C LEU A 38 9.16 -1.42 -2.31
N LYS A 39 10.48 -1.50 -2.40
CA LYS A 39 11.31 -1.65 -1.20
C LYS A 39 11.71 -0.29 -0.61
N GLU A 40 11.99 -0.29 0.69
CA GLU A 40 12.39 0.92 1.39
C GLU A 40 13.49 1.65 0.63
N GLY A 41 13.19 2.86 0.20
CA GLY A 41 14.17 3.65 -0.53
C GLY A 41 13.81 3.81 -2.00
N SER A 42 12.69 3.20 -2.41
CA SER A 42 12.25 3.30 -3.80
C SER A 42 11.75 4.70 -4.12
N ALA A 43 11.18 4.86 -5.30
CA ALA A 43 10.65 6.15 -5.72
C ALA A 43 9.20 6.25 -5.28
N MET A 44 8.97 7.04 -4.24
CA MET A 44 7.64 7.21 -3.69
C MET A 44 7.28 8.67 -3.58
N THR A 45 6.48 9.14 -4.53
CA THR A 45 6.05 10.52 -4.52
C THR A 45 5.30 10.83 -3.23
N LYS A 46 5.43 12.06 -2.76
CA LYS A 46 4.77 12.48 -1.53
C LYS A 46 3.31 12.81 -1.77
N ASP A 47 3.00 13.20 -3.00
CA ASP A 47 1.63 13.56 -3.37
C ASP A 47 0.65 12.49 -2.87
N PHE A 48 -0.63 12.86 -2.79
CA PHE A 48 -1.65 11.94 -2.31
C PHE A 48 -2.49 11.39 -3.47
N ARG A 49 -2.77 10.09 -3.42
CA ARG A 49 -3.56 9.43 -4.45
C ARG A 49 -4.29 8.21 -3.87
N CYS A 50 -5.61 8.29 -3.80
CA CYS A 50 -6.41 7.19 -3.26
C CYS A 50 -6.19 5.90 -4.04
N ASP A 51 -6.05 6.03 -5.35
CA ASP A 51 -5.84 4.85 -6.19
C ASP A 51 -4.40 4.37 -6.13
N ARG A 52 -3.54 5.09 -5.41
CA ARG A 52 -2.15 4.70 -5.30
C ARG A 52 -1.75 4.44 -3.86
N VAL A 53 -1.46 3.17 -3.57
CA VAL A 53 -1.05 2.77 -2.23
C VAL A 53 0.40 2.30 -2.26
N TRP A 54 1.28 3.00 -1.55
CA TRP A 54 2.70 2.63 -1.52
C TRP A 54 2.93 1.45 -0.59
N VAL A 55 3.60 0.42 -1.08
CA VAL A 55 3.88 -0.76 -0.27
C VAL A 55 5.39 -0.91 -0.08
N ILE A 56 5.87 -0.48 1.08
CA ILE A 56 7.29 -0.56 1.38
C ILE A 56 7.65 -1.92 1.93
N VAL A 57 8.59 -2.59 1.27
CA VAL A 57 9.02 -3.90 1.69
C VAL A 57 10.54 -3.96 1.85
N ASN A 58 11.02 -5.04 2.45
CA ASN A 58 12.45 -5.22 2.68
C ASN A 58 13.10 -5.94 1.49
N ASP A 59 14.35 -6.34 1.67
CA ASP A 59 15.09 -7.03 0.62
C ASP A 59 14.44 -8.36 0.25
N HIS A 60 13.60 -8.88 1.13
CA HIS A 60 12.94 -10.16 0.89
C HIS A 60 11.52 -9.97 0.35
N GLY A 61 11.08 -8.72 0.23
CA GLY A 61 9.74 -8.45 -0.26
C GLY A 61 8.71 -8.46 0.84
N VAL A 62 9.15 -8.20 2.06
CA VAL A 62 8.26 -8.16 3.21
C VAL A 62 7.83 -6.73 3.50
N VAL A 63 6.54 -6.51 3.69
CA VAL A 63 6.03 -5.17 3.95
C VAL A 63 6.42 -4.69 5.35
N THR A 64 7.28 -3.67 5.39
CA THR A 64 7.74 -3.11 6.66
C THR A 64 6.93 -1.88 7.04
N SER A 65 6.49 -1.13 6.03
CA SER A 65 5.71 0.08 6.26
C SER A 65 4.22 -0.18 6.10
N VAL A 66 3.42 0.58 6.84
CA VAL A 66 1.97 0.44 6.79
C VAL A 66 1.41 0.88 5.44
N PRO A 67 0.95 -0.08 4.60
CA PRO A 67 0.37 0.23 3.30
C PRO A 67 -0.87 1.11 3.41
N HIS A 68 -0.73 2.38 3.07
CA HIS A 68 -1.84 3.32 3.16
C HIS A 68 -1.97 4.16 1.89
N ILE A 69 -3.20 4.49 1.55
CA ILE A 69 -3.51 5.31 0.39
C ILE A 69 -2.60 6.55 0.34
N THR A 70 -1.67 6.54 -0.60
CA THR A 70 -0.73 7.65 -0.77
C THR A 70 -0.19 7.69 -2.19
N SER A 2 -13.77 17.77 2.99
CA SER A 2 -14.22 16.42 2.52
C SER A 2 -13.44 15.20 3.14
N ARG A 3 -12.37 14.71 2.45
CA ARG A 3 -11.42 13.69 2.90
C ARG A 3 -12.13 12.37 3.22
N ARG A 4 -12.45 11.62 2.17
CA ARG A 4 -13.12 10.33 2.34
C ARG A 4 -13.23 9.62 1.00
N CYS A 5 -12.31 8.68 0.76
CA CYS A 5 -12.31 7.93 -0.49
C CYS A 5 -12.77 6.50 -0.27
N PRO A 6 -13.37 5.89 -1.31
CA PRO A 6 -13.87 4.52 -1.22
C PRO A 6 -12.81 3.53 -0.78
N GLY A 7 -13.24 2.43 -0.16
CA GLY A 7 -12.31 1.42 0.30
C GLY A 7 -11.46 1.90 1.47
N LYS A 8 -10.70 0.97 2.04
CA LYS A 8 -9.82 1.28 3.17
C LYS A 8 -8.66 2.17 2.71
N ASN A 9 -8.19 3.02 3.62
CA ASN A 9 -7.10 3.95 3.30
C ASN A 9 -5.79 3.62 4.02
N ALA A 10 -5.79 2.56 4.81
CA ALA A 10 -4.60 2.15 5.54
C ALA A 10 -4.73 0.70 5.97
N TRP A 11 -3.76 -0.12 5.62
CA TRP A 11 -3.78 -1.54 5.97
C TRP A 11 -2.66 -1.88 6.95
N PRO A 12 -2.73 -1.36 8.18
CA PRO A 12 -1.71 -1.62 9.20
C PRO A 12 -1.48 -3.12 9.40
N GLU A 13 -2.53 -3.90 9.23
CA GLU A 13 -2.45 -5.35 9.39
C GLU A 13 -1.56 -5.97 8.32
N LEU A 14 -1.15 -5.18 7.33
CA LEU A 14 -0.28 -5.68 6.27
C LEU A 14 1.18 -5.63 6.69
N VAL A 15 1.48 -4.83 7.71
CA VAL A 15 2.85 -4.70 8.21
C VAL A 15 3.39 -6.06 8.63
N GLY A 16 4.40 -6.54 7.90
CA GLY A 16 4.98 -7.83 8.20
C GLY A 16 4.59 -8.89 7.19
N LYS A 17 3.58 -8.58 6.37
CA LYS A 17 3.13 -9.51 5.35
C LYS A 17 3.89 -9.33 4.05
N SER A 18 3.84 -10.33 3.18
CA SER A 18 4.55 -10.25 1.90
C SER A 18 3.99 -9.12 1.05
N GLY A 19 4.88 -8.38 0.41
CA GLY A 19 4.44 -7.27 -0.43
C GLY A 19 3.41 -7.70 -1.46
N ASN A 20 3.48 -8.96 -1.88
CA ASN A 20 2.55 -9.49 -2.86
C ASN A 20 1.16 -9.63 -2.26
N MET A 21 1.07 -10.34 -1.15
CA MET A 21 -0.20 -10.56 -0.47
C MET A 21 -0.79 -9.22 -0.03
N ALA A 22 0.07 -8.34 0.47
CA ALA A 22 -0.36 -7.03 0.92
C ALA A 22 -0.99 -6.26 -0.23
N ALA A 23 -0.28 -6.18 -1.35
CA ALA A 23 -0.78 -5.48 -2.52
C ALA A 23 -2.15 -6.03 -2.92
N ALA A 24 -2.25 -7.36 -2.96
CA ALA A 24 -3.50 -8.00 -3.32
C ALA A 24 -4.60 -7.65 -2.33
N THR A 25 -4.22 -7.57 -1.05
CA THR A 25 -5.17 -7.22 0.00
C THR A 25 -5.77 -5.85 -0.25
N VAL A 26 -4.93 -4.89 -0.60
CA VAL A 26 -5.38 -3.53 -0.86
C VAL A 26 -6.29 -3.49 -2.09
N GLU A 27 -5.83 -4.06 -3.19
CA GLU A 27 -6.62 -4.08 -4.43
C GLU A 27 -7.92 -4.85 -4.26
N ARG A 28 -7.90 -5.87 -3.40
CA ARG A 28 -9.08 -6.68 -3.17
C ARG A 28 -10.04 -5.99 -2.20
N GLU A 29 -9.55 -5.64 -1.01
CA GLU A 29 -10.37 -4.97 -0.01
C GLU A 29 -10.83 -3.61 -0.51
N ASN A 30 -10.02 -3.00 -1.37
CA ASN A 30 -10.35 -1.70 -1.94
C ASN A 30 -10.28 -1.73 -3.46
N ARG A 31 -11.33 -2.27 -4.08
CA ARG A 31 -11.41 -2.36 -5.53
C ARG A 31 -11.47 -0.97 -6.18
N ASN A 32 -11.51 0.09 -5.36
CA ASN A 32 -11.56 1.45 -5.88
C ASN A 32 -10.16 2.04 -6.02
N VAL A 33 -9.16 1.36 -5.48
CA VAL A 33 -7.78 1.83 -5.55
C VAL A 33 -6.83 0.68 -5.81
N HIS A 34 -5.57 1.01 -6.10
CA HIS A 34 -4.56 -0.02 -6.36
C HIS A 34 -3.26 0.30 -5.61
N ALA A 35 -2.52 -0.76 -5.27
CA ALA A 35 -1.28 -0.62 -4.52
C ALA A 35 -0.09 -1.06 -5.36
N ILE A 36 0.99 -0.28 -5.28
CA ILE A 36 2.22 -0.59 -6.00
C ILE A 36 3.27 -1.13 -5.05
N VAL A 37 3.86 -2.27 -5.40
CA VAL A 37 4.89 -2.86 -4.56
C VAL A 37 6.23 -2.18 -4.78
N LEU A 38 6.85 -1.78 -3.68
CA LEU A 38 8.14 -1.10 -3.72
C LEU A 38 8.92 -1.37 -2.45
N LYS A 39 10.23 -1.50 -2.58
CA LYS A 39 11.08 -1.77 -1.42
C LYS A 39 11.58 -0.48 -0.78
N GLU A 40 11.94 -0.57 0.50
CA GLU A 40 12.44 0.58 1.24
C GLU A 40 13.47 1.36 0.43
N GLY A 41 13.18 2.63 0.18
CA GLY A 41 14.09 3.46 -0.57
C GLY A 41 13.69 3.60 -2.03
N SER A 42 12.54 3.04 -2.39
CA SER A 42 12.06 3.12 -3.75
C SER A 42 11.60 4.54 -4.10
N ALA A 43 11.15 4.73 -5.33
CA ALA A 43 10.66 6.02 -5.79
C ALA A 43 9.17 6.13 -5.48
N MET A 44 8.86 6.84 -4.42
CA MET A 44 7.49 7.00 -3.98
C MET A 44 7.13 8.45 -3.81
N THR A 45 6.36 8.97 -4.77
CA THR A 45 5.95 10.36 -4.72
C THR A 45 5.25 10.65 -3.40
N LYS A 46 5.33 11.90 -2.97
CA LYS A 46 4.72 12.31 -1.71
C LYS A 46 3.25 12.70 -1.93
N ASP A 47 2.95 13.16 -3.15
CA ASP A 47 1.59 13.56 -3.50
C ASP A 47 0.58 12.52 -3.04
N PHE A 48 -0.51 13.00 -2.44
CA PHE A 48 -1.55 12.11 -1.93
C PHE A 48 -2.48 11.65 -3.06
N ARG A 49 -2.74 10.34 -3.09
CA ARG A 49 -3.62 9.75 -4.11
C ARG A 49 -4.37 8.55 -3.52
N CYS A 50 -5.69 8.70 -3.36
CA CYS A 50 -6.53 7.63 -2.81
C CYS A 50 -6.47 6.38 -3.68
N ASP A 51 -6.35 6.57 -4.99
CA ASP A 51 -6.31 5.43 -5.90
C ASP A 51 -4.93 4.79 -5.94
N ARG A 52 -3.99 5.33 -5.17
CA ARG A 52 -2.63 4.80 -5.14
C ARG A 52 -2.19 4.48 -3.73
N VAL A 53 -1.68 3.27 -3.54
CA VAL A 53 -1.20 2.83 -2.23
C VAL A 53 0.22 2.28 -2.36
N TRP A 54 1.18 2.94 -1.72
CA TRP A 54 2.58 2.49 -1.76
C TRP A 54 2.79 1.33 -0.82
N VAL A 55 3.47 0.29 -1.30
CA VAL A 55 3.73 -0.88 -0.49
C VAL A 55 5.23 -1.03 -0.26
N ILE A 56 5.70 -0.53 0.89
CA ILE A 56 7.12 -0.58 1.22
C ILE A 56 7.50 -1.91 1.84
N VAL A 57 8.43 -2.60 1.20
CA VAL A 57 8.91 -3.89 1.68
C VAL A 57 10.43 -3.89 1.84
N ASN A 58 10.93 -4.86 2.60
CA ASN A 58 12.37 -4.97 2.82
C ASN A 58 13.03 -5.77 1.71
N ASP A 59 14.34 -5.95 1.81
CA ASP A 59 15.11 -6.68 0.80
C ASP A 59 14.54 -8.09 0.60
N HIS A 60 13.80 -8.58 1.59
CA HIS A 60 13.23 -9.92 1.51
C HIS A 60 11.86 -9.90 0.83
N GLY A 61 11.19 -8.75 0.89
CA GLY A 61 9.88 -8.62 0.29
C GLY A 61 8.78 -8.54 1.33
N VAL A 62 9.14 -8.16 2.54
CA VAL A 62 8.18 -8.03 3.63
C VAL A 62 7.77 -6.58 3.79
N VAL A 63 6.49 -6.33 4.03
CA VAL A 63 6.00 -4.96 4.19
C VAL A 63 6.47 -4.38 5.53
N THR A 64 7.35 -3.39 5.46
CA THR A 64 7.88 -2.76 6.67
C THR A 64 7.05 -1.54 7.07
N SER A 65 6.46 -0.87 6.09
CA SER A 65 5.65 0.31 6.36
C SER A 65 4.18 0.02 6.15
N VAL A 66 3.33 0.71 6.90
CA VAL A 66 1.88 0.54 6.81
C VAL A 66 1.35 0.96 5.44
N PRO A 67 1.05 0.01 4.55
CA PRO A 67 0.53 0.32 3.21
C PRO A 67 -0.78 1.10 3.30
N HIS A 68 -0.68 2.41 3.17
CA HIS A 68 -1.84 3.27 3.24
C HIS A 68 -1.97 4.13 1.99
N ILE A 69 -3.18 4.59 1.74
CA ILE A 69 -3.48 5.44 0.59
C ILE A 69 -2.51 6.62 0.54
N THR A 70 -1.68 6.65 -0.50
CA THR A 70 -0.69 7.72 -0.66
C THR A 70 -0.19 7.77 -2.10
N SER A 2 -9.42 15.21 6.07
CA SER A 2 -10.54 14.59 5.32
C SER A 2 -10.16 13.36 4.42
N ARG A 3 -11.07 12.36 4.31
CA ARG A 3 -10.72 11.01 3.88
C ARG A 3 -11.93 10.30 3.30
N ARG A 4 -12.34 10.70 2.11
CA ARG A 4 -13.48 10.09 1.43
C ARG A 4 -12.99 9.13 0.36
N CYS A 5 -12.50 7.98 0.79
CA CYS A 5 -11.99 6.98 -0.13
C CYS A 5 -12.88 5.74 -0.17
N PRO A 6 -13.30 5.32 -1.38
CA PRO A 6 -14.15 4.15 -1.53
C PRO A 6 -13.41 2.86 -1.18
N GLY A 7 -13.00 2.75 0.07
CA GLY A 7 -12.27 1.59 0.52
C GLY A 7 -11.18 1.97 1.51
N LYS A 8 -10.89 1.08 2.46
CA LYS A 8 -9.87 1.34 3.47
C LYS A 8 -8.73 2.19 2.92
N ASN A 9 -8.19 3.07 3.76
CA ASN A 9 -7.12 3.98 3.35
C ASN A 9 -5.79 3.67 4.05
N ALA A 10 -5.78 2.66 4.90
CA ALA A 10 -4.57 2.27 5.61
C ALA A 10 -4.68 0.83 6.06
N TRP A 11 -3.75 0.00 5.62
CA TRP A 11 -3.77 -1.40 5.97
C TRP A 11 -2.65 -1.75 6.94
N PRO A 12 -2.80 -1.37 8.22
CA PRO A 12 -1.81 -1.66 9.25
C PRO A 12 -1.60 -3.16 9.42
N GLU A 13 -2.68 -3.92 9.22
CA GLU A 13 -2.63 -5.37 9.34
C GLU A 13 -1.71 -5.98 8.29
N LEU A 14 -1.34 -5.19 7.28
CA LEU A 14 -0.46 -5.67 6.23
C LEU A 14 0.99 -5.63 6.68
N VAL A 15 1.28 -4.80 7.69
CA VAL A 15 2.63 -4.68 8.21
C VAL A 15 3.16 -6.03 8.67
N GLY A 16 4.22 -6.50 8.03
CA GLY A 16 4.79 -7.79 8.39
C GLY A 16 4.43 -8.87 7.38
N LYS A 17 3.45 -8.57 6.53
CA LYS A 17 3.01 -9.52 5.51
C LYS A 17 3.87 -9.38 4.25
N SER A 18 3.65 -10.25 3.28
CA SER A 18 4.40 -10.20 2.04
C SER A 18 3.90 -9.06 1.15
N GLY A 19 4.80 -8.42 0.44
CA GLY A 19 4.43 -7.32 -0.44
C GLY A 19 3.30 -7.72 -1.39
N ASN A 20 3.30 -9.00 -1.77
CA ASN A 20 2.28 -9.51 -2.69
C ASN A 20 0.92 -9.55 -2.01
N MET A 21 0.86 -10.19 -0.85
CA MET A 21 -0.40 -10.29 -0.11
C MET A 21 -0.88 -8.90 0.29
N ALA A 22 0.07 -7.99 0.49
CA ALA A 22 -0.25 -6.62 0.86
C ALA A 22 -0.98 -5.92 -0.28
N ALA A 23 -0.31 -5.83 -1.43
CA ALA A 23 -0.91 -5.19 -2.61
C ALA A 23 -2.24 -5.83 -2.95
N ALA A 24 -2.31 -7.16 -2.81
CA ALA A 24 -3.53 -7.89 -3.10
C ALA A 24 -4.63 -7.51 -2.13
N THR A 25 -4.29 -7.43 -0.85
CA THR A 25 -5.26 -7.07 0.18
C THR A 25 -5.86 -5.70 -0.09
N VAL A 26 -5.01 -4.75 -0.49
CA VAL A 26 -5.45 -3.41 -0.79
C VAL A 26 -6.37 -3.37 -2.00
N GLU A 27 -5.93 -3.97 -3.10
CA GLU A 27 -6.72 -4.00 -4.32
C GLU A 27 -8.01 -4.80 -4.15
N ARG A 28 -7.97 -5.78 -3.25
CA ARG A 28 -9.15 -6.63 -3.01
C ARG A 28 -10.12 -5.93 -2.05
N GLU A 29 -9.62 -5.54 -0.89
CA GLU A 29 -10.45 -4.87 0.10
C GLU A 29 -10.94 -3.53 -0.44
N ASN A 30 -10.09 -2.88 -1.23
CA ASN A 30 -10.42 -1.59 -1.82
C ASN A 30 -10.27 -1.64 -3.33
N ARG A 31 -11.27 -2.19 -4.00
CA ARG A 31 -11.28 -2.30 -5.46
C ARG A 31 -11.24 -0.93 -6.13
N ASN A 32 -11.32 0.14 -5.35
CA ASN A 32 -11.31 1.49 -5.91
C ASN A 32 -9.90 2.07 -5.93
N VAL A 33 -8.91 1.29 -5.49
CA VAL A 33 -7.54 1.75 -5.46
C VAL A 33 -6.56 0.69 -5.96
N HIS A 34 -5.31 1.09 -6.15
CA HIS A 34 -4.28 0.17 -6.63
C HIS A 34 -2.98 0.39 -5.85
N ALA A 35 -2.45 -0.70 -5.29
CA ALA A 35 -1.23 -0.62 -4.50
C ALA A 35 -0.01 -1.04 -5.31
N ILE A 36 1.06 -0.26 -5.17
CA ILE A 36 2.31 -0.53 -5.88
C ILE A 36 3.37 -1.06 -4.93
N VAL A 37 3.87 -2.26 -5.21
CA VAL A 37 4.87 -2.87 -4.36
C VAL A 37 6.26 -2.30 -4.66
N LEU A 38 6.94 -1.87 -3.61
CA LEU A 38 8.28 -1.30 -3.74
C LEU A 38 9.02 -1.39 -2.42
N LYS A 39 10.33 -1.61 -2.49
CA LYS A 39 11.15 -1.74 -1.29
C LYS A 39 11.72 -0.40 -0.85
N GLU A 40 12.09 -0.33 0.43
CA GLU A 40 12.65 0.88 1.02
C GLU A 40 13.73 1.48 0.11
N GLY A 41 13.52 2.73 -0.30
CA GLY A 41 14.47 3.39 -1.16
C GLY A 41 13.93 3.63 -2.56
N SER A 42 12.77 3.03 -2.86
CA SER A 42 12.16 3.20 -4.17
C SER A 42 11.69 4.64 -4.38
N ALA A 43 11.08 4.89 -5.52
CA ALA A 43 10.57 6.21 -5.84
C ALA A 43 9.13 6.32 -5.37
N MET A 44 8.94 6.99 -4.25
CA MET A 44 7.62 7.15 -3.67
C MET A 44 7.27 8.60 -3.47
N THR A 45 6.49 9.14 -4.39
CA THR A 45 6.07 10.52 -4.32
C THR A 45 5.30 10.76 -3.02
N LYS A 46 5.42 11.98 -2.50
CA LYS A 46 4.73 12.34 -1.27
C LYS A 46 3.29 12.73 -1.53
N ASP A 47 3.01 13.16 -2.76
CA ASP A 47 1.67 13.56 -3.15
C ASP A 47 0.64 12.52 -2.69
N PHE A 48 -0.61 12.94 -2.60
CA PHE A 48 -1.68 12.06 -2.15
C PHE A 48 -2.49 11.53 -3.33
N ARG A 49 -2.72 10.21 -3.33
CA ARG A 49 -3.48 9.57 -4.38
C ARG A 49 -4.25 8.38 -3.82
N CYS A 50 -5.56 8.53 -3.72
CA CYS A 50 -6.43 7.49 -3.18
C CYS A 50 -6.35 6.21 -4.01
N ASP A 51 -6.23 6.36 -5.33
CA ASP A 51 -6.13 5.21 -6.21
C ASP A 51 -4.72 4.62 -6.20
N ARG A 52 -3.84 5.18 -5.38
CA ARG A 52 -2.47 4.69 -5.31
C ARG A 52 -2.07 4.43 -3.86
N VAL A 53 -1.56 3.24 -3.62
CA VAL A 53 -1.11 2.86 -2.28
C VAL A 53 0.33 2.33 -2.34
N TRP A 54 1.23 3.00 -1.63
CA TRP A 54 2.64 2.60 -1.62
C TRP A 54 2.83 1.41 -0.69
N VAL A 55 3.51 0.37 -1.19
CA VAL A 55 3.77 -0.81 -0.40
C VAL A 55 5.26 -0.94 -0.13
N ILE A 56 5.70 -0.46 1.02
CA ILE A 56 7.12 -0.50 1.39
C ILE A 56 7.51 -1.87 1.92
N VAL A 57 8.45 -2.50 1.23
CA VAL A 57 8.93 -3.81 1.64
C VAL A 57 10.45 -3.81 1.82
N ASN A 58 10.95 -4.85 2.48
CA ASN A 58 12.38 -4.97 2.72
C ASN A 58 13.06 -5.72 1.58
N ASP A 59 14.33 -6.05 1.75
CA ASP A 59 15.09 -6.75 0.74
C ASP A 59 14.51 -8.14 0.46
N HIS A 60 13.70 -8.64 1.39
CA HIS A 60 13.09 -9.96 1.23
C HIS A 60 11.67 -9.88 0.66
N GLY A 61 11.20 -8.66 0.41
CA GLY A 61 9.87 -8.49 -0.14
C GLY A 61 8.79 -8.48 0.93
N VAL A 62 9.18 -8.15 2.15
CA VAL A 62 8.24 -8.11 3.28
C VAL A 62 7.81 -6.67 3.53
N VAL A 63 6.53 -6.47 3.78
CA VAL A 63 6.01 -5.12 4.04
C VAL A 63 6.45 -4.63 5.42
N THR A 64 7.35 -3.64 5.42
CA THR A 64 7.84 -3.07 6.66
C THR A 64 7.05 -1.84 7.06
N SER A 65 6.48 -1.16 6.07
CA SER A 65 5.69 0.04 6.33
C SER A 65 4.21 -0.23 6.14
N VAL A 66 3.38 0.60 6.77
CA VAL A 66 1.94 0.48 6.68
C VAL A 66 1.43 0.90 5.31
N PRO A 67 0.93 -0.05 4.50
CA PRO A 67 0.39 0.29 3.18
C PRO A 67 -0.88 1.11 3.31
N HIS A 68 -0.79 2.41 3.09
CA HIS A 68 -1.93 3.28 3.21
C HIS A 68 -2.07 4.20 1.99
N ILE A 69 -3.32 4.48 1.63
CA ILE A 69 -3.62 5.34 0.49
C ILE A 69 -2.68 6.55 0.45
N THR A 70 -1.83 6.58 -0.56
CA THR A 70 -0.87 7.66 -0.74
C THR A 70 -0.37 7.69 -2.18
N SER A 2 -11.40 14.42 -4.33
CA SER A 2 -10.20 14.98 -3.62
C SER A 2 -9.83 14.22 -2.31
N ARG A 3 -10.41 14.60 -1.16
CA ARG A 3 -10.34 13.86 0.10
C ARG A 3 -11.66 13.13 0.35
N ARG A 4 -12.08 12.37 -0.64
CA ARG A 4 -13.33 11.61 -0.56
C ARG A 4 -13.25 10.39 -1.47
N CYS A 5 -12.66 9.32 -0.97
CA CYS A 5 -12.52 8.10 -1.74
C CYS A 5 -13.01 6.88 -0.96
N PRO A 6 -13.63 5.92 -1.66
CA PRO A 6 -14.15 4.72 -1.02
C PRO A 6 -13.05 3.74 -0.64
N GLY A 7 -13.44 2.60 -0.09
CA GLY A 7 -12.47 1.59 0.29
C GLY A 7 -11.63 2.01 1.47
N LYS A 8 -10.87 1.05 2.00
CA LYS A 8 -9.99 1.29 3.14
C LYS A 8 -8.83 2.21 2.74
N ASN A 9 -8.32 2.99 3.69
CA ASN A 9 -7.25 3.94 3.40
C ASN A 9 -5.92 3.57 4.06
N ALA A 10 -5.92 2.57 4.92
CA ALA A 10 -4.68 2.15 5.59
C ALA A 10 -4.81 0.72 6.10
N TRP A 11 -3.90 -0.14 5.68
CA TRP A 11 -3.92 -1.53 6.10
C TRP A 11 -2.76 -1.83 7.06
N PRO A 12 -2.86 -1.38 8.32
CA PRO A 12 -1.81 -1.62 9.32
C PRO A 12 -1.52 -3.10 9.51
N GLU A 13 -2.56 -3.91 9.44
CA GLU A 13 -2.43 -5.36 9.60
C GLU A 13 -1.59 -5.99 8.49
N LEU A 14 -1.22 -5.19 7.49
CA LEU A 14 -0.40 -5.70 6.39
C LEU A 14 1.08 -5.64 6.75
N VAL A 15 1.43 -4.78 7.71
CA VAL A 15 2.82 -4.65 8.13
C VAL A 15 3.39 -6.00 8.58
N GLY A 16 4.34 -6.50 7.82
CA GLY A 16 4.94 -7.78 8.15
C GLY A 16 4.60 -8.85 7.13
N LYS A 17 3.66 -8.54 6.24
CA LYS A 17 3.25 -9.48 5.20
C LYS A 17 3.94 -9.19 3.88
N SER A 18 4.02 -10.19 3.03
CA SER A 18 4.67 -10.05 1.72
C SER A 18 4.04 -8.91 0.92
N GLY A 19 4.88 -8.17 0.21
CA GLY A 19 4.39 -7.07 -0.61
C GLY A 19 3.28 -7.50 -1.56
N ASN A 20 3.32 -8.76 -1.98
CA ASN A 20 2.31 -9.28 -2.89
C ASN A 20 0.98 -9.47 -2.17
N MET A 21 1.04 -10.05 -0.98
CA MET A 21 -0.16 -10.27 -0.19
C MET A 21 -0.76 -8.93 0.22
N ALA A 22 0.11 -7.98 0.56
CA ALA A 22 -0.33 -6.65 0.94
C ALA A 22 -1.07 -6.00 -0.21
N ALA A 23 -0.39 -5.86 -1.35
CA ALA A 23 -1.00 -5.27 -2.54
C ALA A 23 -2.31 -5.96 -2.86
N ALA A 24 -2.33 -7.28 -2.68
CA ALA A 24 -3.51 -8.06 -2.95
C ALA A 24 -4.64 -7.64 -2.01
N THR A 25 -4.30 -7.52 -0.73
CA THR A 25 -5.28 -7.12 0.28
C THR A 25 -5.85 -5.74 -0.04
N VAL A 26 -5.00 -4.82 -0.46
CA VAL A 26 -5.42 -3.47 -0.81
C VAL A 26 -6.33 -3.48 -2.03
N GLU A 27 -5.88 -4.13 -3.09
CA GLU A 27 -6.66 -4.19 -4.33
C GLU A 27 -7.94 -5.00 -4.14
N ARG A 28 -7.93 -5.97 -3.22
CA ARG A 28 -9.10 -6.80 -2.97
C ARG A 28 -10.08 -6.11 -2.03
N GLU A 29 -9.58 -5.65 -0.88
CA GLU A 29 -10.43 -4.96 0.09
C GLU A 29 -10.90 -3.62 -0.47
N ASN A 30 -10.06 -3.02 -1.30
CA ASN A 30 -10.38 -1.73 -1.91
C ASN A 30 -10.25 -1.81 -3.43
N ARG A 31 -11.25 -2.42 -4.06
CA ARG A 31 -11.26 -2.57 -5.51
C ARG A 31 -11.32 -1.23 -6.23
N ASN A 32 -11.32 -0.13 -5.48
CA ASN A 32 -11.38 1.19 -6.08
C ASN A 32 -9.99 1.79 -6.26
N VAL A 33 -8.99 1.20 -5.60
CA VAL A 33 -7.63 1.70 -5.66
C VAL A 33 -6.62 0.58 -5.90
N HIS A 34 -5.38 0.95 -6.21
CA HIS A 34 -4.33 -0.04 -6.46
C HIS A 34 -3.07 0.27 -5.64
N ALA A 35 -2.45 -0.79 -5.13
CA ALA A 35 -1.25 -0.64 -4.32
C ALA A 35 -0.01 -1.05 -5.09
N ILE A 36 1.03 -0.22 -5.00
CA ILE A 36 2.29 -0.49 -5.68
C ILE A 36 3.34 -1.03 -4.72
N VAL A 37 3.77 -2.26 -4.97
CA VAL A 37 4.76 -2.89 -4.11
C VAL A 37 6.18 -2.48 -4.53
N LEU A 38 6.88 -1.84 -3.60
CA LEU A 38 8.23 -1.38 -3.85
C LEU A 38 9.08 -1.53 -2.59
N LYS A 39 10.39 -1.62 -2.75
CA LYS A 39 11.28 -1.78 -1.60
C LYS A 39 11.76 -0.44 -1.04
N GLU A 40 12.23 -0.47 0.20
CA GLU A 40 12.73 0.72 0.87
C GLU A 40 13.77 1.43 0.01
N GLY A 41 13.44 2.65 -0.41
CA GLY A 41 14.35 3.42 -1.24
C GLY A 41 13.78 3.68 -2.62
N SER A 42 12.63 3.08 -2.92
CA SER A 42 11.99 3.27 -4.22
C SER A 42 11.56 4.72 -4.40
N ALA A 43 10.98 5.01 -5.56
CA ALA A 43 10.52 6.36 -5.87
C ALA A 43 9.06 6.53 -5.42
N MET A 44 8.86 6.93 -4.17
CA MET A 44 7.53 7.11 -3.64
C MET A 44 7.25 8.57 -3.39
N THR A 45 6.46 9.18 -4.26
CA THR A 45 6.12 10.57 -4.12
C THR A 45 5.26 10.77 -2.88
N LYS A 46 5.32 11.98 -2.32
CA LYS A 46 4.57 12.31 -1.12
C LYS A 46 3.11 12.63 -1.45
N ASP A 47 2.88 13.07 -2.68
CA ASP A 47 1.53 13.41 -3.13
C ASP A 47 0.50 12.38 -2.69
N PHE A 48 -0.67 12.86 -2.27
CA PHE A 48 -1.74 11.98 -1.82
C PHE A 48 -2.58 11.48 -3.00
N ARG A 49 -2.75 10.16 -3.06
CA ARG A 49 -3.53 9.54 -4.13
C ARG A 49 -4.27 8.31 -3.61
N CYS A 50 -5.59 8.39 -3.56
CA CYS A 50 -6.41 7.28 -3.08
C CYS A 50 -6.19 6.03 -3.92
N ASP A 51 -6.04 6.21 -5.22
CA ASP A 51 -5.86 5.07 -6.12
C ASP A 51 -4.43 4.55 -6.07
N ARG A 52 -3.57 5.16 -5.26
CA ARG A 52 -2.19 4.71 -5.17
C ARG A 52 -1.77 4.49 -3.72
N VAL A 53 -1.66 3.23 -3.35
CA VAL A 53 -1.23 2.86 -2.01
C VAL A 53 0.20 2.35 -2.07
N TRP A 54 1.10 3.00 -1.35
CA TRP A 54 2.51 2.60 -1.35
C TRP A 54 2.73 1.38 -0.47
N VAL A 55 3.45 0.39 -1.01
CA VAL A 55 3.73 -0.82 -0.27
C VAL A 55 5.24 -1.04 -0.19
N ILE A 56 5.86 -0.46 0.84
CA ILE A 56 7.30 -0.57 1.03
C ILE A 56 7.68 -1.89 1.66
N VAL A 57 8.57 -2.61 0.98
CA VAL A 57 9.04 -3.89 1.45
C VAL A 57 10.56 -3.89 1.64
N ASN A 58 11.05 -4.86 2.39
CA ASN A 58 12.48 -4.97 2.64
C ASN A 58 13.15 -5.88 1.62
N ASP A 59 14.41 -6.20 1.87
CA ASP A 59 15.18 -7.05 0.96
C ASP A 59 14.47 -8.38 0.70
N HIS A 60 13.59 -8.77 1.62
CA HIS A 60 12.87 -10.04 1.49
C HIS A 60 11.45 -9.82 0.98
N GLY A 61 11.20 -8.71 0.31
CA GLY A 61 9.87 -8.43 -0.22
C GLY A 61 8.82 -8.40 0.88
N VAL A 62 9.24 -8.12 2.11
CA VAL A 62 8.31 -8.05 3.23
C VAL A 62 7.88 -6.61 3.45
N VAL A 63 6.60 -6.41 3.73
CA VAL A 63 6.08 -5.06 3.94
C VAL A 63 6.47 -4.53 5.32
N THR A 64 7.33 -3.52 5.32
CA THR A 64 7.80 -2.92 6.57
C THR A 64 6.94 -1.72 6.95
N SER A 65 6.46 -0.99 5.95
CA SER A 65 5.63 0.18 6.20
C SER A 65 4.14 -0.12 6.04
N VAL A 66 3.33 0.63 6.76
CA VAL A 66 1.88 0.46 6.72
C VAL A 66 1.31 0.86 5.36
N PRO A 67 0.93 -0.11 4.51
CA PRO A 67 0.35 0.18 3.21
C PRO A 67 -0.94 0.99 3.35
N HIS A 68 -0.82 2.30 3.15
CA HIS A 68 -1.96 3.20 3.25
C HIS A 68 -2.05 4.10 2.03
N ILE A 69 -3.28 4.50 1.70
CA ILE A 69 -3.54 5.37 0.57
C ILE A 69 -2.57 6.56 0.57
N THR A 70 -1.69 6.58 -0.42
CA THR A 70 -0.70 7.65 -0.55
C THR A 70 -0.15 7.72 -1.96
N SER A 2 -15.01 17.24 -0.36
CA SER A 2 -13.51 17.33 -0.23
C SER A 2 -12.71 16.00 -0.42
N ARG A 3 -12.69 15.03 0.51
CA ARG A 3 -11.67 13.99 0.55
C ARG A 3 -12.19 12.74 1.25
N ARG A 4 -13.07 12.00 0.57
CA ARG A 4 -13.64 10.78 1.13
C ARG A 4 -13.69 9.68 0.06
N CYS A 5 -12.56 9.00 -0.14
CA CYS A 5 -12.49 7.93 -1.13
C CYS A 5 -12.96 6.61 -0.53
N PRO A 6 -13.64 5.78 -1.34
CA PRO A 6 -14.15 4.49 -0.88
C PRO A 6 -13.03 3.53 -0.48
N GLY A 7 -13.41 2.30 -0.11
CA GLY A 7 -12.44 1.31 0.28
C GLY A 7 -11.59 1.73 1.46
N LYS A 8 -10.84 0.78 2.01
CA LYS A 8 -9.97 1.05 3.15
C LYS A 8 -8.85 2.00 2.74
N ASN A 9 -8.36 2.78 3.69
CA ASN A 9 -7.30 3.77 3.42
C ASN A 9 -5.97 3.39 4.06
N ALA A 10 -5.98 2.46 4.99
CA ALA A 10 -4.76 2.03 5.65
C ALA A 10 -4.87 0.57 6.05
N TRP A 11 -3.85 -0.20 5.71
CA TRP A 11 -3.83 -1.62 6.02
C TRP A 11 -2.69 -1.95 6.98
N PRO A 12 -2.76 -1.45 8.23
CA PRO A 12 -1.73 -1.71 9.23
C PRO A 12 -1.48 -3.20 9.44
N GLU A 13 -2.55 -3.98 9.32
CA GLU A 13 -2.45 -5.42 9.48
C GLU A 13 -1.57 -6.06 8.41
N LEU A 14 -1.21 -5.28 7.39
CA LEU A 14 -0.37 -5.79 6.32
C LEU A 14 1.10 -5.74 6.72
N VAL A 15 1.42 -4.87 7.69
CA VAL A 15 2.80 -4.74 8.17
C VAL A 15 3.34 -6.09 8.64
N GLY A 16 4.41 -6.55 7.99
CA GLY A 16 5.00 -7.82 8.36
C GLY A 16 4.69 -8.92 7.36
N LYS A 17 3.80 -8.63 6.41
CA LYS A 17 3.42 -9.60 5.40
C LYS A 17 4.21 -9.37 4.12
N SER A 18 3.90 -10.13 3.07
CA SER A 18 4.60 -9.98 1.79
C SER A 18 4.00 -8.86 0.97
N GLY A 19 4.84 -8.12 0.27
CA GLY A 19 4.36 -7.03 -0.56
C GLY A 19 3.27 -7.48 -1.51
N ASN A 20 3.35 -8.73 -1.95
CA ASN A 20 2.35 -9.28 -2.86
C ASN A 20 1.01 -9.41 -2.16
N MET A 21 1.04 -9.99 -0.96
CA MET A 21 -0.17 -10.16 -0.18
C MET A 21 -0.74 -8.80 0.19
N ALA A 22 0.15 -7.84 0.42
CA ALA A 22 -0.25 -6.49 0.76
C ALA A 22 -1.02 -5.86 -0.38
N ALA A 23 -0.37 -5.74 -1.54
CA ALA A 23 -1.00 -5.16 -2.71
C ALA A 23 -2.31 -5.87 -3.04
N ALA A 24 -2.30 -7.19 -2.89
CA ALA A 24 -3.49 -7.98 -3.16
C ALA A 24 -4.62 -7.58 -2.21
N THR A 25 -4.28 -7.43 -0.93
CA THR A 25 -5.26 -7.04 0.07
C THR A 25 -5.85 -5.68 -0.23
N VAL A 26 -5.01 -4.75 -0.65
CA VAL A 26 -5.46 -3.40 -0.99
C VAL A 26 -6.42 -3.42 -2.18
N GLU A 27 -6.03 -4.12 -3.23
CA GLU A 27 -6.85 -4.21 -4.43
C GLU A 27 -8.11 -5.03 -4.19
N ARG A 28 -8.02 -6.01 -3.29
CA ARG A 28 -9.18 -6.86 -2.99
C ARG A 28 -10.16 -6.15 -2.06
N GLU A 29 -9.66 -5.60 -0.96
CA GLU A 29 -10.50 -4.89 -0.02
C GLU A 29 -10.96 -3.56 -0.61
N ASN A 30 -10.08 -2.92 -1.35
CA ASN A 30 -10.40 -1.64 -1.97
C ASN A 30 -10.27 -1.73 -3.49
N ARG A 31 -11.29 -2.32 -4.12
CA ARG A 31 -11.31 -2.46 -5.57
C ARG A 31 -11.38 -1.11 -6.28
N ASN A 32 -11.41 -0.02 -5.52
CA ASN A 32 -11.48 1.31 -6.10
C ASN A 32 -10.09 1.92 -6.24
N VAL A 33 -9.09 1.28 -5.64
CA VAL A 33 -7.72 1.78 -5.70
C VAL A 33 -6.73 0.66 -5.92
N HIS A 34 -5.48 1.01 -6.23
CA HIS A 34 -4.45 0.00 -6.47
C HIS A 34 -3.19 0.26 -5.63
N ALA A 35 -2.57 -0.83 -5.19
CA ALA A 35 -1.37 -0.75 -4.39
C ALA A 35 -0.15 -1.24 -5.17
N ILE A 36 0.91 -0.45 -5.15
CA ILE A 36 2.14 -0.78 -5.86
C ILE A 36 3.20 -1.31 -4.90
N VAL A 37 3.75 -2.48 -5.20
CA VAL A 37 4.77 -3.08 -4.35
C VAL A 37 6.15 -2.53 -4.68
N LEU A 38 6.78 -1.94 -3.68
CA LEU A 38 8.11 -1.36 -3.83
C LEU A 38 8.92 -1.50 -2.55
N LYS A 39 10.25 -1.49 -2.67
CA LYS A 39 11.11 -1.63 -1.52
C LYS A 39 11.46 -0.28 -0.87
N GLU A 40 11.93 -0.33 0.38
CA GLU A 40 12.31 0.87 1.12
C GLU A 40 13.29 1.72 0.33
N GLY A 41 12.94 2.98 0.13
CA GLY A 41 13.81 3.88 -0.61
C GLY A 41 13.41 4.02 -2.06
N SER A 42 12.40 3.28 -2.48
CA SER A 42 11.94 3.34 -3.86
C SER A 42 11.54 4.75 -4.26
N ALA A 43 11.99 5.18 -5.43
CA ALA A 43 11.70 6.51 -5.93
C ALA A 43 10.19 6.70 -6.13
N MET A 44 9.48 6.99 -5.06
CA MET A 44 8.05 7.17 -5.11
C MET A 44 7.65 8.53 -4.55
N THR A 45 6.85 9.26 -5.30
CA THR A 45 6.40 10.58 -4.86
C THR A 45 5.70 10.50 -3.52
N LYS A 46 5.74 11.60 -2.76
CA LYS A 46 5.12 11.67 -1.46
C LYS A 46 3.66 12.09 -1.57
N ASP A 47 3.35 12.78 -2.67
CA ASP A 47 1.99 13.26 -2.92
C ASP A 47 0.94 12.25 -2.46
N PHE A 48 -0.24 12.76 -2.12
CA PHE A 48 -1.33 11.91 -1.65
C PHE A 48 -2.24 11.50 -2.81
N ARG A 49 -2.56 10.21 -2.87
CA ARG A 49 -3.43 9.69 -3.91
C ARG A 49 -4.22 8.49 -3.39
N CYS A 50 -5.52 8.68 -3.24
CA CYS A 50 -6.39 7.62 -2.73
C CYS A 50 -6.35 6.39 -3.62
N ASP A 51 -6.24 6.60 -4.92
CA ASP A 51 -6.21 5.49 -5.86
C ASP A 51 -4.85 4.81 -5.90
N ARG A 52 -3.91 5.31 -5.09
CA ARG A 52 -2.57 4.73 -5.06
C ARG A 52 -2.14 4.42 -3.63
N VAL A 53 -1.67 3.20 -3.43
CA VAL A 53 -1.19 2.76 -2.12
C VAL A 53 0.22 2.21 -2.23
N TRP A 54 1.18 2.84 -1.55
CA TRP A 54 2.57 2.38 -1.60
C TRP A 54 2.76 1.18 -0.70
N VAL A 55 3.41 0.15 -1.24
CA VAL A 55 3.68 -1.05 -0.49
C VAL A 55 5.18 -1.19 -0.30
N ILE A 56 5.71 -0.52 0.72
CA ILE A 56 7.13 -0.54 0.99
C ILE A 56 7.54 -1.81 1.73
N VAL A 57 8.46 -2.54 1.13
CA VAL A 57 8.93 -3.79 1.69
C VAL A 57 10.46 -3.80 1.81
N ASN A 58 10.97 -4.74 2.58
CA ASN A 58 12.42 -4.86 2.77
C ASN A 58 13.04 -5.66 1.63
N ASP A 59 14.34 -5.92 1.74
CA ASP A 59 15.06 -6.68 0.71
C ASP A 59 14.46 -8.07 0.53
N HIS A 60 13.72 -8.53 1.53
CA HIS A 60 13.09 -9.85 1.47
C HIS A 60 11.71 -9.79 0.83
N GLY A 61 11.12 -8.60 0.80
CA GLY A 61 9.80 -8.44 0.21
C GLY A 61 8.72 -8.35 1.28
N VAL A 62 9.12 -8.01 2.49
CA VAL A 62 8.20 -7.88 3.61
C VAL A 62 7.79 -6.43 3.77
N VAL A 63 6.49 -6.19 3.93
CA VAL A 63 5.99 -4.85 4.09
C VAL A 63 6.41 -4.28 5.44
N THR A 64 7.30 -3.30 5.41
CA THR A 64 7.79 -2.69 6.63
C THR A 64 6.93 -1.49 7.04
N SER A 65 6.36 -0.82 6.04
CA SER A 65 5.52 0.34 6.29
C SER A 65 4.04 -0.01 6.12
N VAL A 66 3.19 0.66 6.89
CA VAL A 66 1.75 0.43 6.85
C VAL A 66 1.17 0.80 5.49
N PRO A 67 0.80 -0.20 4.65
CA PRO A 67 0.21 0.07 3.35
C PRO A 67 -1.03 0.93 3.46
N HIS A 68 -0.87 2.23 3.24
CA HIS A 68 -1.97 3.16 3.30
C HIS A 68 -2.07 3.95 2.02
N ILE A 69 -3.19 4.62 1.86
CA ILE A 69 -3.45 5.43 0.68
C ILE A 69 -2.45 6.59 0.60
N THR A 70 -1.51 6.47 -0.33
CA THR A 70 -0.48 7.49 -0.51
C THR A 70 -0.06 7.58 -1.98
N SER A 2 -15.69 17.32 2.51
CA SER A 2 -15.94 15.84 2.48
C SER A 2 -14.71 15.00 2.00
N ARG A 3 -14.28 14.01 2.81
CA ARG A 3 -12.95 13.42 2.71
C ARG A 3 -12.99 11.95 3.11
N ARG A 4 -13.67 11.14 2.31
CA ARG A 4 -13.78 9.72 2.55
C ARG A 4 -13.83 8.94 1.24
N CYS A 5 -12.66 8.58 0.73
CA CYS A 5 -12.57 7.83 -0.51
C CYS A 5 -13.10 6.42 -0.34
N PRO A 6 -13.66 5.84 -1.41
CA PRO A 6 -14.21 4.49 -1.35
C PRO A 6 -13.11 3.47 -1.09
N GLY A 7 -13.32 2.62 -0.10
CA GLY A 7 -12.33 1.61 0.23
C GLY A 7 -11.47 2.01 1.42
N LYS A 8 -10.83 1.01 2.02
CA LYS A 8 -9.96 1.26 3.16
C LYS A 8 -8.83 2.22 2.80
N ASN A 9 -8.44 3.07 3.75
CA ASN A 9 -7.40 4.07 3.52
C ASN A 9 -6.03 3.67 4.09
N ALA A 10 -6.01 2.68 4.97
CA ALA A 10 -4.77 2.24 5.58
C ALA A 10 -4.87 0.79 6.03
N TRP A 11 -3.87 -0.01 5.68
CA TRP A 11 -3.86 -1.42 6.05
C TRP A 11 -2.74 -1.73 7.04
N PRO A 12 -2.91 -1.33 8.32
CA PRO A 12 -1.89 -1.57 9.35
C PRO A 12 -1.54 -3.05 9.48
N GLU A 13 -2.56 -3.90 9.42
CA GLU A 13 -2.36 -5.35 9.53
C GLU A 13 -1.50 -5.91 8.40
N LEU A 14 -1.16 -5.09 7.41
CA LEU A 14 -0.33 -5.57 6.31
C LEU A 14 1.15 -5.52 6.67
N VAL A 15 1.50 -4.70 7.67
CA VAL A 15 2.88 -4.58 8.11
C VAL A 15 3.43 -5.94 8.53
N GLY A 16 4.44 -6.42 7.81
CA GLY A 16 5.02 -7.71 8.14
C GLY A 16 4.65 -8.79 7.12
N LYS A 17 3.68 -8.48 6.27
CA LYS A 17 3.24 -9.43 5.25
C LYS A 17 3.97 -9.18 3.93
N SER A 18 3.98 -10.17 3.05
CA SER A 18 4.65 -10.04 1.76
C SER A 18 4.03 -8.93 0.93
N GLY A 19 4.87 -8.19 0.21
CA GLY A 19 4.37 -7.11 -0.63
C GLY A 19 3.31 -7.57 -1.60
N ASN A 20 3.39 -8.84 -2.01
CA ASN A 20 2.41 -9.39 -2.95
C ASN A 20 1.06 -9.58 -2.27
N MET A 21 1.07 -10.22 -1.10
CA MET A 21 -0.15 -10.46 -0.35
C MET A 21 -0.77 -9.14 0.07
N ALA A 22 0.08 -8.21 0.50
CA ALA A 22 -0.38 -6.90 0.91
C ALA A 22 -1.08 -6.20 -0.25
N ALA A 23 -0.38 -6.10 -1.38
CA ALA A 23 -0.96 -5.48 -2.57
C ALA A 23 -2.30 -6.10 -2.90
N ALA A 24 -2.37 -7.42 -2.84
CA ALA A 24 -3.62 -8.12 -3.14
C ALA A 24 -4.72 -7.70 -2.17
N THR A 25 -4.37 -7.62 -0.89
CA THR A 25 -5.32 -7.22 0.13
C THR A 25 -5.87 -5.82 -0.15
N VAL A 26 -4.98 -4.91 -0.53
CA VAL A 26 -5.37 -3.54 -0.82
C VAL A 26 -6.26 -3.45 -2.05
N GLU A 27 -5.81 -4.04 -3.15
CA GLU A 27 -6.57 -4.02 -4.40
C GLU A 27 -7.86 -4.83 -4.27
N ARG A 28 -7.87 -5.79 -3.34
CA ARG A 28 -9.06 -6.63 -3.14
C ARG A 28 -10.04 -5.94 -2.20
N GLU A 29 -9.58 -5.59 -1.00
CA GLU A 29 -10.43 -4.92 -0.02
C GLU A 29 -10.88 -3.56 -0.56
N ASN A 30 -10.02 -2.95 -1.35
CA ASN A 30 -10.32 -1.64 -1.93
C ASN A 30 -10.18 -1.69 -3.45
N ARG A 31 -11.21 -2.20 -4.11
CA ARG A 31 -11.22 -2.31 -5.57
C ARG A 31 -11.14 -0.94 -6.25
N ASN A 32 -11.16 0.14 -5.47
CA ASN A 32 -11.10 1.48 -6.04
C ASN A 32 -9.68 2.05 -5.97
N VAL A 33 -8.72 1.23 -5.53
CA VAL A 33 -7.34 1.69 -5.44
C VAL A 33 -6.37 0.61 -5.92
N HIS A 34 -5.11 1.01 -6.15
CA HIS A 34 -4.09 0.08 -6.60
C HIS A 34 -2.86 0.17 -5.71
N ALA A 35 -2.35 -0.99 -5.30
CA ALA A 35 -1.19 -1.05 -4.43
C ALA A 35 0.08 -1.30 -5.23
N ILE A 36 1.08 -0.45 -5.02
CA ILE A 36 2.34 -0.57 -5.72
C ILE A 36 3.41 -1.12 -4.78
N VAL A 37 3.80 -2.37 -5.00
CA VAL A 37 4.80 -3.00 -4.17
C VAL A 37 6.20 -2.53 -4.55
N LEU A 38 6.88 -1.96 -3.57
CA LEU A 38 8.22 -1.43 -3.78
C LEU A 38 9.05 -1.59 -2.51
N LYS A 39 10.37 -1.65 -2.66
CA LYS A 39 11.24 -1.81 -1.50
C LYS A 39 11.66 -0.48 -0.88
N GLU A 40 12.21 -0.56 0.33
CA GLU A 40 12.66 0.62 1.06
C GLU A 40 13.57 1.50 0.20
N GLY A 41 13.17 2.75 0.03
CA GLY A 41 13.95 3.68 -0.76
C GLY A 41 13.51 3.75 -2.21
N SER A 42 12.43 3.05 -2.53
CA SER A 42 11.91 3.04 -3.89
C SER A 42 11.41 4.43 -4.29
N ALA A 43 10.81 4.52 -5.47
CA ALA A 43 10.28 5.78 -5.99
C ALA A 43 8.84 5.97 -5.54
N MET A 44 8.65 6.55 -4.36
CA MET A 44 7.32 6.79 -3.83
C MET A 44 7.12 8.26 -3.57
N THR A 45 6.33 8.89 -4.44
CA THR A 45 6.06 10.31 -4.30
C THR A 45 5.30 10.56 -3.01
N LYS A 46 5.48 11.75 -2.45
CA LYS A 46 4.81 12.12 -1.20
C LYS A 46 3.38 12.54 -1.47
N ASP A 47 3.12 12.97 -2.70
CA ASP A 47 1.78 13.40 -3.09
C ASP A 47 0.73 12.41 -2.61
N PHE A 48 -0.50 12.90 -2.43
CA PHE A 48 -1.59 12.06 -1.96
C PHE A 48 -2.47 11.59 -3.12
N ARG A 49 -2.83 10.30 -3.09
CA ARG A 49 -3.66 9.70 -4.13
C ARG A 49 -4.44 8.52 -3.57
N CYS A 50 -5.75 8.68 -3.44
CA CYS A 50 -6.62 7.64 -2.91
C CYS A 50 -6.54 6.35 -3.73
N ASP A 51 -6.45 6.49 -5.05
CA ASP A 51 -6.37 5.32 -5.91
C ASP A 51 -4.97 4.73 -5.93
N ARG A 52 -4.08 5.28 -5.10
CA ARG A 52 -2.70 4.81 -5.04
C ARG A 52 -2.31 4.47 -3.60
N VAL A 53 -1.72 3.30 -3.43
CA VAL A 53 -1.26 2.85 -2.11
C VAL A 53 0.15 2.27 -2.22
N TRP A 54 1.10 2.90 -1.54
CA TRP A 54 2.48 2.45 -1.57
C TRP A 54 2.68 1.26 -0.65
N VAL A 55 3.47 0.29 -1.10
CA VAL A 55 3.74 -0.90 -0.31
C VAL A 55 5.25 -1.12 -0.21
N ILE A 56 5.85 -0.50 0.79
CA ILE A 56 7.30 -0.62 1.01
C ILE A 56 7.66 -1.92 1.69
N VAL A 57 8.61 -2.64 1.10
CA VAL A 57 9.06 -3.91 1.64
C VAL A 57 10.57 -3.93 1.83
N ASN A 58 11.06 -4.89 2.60
CA ASN A 58 12.49 -5.01 2.85
C ASN A 58 13.16 -5.81 1.75
N ASP A 59 14.43 -6.14 1.95
CA ASP A 59 15.21 -6.89 0.97
C ASP A 59 14.64 -8.30 0.75
N HIS A 60 13.68 -8.70 1.58
CA HIS A 60 13.07 -10.02 1.46
C HIS A 60 11.67 -9.95 0.86
N GLY A 61 11.16 -8.73 0.64
CA GLY A 61 9.83 -8.58 0.08
C GLY A 61 8.76 -8.49 1.15
N VAL A 62 9.16 -8.14 2.37
CA VAL A 62 8.25 -8.00 3.48
C VAL A 62 7.86 -6.53 3.66
N VAL A 63 6.57 -6.26 3.81
CA VAL A 63 6.10 -4.89 3.98
C VAL A 63 6.58 -4.32 5.30
N THR A 64 7.50 -3.37 5.22
CA THR A 64 8.06 -2.73 6.40
C THR A 64 7.21 -1.55 6.84
N SER A 65 6.67 -0.83 5.86
CA SER A 65 5.85 0.34 6.15
C SER A 65 4.37 0.06 5.93
N VAL A 66 3.53 0.82 6.60
CA VAL A 66 2.09 0.68 6.48
C VAL A 66 1.60 1.05 5.08
N PRO A 67 0.82 0.17 4.43
CA PRO A 67 0.28 0.43 3.11
C PRO A 67 -1.03 1.19 3.22
N HIS A 68 -0.96 2.51 3.09
CA HIS A 68 -2.14 3.35 3.18
C HIS A 68 -2.23 4.29 1.98
N ILE A 69 -3.46 4.69 1.67
CA ILE A 69 -3.73 5.59 0.56
C ILE A 69 -2.74 6.76 0.55
N THR A 70 -1.79 6.68 -0.37
CA THR A 70 -0.77 7.71 -0.51
C THR A 70 -0.30 7.81 -1.96
N SER A 2 -8.51 17.05 1.99
CA SER A 2 -9.35 16.06 1.26
C SER A 2 -9.19 14.58 1.75
N ARG A 3 -10.29 13.95 2.19
CA ARG A 3 -10.24 12.73 2.99
C ARG A 3 -11.55 11.97 2.89
N ARG A 4 -11.77 11.30 1.76
CA ARG A 4 -12.97 10.53 1.54
C ARG A 4 -12.90 9.75 0.22
N CYS A 5 -12.48 8.49 0.30
CA CYS A 5 -12.36 7.66 -0.87
C CYS A 5 -12.87 6.26 -0.59
N PRO A 6 -13.46 5.60 -1.60
CA PRO A 6 -14.00 4.25 -1.45
C PRO A 6 -12.96 3.29 -0.89
N GLY A 7 -13.43 2.22 -0.26
CA GLY A 7 -12.51 1.23 0.30
C GLY A 7 -11.74 1.77 1.49
N LYS A 8 -10.74 1.02 1.90
CA LYS A 8 -9.92 1.38 3.05
C LYS A 8 -8.74 2.26 2.59
N ASN A 9 -8.21 3.07 3.51
CA ASN A 9 -7.11 3.99 3.19
C ASN A 9 -5.81 3.64 3.93
N ALA A 10 -5.86 2.64 4.78
CA ALA A 10 -4.68 2.22 5.54
C ALA A 10 -4.82 0.78 5.99
N TRP A 11 -3.79 -0.02 5.73
CA TRP A 11 -3.81 -1.42 6.10
C TRP A 11 -2.68 -1.76 7.08
N PRO A 12 -2.83 -1.35 8.35
CA PRO A 12 -1.83 -1.63 9.39
C PRO A 12 -1.53 -3.12 9.51
N GLU A 13 -2.58 -3.93 9.39
CA GLU A 13 -2.45 -5.38 9.50
C GLU A 13 -1.56 -5.96 8.40
N LEU A 14 -1.21 -5.14 7.41
CA LEU A 14 -0.35 -5.61 6.33
C LEU A 14 1.12 -5.54 6.72
N VAL A 15 1.43 -4.67 7.68
CA VAL A 15 2.81 -4.52 8.14
C VAL A 15 3.35 -5.84 8.66
N GLY A 16 4.32 -6.41 7.93
CA GLY A 16 4.88 -7.68 8.34
C GLY A 16 4.51 -8.80 7.38
N LYS A 17 3.61 -8.51 6.44
CA LYS A 17 3.18 -9.50 5.47
C LYS A 17 3.91 -9.30 4.15
N SER A 18 3.83 -10.29 3.26
CA SER A 18 4.51 -10.22 1.97
C SER A 18 3.95 -9.09 1.13
N GLY A 19 4.83 -8.43 0.38
CA GLY A 19 4.40 -7.33 -0.46
C GLY A 19 3.27 -7.74 -1.39
N ASN A 20 3.28 -9.01 -1.79
CA ASN A 20 2.24 -9.53 -2.68
C ASN A 20 0.91 -9.60 -1.94
N MET A 21 0.96 -10.04 -0.69
CA MET A 21 -0.23 -10.15 0.13
C MET A 21 -0.79 -8.76 0.40
N ALA A 22 0.11 -7.80 0.56
CA ALA A 22 -0.30 -6.42 0.80
C ALA A 22 -1.05 -5.87 -0.39
N ALA A 23 -0.39 -5.85 -1.55
CA ALA A 23 -1.01 -5.36 -2.77
C ALA A 23 -2.38 -6.02 -2.98
N ALA A 24 -2.40 -7.35 -2.87
CA ALA A 24 -3.65 -8.09 -3.06
C ALA A 24 -4.71 -7.62 -2.06
N THR A 25 -4.29 -7.44 -0.81
CA THR A 25 -5.20 -6.99 0.24
C THR A 25 -5.78 -5.63 -0.10
N VAL A 26 -4.94 -4.73 -0.59
CA VAL A 26 -5.38 -3.39 -0.96
C VAL A 26 -6.31 -3.42 -2.17
N GLU A 27 -5.87 -4.07 -3.23
CA GLU A 27 -6.67 -4.15 -4.45
C GLU A 27 -7.96 -4.94 -4.20
N ARG A 28 -7.90 -5.88 -3.27
CA ARG A 28 -9.06 -6.71 -2.95
C ARG A 28 -10.02 -5.97 -2.01
N GLU A 29 -9.51 -5.56 -0.84
CA GLU A 29 -10.33 -4.84 0.12
C GLU A 29 -10.82 -3.52 -0.46
N ASN A 30 -10.01 -2.94 -1.35
CA ASN A 30 -10.37 -1.68 -1.98
C ASN A 30 -10.29 -1.77 -3.50
N ARG A 31 -11.33 -2.36 -4.10
CA ARG A 31 -11.40 -2.52 -5.55
C ARG A 31 -11.49 -1.17 -6.26
N ASN A 32 -11.44 -0.06 -5.50
CA ASN A 32 -11.52 1.26 -6.07
C ASN A 32 -10.14 1.89 -6.23
N VAL A 33 -9.11 1.20 -5.72
CA VAL A 33 -7.74 1.72 -5.80
C VAL A 33 -6.73 0.58 -5.90
N HIS A 34 -5.48 0.91 -6.26
CA HIS A 34 -4.44 -0.11 -6.38
C HIS A 34 -3.19 0.28 -5.61
N ALA A 35 -2.44 -0.73 -5.17
CA ALA A 35 -1.21 -0.49 -4.42
C ALA A 35 0.02 -0.90 -5.21
N ILE A 36 1.13 -0.19 -4.98
CA ILE A 36 2.37 -0.49 -5.67
C ILE A 36 3.42 -1.01 -4.69
N VAL A 37 3.81 -2.26 -4.87
CA VAL A 37 4.79 -2.89 -4.01
C VAL A 37 6.20 -2.54 -4.44
N LEU A 38 6.89 -1.76 -3.61
CA LEU A 38 8.25 -1.34 -3.86
C LEU A 38 9.08 -1.49 -2.60
N LYS A 39 10.38 -1.66 -2.75
CA LYS A 39 11.25 -1.82 -1.59
C LYS A 39 11.68 -0.47 -1.01
N GLU A 40 12.05 -0.48 0.26
CA GLU A 40 12.49 0.73 0.94
C GLU A 40 13.61 1.41 0.16
N GLY A 41 13.32 2.60 -0.36
CA GLY A 41 14.31 3.33 -1.13
C GLY A 41 13.84 3.59 -2.55
N SER A 42 12.73 2.97 -2.94
CA SER A 42 12.19 3.14 -4.28
C SER A 42 11.71 4.58 -4.48
N ALA A 43 11.09 4.82 -5.63
CA ALA A 43 10.56 6.14 -5.95
C ALA A 43 9.12 6.25 -5.47
N MET A 44 8.94 6.86 -4.29
CA MET A 44 7.63 7.04 -3.72
C MET A 44 7.37 8.49 -3.40
N THR A 45 6.57 9.13 -4.25
CA THR A 45 6.23 10.52 -4.05
C THR A 45 5.42 10.70 -2.78
N LYS A 46 5.41 11.92 -2.26
CA LYS A 46 4.66 12.21 -1.04
C LYS A 46 3.22 12.59 -1.35
N ASP A 47 2.98 13.04 -2.58
CA ASP A 47 1.65 13.42 -3.02
C ASP A 47 0.61 12.39 -2.61
N PHE A 48 -0.55 12.86 -2.18
CA PHE A 48 -1.62 11.96 -1.75
C PHE A 48 -2.44 11.47 -2.95
N ARG A 49 -2.65 10.16 -3.01
CA ARG A 49 -3.42 9.54 -4.09
C ARG A 49 -4.20 8.33 -3.58
N CYS A 50 -5.52 8.46 -3.53
CA CYS A 50 -6.38 7.38 -3.07
C CYS A 50 -6.20 6.13 -3.91
N ASP A 51 -6.03 6.30 -5.21
CA ASP A 51 -5.86 5.17 -6.11
C ASP A 51 -4.44 4.62 -6.04
N ARG A 52 -3.56 5.30 -5.31
CA ARG A 52 -2.17 4.87 -5.19
C ARG A 52 -1.81 4.57 -3.74
N VAL A 53 -1.69 3.28 -3.44
CA VAL A 53 -1.31 2.86 -2.11
C VAL A 53 0.12 2.34 -2.13
N TRP A 54 1.00 2.99 -1.38
CA TRP A 54 2.41 2.58 -1.37
C TRP A 54 2.62 1.34 -0.52
N VAL A 55 3.42 0.41 -1.04
CA VAL A 55 3.72 -0.81 -0.34
C VAL A 55 5.22 -1.03 -0.25
N ILE A 56 5.83 -0.40 0.77
CA ILE A 56 7.28 -0.49 0.97
C ILE A 56 7.64 -1.79 1.65
N VAL A 57 8.49 -2.56 0.98
CA VAL A 57 8.93 -3.84 1.51
C VAL A 57 10.44 -3.86 1.69
N ASN A 58 10.92 -4.79 2.50
CA ASN A 58 12.36 -4.92 2.76
C ASN A 58 13.06 -5.65 1.62
N ASP A 59 14.33 -5.97 1.84
CA ASP A 59 15.13 -6.66 0.83
C ASP A 59 14.54 -8.04 0.49
N HIS A 60 13.71 -8.56 1.39
CA HIS A 60 13.10 -9.87 1.18
C HIS A 60 11.71 -9.76 0.54
N GLY A 61 11.20 -8.54 0.42
CA GLY A 61 9.89 -8.35 -0.15
C GLY A 61 8.80 -8.35 0.90
N VAL A 62 9.18 -8.03 2.13
CA VAL A 62 8.24 -7.98 3.25
C VAL A 62 7.76 -6.55 3.47
N VAL A 63 6.46 -6.38 3.65
CA VAL A 63 5.89 -5.06 3.88
C VAL A 63 6.33 -4.50 5.22
N THR A 64 7.26 -3.56 5.19
CA THR A 64 7.78 -2.95 6.40
C THR A 64 6.94 -1.75 6.81
N SER A 65 6.43 -1.02 5.83
CA SER A 65 5.60 0.15 6.10
C SER A 65 4.12 -0.16 6.00
N VAL A 66 3.31 0.66 6.66
CA VAL A 66 1.86 0.50 6.65
C VAL A 66 1.26 0.88 5.30
N PRO A 67 0.82 -0.12 4.50
CA PRO A 67 0.20 0.16 3.20
C PRO A 67 -1.02 1.05 3.37
N HIS A 68 -0.87 2.32 3.04
CA HIS A 68 -1.96 3.26 3.18
C HIS A 68 -2.05 4.18 1.96
N ILE A 69 -3.27 4.51 1.59
CA ILE A 69 -3.55 5.40 0.48
C ILE A 69 -2.60 6.59 0.48
N THR A 70 -1.65 6.58 -0.47
CA THR A 70 -0.66 7.65 -0.57
C THR A 70 -0.08 7.72 -1.97
N SER A 2 -13.62 15.22 2.30
CA SER A 2 -12.26 15.78 2.60
C SER A 2 -11.03 14.87 2.26
N ARG A 3 -10.91 13.68 2.88
CA ARG A 3 -9.82 12.73 2.68
C ARG A 3 -10.28 11.31 3.01
N ARG A 4 -11.27 10.83 2.27
CA ARG A 4 -11.80 9.49 2.47
C ARG A 4 -12.44 8.96 1.19
N CYS A 5 -11.67 8.21 0.42
CA CYS A 5 -12.17 7.66 -0.83
C CYS A 5 -12.62 6.22 -0.64
N PRO A 6 -13.49 5.72 -1.55
CA PRO A 6 -14.01 4.36 -1.48
C PRO A 6 -12.93 3.33 -1.14
N GLY A 7 -13.23 2.45 -0.20
CA GLY A 7 -12.28 1.43 0.19
C GLY A 7 -11.34 1.88 1.29
N LYS A 8 -10.82 0.93 2.04
CA LYS A 8 -9.90 1.22 3.14
C LYS A 8 -8.77 2.15 2.68
N ASN A 9 -8.32 3.02 3.59
CA ASN A 9 -7.28 4.00 3.28
C ASN A 9 -5.91 3.59 3.85
N ALA A 10 -5.91 2.67 4.80
CA ALA A 10 -4.67 2.22 5.42
C ALA A 10 -4.79 0.75 5.79
N TRP A 11 -3.66 0.05 5.78
CA TRP A 11 -3.64 -1.37 6.10
C TRP A 11 -2.49 -1.70 7.05
N PRO A 12 -2.56 -1.22 8.29
CA PRO A 12 -1.52 -1.49 9.29
C PRO A 12 -1.30 -2.99 9.47
N GLU A 13 -2.39 -3.74 9.33
CA GLU A 13 -2.33 -5.20 9.48
C GLU A 13 -1.46 -5.85 8.40
N LEU A 14 -1.11 -5.07 7.37
CA LEU A 14 -0.28 -5.60 6.29
C LEU A 14 1.20 -5.55 6.69
N VAL A 15 1.52 -4.70 7.68
CA VAL A 15 2.89 -4.58 8.15
C VAL A 15 3.40 -5.89 8.72
N GLY A 16 4.35 -6.51 8.03
CA GLY A 16 4.89 -7.78 8.48
C GLY A 16 4.49 -8.93 7.58
N LYS A 17 3.67 -8.64 6.57
CA LYS A 17 3.22 -9.66 5.64
C LYS A 17 3.99 -9.56 4.33
N SER A 18 3.71 -10.48 3.41
CA SER A 18 4.38 -10.48 2.11
C SER A 18 3.88 -9.33 1.24
N GLY A 19 4.81 -8.63 0.60
CA GLY A 19 4.43 -7.52 -0.26
C GLY A 19 3.31 -7.88 -1.22
N ASN A 20 3.29 -9.15 -1.62
CA ASN A 20 2.25 -9.64 -2.53
C ASN A 20 0.91 -9.69 -1.84
N MET A 21 0.89 -10.26 -0.63
CA MET A 21 -0.33 -10.36 0.14
C MET A 21 -0.85 -8.96 0.48
N ALA A 22 0.08 -8.02 0.63
CA ALA A 22 -0.26 -6.65 0.95
C ALA A 22 -0.98 -6.00 -0.23
N ALA A 23 -0.28 -5.89 -1.36
CA ALA A 23 -0.86 -5.30 -2.56
C ALA A 23 -2.19 -5.95 -2.90
N ALA A 24 -2.25 -7.26 -2.73
CA ALA A 24 -3.47 -8.02 -3.01
C ALA A 24 -4.59 -7.60 -2.06
N THR A 25 -4.26 -7.47 -0.77
CA THR A 25 -5.23 -7.07 0.23
C THR A 25 -5.82 -5.70 -0.10
N VAL A 26 -4.96 -4.78 -0.51
CA VAL A 26 -5.39 -3.43 -0.85
C VAL A 26 -6.33 -3.43 -2.06
N GLU A 27 -5.88 -4.05 -3.15
CA GLU A 27 -6.69 -4.10 -4.36
C GLU A 27 -7.95 -4.94 -4.15
N ARG A 28 -7.88 -5.92 -3.25
CA ARG A 28 -9.03 -6.77 -2.97
C ARG A 28 -10.05 -6.06 -2.09
N GLU A 29 -9.59 -5.55 -0.95
CA GLU A 29 -10.45 -4.83 -0.03
C GLU A 29 -10.92 -3.52 -0.63
N ASN A 30 -10.02 -2.84 -1.31
CA ASN A 30 -10.33 -1.56 -1.95
C ASN A 30 -10.22 -1.65 -3.47
N ARG A 31 -11.26 -2.19 -4.09
CA ARG A 31 -11.28 -2.33 -5.54
C ARG A 31 -11.30 -0.98 -6.25
N ASN A 32 -11.39 0.11 -5.48
CA ASN A 32 -11.40 1.45 -6.05
C ASN A 32 -10.00 2.05 -6.10
N VAL A 33 -9.01 1.30 -5.62
CA VAL A 33 -7.64 1.77 -5.60
C VAL A 33 -6.65 0.66 -5.99
N HIS A 34 -5.39 1.03 -6.17
CA HIS A 34 -4.36 0.08 -6.54
C HIS A 34 -3.08 0.33 -5.73
N ALA A 35 -2.47 -0.76 -5.27
CA ALA A 35 -1.26 -0.67 -4.47
C ALA A 35 -0.01 -1.01 -5.27
N ILE A 36 1.01 -0.18 -5.15
CA ILE A 36 2.27 -0.40 -5.84
C ILE A 36 3.32 -0.97 -4.90
N VAL A 37 3.82 -2.16 -5.20
CA VAL A 37 4.81 -2.80 -4.37
C VAL A 37 6.22 -2.37 -4.75
N LEU A 38 6.88 -1.69 -3.82
CA LEU A 38 8.23 -1.21 -4.02
C LEU A 38 9.05 -1.41 -2.75
N LYS A 39 10.36 -1.50 -2.90
CA LYS A 39 11.25 -1.72 -1.76
C LYS A 39 11.69 -0.40 -1.12
N GLU A 40 11.96 -0.46 0.18
CA GLU A 40 12.40 0.72 0.93
C GLU A 40 13.50 1.46 0.18
N GLY A 41 13.19 2.68 -0.24
CA GLY A 41 14.15 3.49 -0.97
C GLY A 41 13.74 3.74 -2.41
N SER A 42 12.60 3.17 -2.82
CA SER A 42 12.11 3.35 -4.17
C SER A 42 11.56 4.76 -4.37
N ALA A 43 10.80 4.95 -5.45
CA ALA A 43 10.21 6.25 -5.75
C ALA A 43 8.86 6.37 -5.08
N MET A 44 8.83 7.05 -3.94
CA MET A 44 7.60 7.24 -3.20
C MET A 44 7.27 8.70 -3.02
N THR A 45 6.41 9.19 -3.89
CA THR A 45 5.99 10.57 -3.85
C THR A 45 5.12 10.83 -2.62
N LYS A 46 5.08 12.09 -2.18
CA LYS A 46 4.30 12.47 -1.02
C LYS A 46 2.87 12.81 -1.41
N ASP A 47 2.67 13.21 -2.66
CA ASP A 47 1.34 13.56 -3.16
C ASP A 47 0.29 12.54 -2.72
N PHE A 48 -0.89 13.04 -2.37
CA PHE A 48 -1.98 12.16 -1.92
C PHE A 48 -2.82 11.68 -3.10
N ARG A 49 -2.96 10.36 -3.20
CA ARG A 49 -3.75 9.73 -4.26
C ARG A 49 -4.45 8.48 -3.73
N CYS A 50 -5.77 8.55 -3.64
CA CYS A 50 -6.57 7.43 -3.13
C CYS A 50 -6.40 6.20 -4.00
N ASP A 51 -6.20 6.40 -5.30
CA ASP A 51 -6.04 5.27 -6.21
C ASP A 51 -4.64 4.70 -6.15
N ARG A 52 -3.77 5.33 -5.37
CA ARG A 52 -2.39 4.86 -5.23
C ARG A 52 -2.07 4.52 -3.79
N VAL A 53 -1.62 3.28 -3.56
CA VAL A 53 -1.24 2.83 -2.24
C VAL A 53 0.19 2.33 -2.27
N TRP A 54 1.06 2.96 -1.49
CA TRP A 54 2.48 2.59 -1.45
C TRP A 54 2.70 1.33 -0.61
N VAL A 55 3.43 0.37 -1.16
CA VAL A 55 3.73 -0.86 -0.45
C VAL A 55 5.25 -1.06 -0.36
N ILE A 56 5.82 -0.59 0.73
CA ILE A 56 7.27 -0.69 0.95
C ILE A 56 7.65 -2.02 1.58
N VAL A 57 8.56 -2.73 0.93
CA VAL A 57 9.02 -4.02 1.42
C VAL A 57 10.53 -4.05 1.58
N ASN A 58 11.01 -5.06 2.30
CA ASN A 58 12.44 -5.22 2.53
C ASN A 58 13.07 -6.07 1.44
N ASP A 59 14.37 -6.33 1.59
CA ASP A 59 15.11 -7.14 0.62
C ASP A 59 14.49 -8.52 0.47
N HIS A 60 13.72 -8.94 1.47
CA HIS A 60 13.08 -10.26 1.43
C HIS A 60 11.72 -10.20 0.75
N GLY A 61 11.14 -9.00 0.71
CA GLY A 61 9.84 -8.83 0.10
C GLY A 61 8.72 -8.72 1.12
N VAL A 62 9.08 -8.33 2.34
CA VAL A 62 8.11 -8.17 3.41
C VAL A 62 7.71 -6.71 3.56
N VAL A 63 6.45 -6.45 3.90
CA VAL A 63 5.98 -5.08 4.06
C VAL A 63 6.49 -4.49 5.37
N THR A 64 7.39 -3.52 5.26
CA THR A 64 7.96 -2.88 6.44
C THR A 64 7.16 -1.64 6.83
N SER A 65 6.62 -0.96 5.83
CA SER A 65 5.84 0.24 6.07
C SER A 65 4.34 -0.05 5.96
N VAL A 66 3.55 0.68 6.74
CA VAL A 66 2.10 0.52 6.74
C VAL A 66 1.49 0.97 5.41
N PRO A 67 1.01 0.02 4.58
CA PRO A 67 0.40 0.36 3.30
C PRO A 67 -0.87 1.19 3.48
N HIS A 68 -0.85 2.41 2.96
CA HIS A 68 -1.99 3.30 3.08
C HIS A 68 -2.03 4.27 1.90
N ILE A 69 -3.25 4.58 1.46
CA ILE A 69 -3.47 5.51 0.36
C ILE A 69 -2.52 6.70 0.44
N THR A 70 -1.74 6.90 -0.62
CA THR A 70 -0.78 8.00 -0.67
C THR A 70 -0.19 8.13 -2.06
N SER A 2 -6.99 13.13 1.82
CA SER A 2 -8.31 12.64 2.36
C SER A 2 -9.56 13.39 1.80
N ARG A 3 -10.39 12.74 0.96
CA ARG A 3 -11.57 13.33 0.36
C ARG A 3 -12.54 12.26 -0.11
N ARG A 4 -13.29 11.69 0.85
CA ARG A 4 -14.26 10.64 0.54
C ARG A 4 -13.64 9.59 -0.38
N CYS A 5 -12.92 8.64 0.21
CA CYS A 5 -12.27 7.60 -0.55
C CYS A 5 -12.88 6.23 -0.28
N PRO A 6 -13.27 5.51 -1.34
CA PRO A 6 -13.87 4.19 -1.19
C PRO A 6 -12.90 3.19 -0.58
N GLY A 7 -13.43 2.10 -0.04
CA GLY A 7 -12.58 1.09 0.58
C GLY A 7 -11.68 1.66 1.65
N LYS A 8 -10.96 0.79 2.34
CA LYS A 8 -10.06 1.20 3.39
C LYS A 8 -9.00 2.16 2.85
N ASN A 9 -8.46 3.01 3.73
CA ASN A 9 -7.47 4.01 3.34
C ASN A 9 -6.06 3.67 3.85
N ALA A 10 -5.97 2.83 4.87
CA ALA A 10 -4.68 2.45 5.44
C ALA A 10 -4.74 1.02 5.96
N TRP A 11 -3.80 0.19 5.51
CA TRP A 11 -3.79 -1.21 5.94
C TRP A 11 -2.63 -1.48 6.90
N PRO A 12 -2.73 -1.03 8.16
CA PRO A 12 -1.69 -1.26 9.16
C PRO A 12 -1.44 -2.75 9.39
N GLU A 13 -2.51 -3.53 9.35
CA GLU A 13 -2.42 -4.97 9.55
C GLU A 13 -1.60 -5.65 8.45
N LEU A 14 -1.26 -4.91 7.40
CA LEU A 14 -0.47 -5.46 6.32
C LEU A 14 1.01 -5.47 6.68
N VAL A 15 1.40 -4.58 7.60
CA VAL A 15 2.78 -4.49 8.03
C VAL A 15 3.28 -5.84 8.56
N GLY A 16 4.22 -6.44 7.82
CA GLY A 16 4.75 -7.73 8.22
C GLY A 16 4.39 -8.83 7.25
N LYS A 17 3.53 -8.51 6.28
CA LYS A 17 3.11 -9.49 5.28
C LYS A 17 3.85 -9.25 3.96
N SER A 18 3.89 -10.27 3.11
CA SER A 18 4.56 -10.17 1.82
C SER A 18 4.00 -9.01 1.00
N GLY A 19 4.88 -8.23 0.40
CA GLY A 19 4.46 -7.10 -0.42
C GLY A 19 3.33 -7.47 -1.36
N ASN A 20 3.32 -8.73 -1.79
CA ASN A 20 2.28 -9.21 -2.69
C ASN A 20 0.95 -9.34 -1.96
N MET A 21 1.00 -9.90 -0.75
CA MET A 21 -0.20 -10.06 0.05
C MET A 21 -0.75 -8.70 0.44
N ALA A 22 0.15 -7.74 0.63
CA ALA A 22 -0.24 -6.38 0.99
C ALA A 22 -0.98 -5.70 -0.16
N ALA A 23 -0.31 -5.58 -1.30
CA ALA A 23 -0.91 -4.97 -2.48
C ALA A 23 -2.22 -5.66 -2.83
N ALA A 24 -2.24 -6.97 -2.70
CA ALA A 24 -3.44 -7.76 -3.00
C ALA A 24 -4.57 -7.39 -2.03
N THR A 25 -4.24 -7.29 -0.75
CA THR A 25 -5.22 -6.94 0.26
C THR A 25 -5.84 -5.58 -0.04
N VAL A 26 -5.01 -4.64 -0.46
CA VAL A 26 -5.48 -3.30 -0.78
C VAL A 26 -6.43 -3.33 -1.98
N GLU A 27 -5.94 -3.84 -3.11
CA GLU A 27 -6.76 -3.91 -4.32
C GLU A 27 -7.98 -4.81 -4.12
N ARG A 28 -7.88 -5.74 -3.17
CA ARG A 28 -8.98 -6.66 -2.90
C ARG A 28 -10.03 -5.99 -2.00
N GLU A 29 -9.61 -5.54 -0.83
CA GLU A 29 -10.51 -4.87 0.10
C GLU A 29 -11.03 -3.57 -0.50
N ASN A 30 -10.15 -2.89 -1.23
CA ASN A 30 -10.49 -1.62 -1.87
C ASN A 30 -10.29 -1.73 -3.38
N ARG A 31 -11.24 -2.37 -4.05
CA ARG A 31 -11.19 -2.55 -5.49
C ARG A 31 -11.24 -1.21 -6.25
N ASN A 32 -11.34 -0.11 -5.52
CA ASN A 32 -11.40 1.20 -6.15
C ASN A 32 -10.01 1.84 -6.26
N VAL A 33 -9.04 1.25 -5.58
CA VAL A 33 -7.68 1.77 -5.60
C VAL A 33 -6.69 0.72 -6.08
N HIS A 34 -5.45 1.15 -6.31
CA HIS A 34 -4.39 0.24 -6.76
C HIS A 34 -3.14 0.43 -5.90
N ALA A 35 -2.55 -0.68 -5.47
CA ALA A 35 -1.37 -0.62 -4.62
C ALA A 35 -0.11 -1.00 -5.40
N ILE A 36 0.94 -0.22 -5.21
CA ILE A 36 2.21 -0.47 -5.88
C ILE A 36 3.22 -1.08 -4.91
N VAL A 37 3.73 -2.25 -5.26
CA VAL A 37 4.70 -2.92 -4.41
C VAL A 37 6.13 -2.55 -4.79
N LEU A 38 6.86 -2.02 -3.80
CA LEU A 38 8.23 -1.60 -4.01
C LEU A 38 9.03 -1.75 -2.72
N LYS A 39 10.35 -1.82 -2.84
CA LYS A 39 11.21 -1.96 -1.67
C LYS A 39 11.61 -0.60 -1.11
N GLU A 40 12.03 -0.60 0.16
CA GLU A 40 12.45 0.63 0.83
C GLU A 40 13.44 1.42 -0.02
N GLY A 41 13.10 2.67 -0.31
CA GLY A 41 13.97 3.51 -1.10
C GLY A 41 13.48 3.71 -2.52
N SER A 42 12.45 2.95 -2.91
CA SER A 42 11.89 3.06 -4.25
C SER A 42 11.19 4.41 -4.46
N ALA A 43 10.41 4.51 -5.53
CA ALA A 43 9.69 5.73 -5.84
C ALA A 43 8.55 5.95 -4.86
N MET A 44 8.83 6.71 -3.81
CA MET A 44 7.84 7.01 -2.80
C MET A 44 7.60 8.49 -2.66
N THR A 45 6.53 8.95 -3.30
CA THR A 45 6.17 10.36 -3.26
C THR A 45 5.22 10.63 -2.10
N LYS A 46 5.26 11.85 -1.59
CA LYS A 46 4.40 12.25 -0.48
C LYS A 46 3.00 12.58 -0.97
N ASP A 47 2.91 13.00 -2.22
CA ASP A 47 1.62 13.36 -2.82
C ASP A 47 0.56 12.32 -2.51
N PHE A 48 -0.66 12.78 -2.28
CA PHE A 48 -1.77 11.90 -1.94
C PHE A 48 -2.48 11.40 -3.20
N ARG A 49 -2.67 10.08 -3.29
CA ARG A 49 -3.35 9.46 -4.42
C ARG A 49 -4.16 8.25 -3.96
N CYS A 50 -5.48 8.41 -3.98
CA CYS A 50 -6.40 7.36 -3.54
C CYS A 50 -6.18 6.05 -4.31
N ASP A 51 -5.99 6.14 -5.62
CA ASP A 51 -5.79 4.95 -6.43
C ASP A 51 -4.37 4.43 -6.35
N ARG A 52 -3.54 5.06 -5.50
CA ARG A 52 -2.16 4.64 -5.36
C ARG A 52 -1.82 4.38 -3.90
N VAL A 53 -1.51 3.13 -3.59
CA VAL A 53 -1.13 2.74 -2.25
C VAL A 53 0.31 2.25 -2.24
N TRP A 54 1.16 2.88 -1.44
CA TRP A 54 2.57 2.51 -1.38
C TRP A 54 2.77 1.25 -0.54
N VAL A 55 3.42 0.26 -1.14
CA VAL A 55 3.70 -0.99 -0.46
C VAL A 55 5.21 -1.21 -0.37
N ILE A 56 5.82 -0.63 0.66
CA ILE A 56 7.26 -0.74 0.87
C ILE A 56 7.63 -2.03 1.57
N VAL A 57 8.57 -2.75 0.97
CA VAL A 57 9.04 -4.02 1.53
C VAL A 57 10.55 -4.01 1.72
N ASN A 58 11.04 -4.96 2.52
CA ASN A 58 12.47 -5.06 2.79
C ASN A 58 13.18 -5.85 1.68
N ASP A 59 14.48 -6.03 1.85
CA ASP A 59 15.29 -6.74 0.88
C ASP A 59 14.74 -8.13 0.58
N HIS A 60 13.95 -8.66 1.52
CA HIS A 60 13.38 -10.00 1.35
C HIS A 60 12.03 -9.94 0.64
N GLY A 61 11.36 -8.79 0.73
CA GLY A 61 10.07 -8.64 0.09
C GLY A 61 8.93 -8.59 1.08
N VAL A 62 9.26 -8.24 2.32
CA VAL A 62 8.26 -8.14 3.38
C VAL A 62 7.84 -6.69 3.57
N VAL A 63 6.55 -6.45 3.80
CA VAL A 63 6.06 -5.08 3.98
C VAL A 63 6.53 -4.52 5.31
N THR A 64 7.39 -3.51 5.24
CA THR A 64 7.92 -2.87 6.43
C THR A 64 7.12 -1.63 6.80
N SER A 65 6.60 -0.94 5.78
CA SER A 65 5.81 0.27 6.01
C SER A 65 4.32 0.01 5.84
N VAL A 66 3.52 0.79 6.54
CA VAL A 66 2.07 0.68 6.48
C VAL A 66 1.55 1.01 5.09
N PRO A 67 0.96 0.04 4.37
CA PRO A 67 0.43 0.29 3.05
C PRO A 67 -0.89 1.05 3.11
N HIS A 68 -0.81 2.38 3.13
CA HIS A 68 -1.99 3.21 3.18
C HIS A 68 -2.03 4.16 1.98
N ILE A 69 -3.23 4.40 1.47
CA ILE A 69 -3.43 5.28 0.32
C ILE A 69 -2.49 6.49 0.38
N THR A 70 -1.60 6.57 -0.61
CA THR A 70 -0.63 7.65 -0.67
C THR A 70 -0.04 7.76 -2.08
N SER A 2 -7.08 13.16 2.04
CA SER A 2 -8.40 12.48 1.80
C SER A 2 -9.55 13.41 1.32
N ARG A 3 -10.13 13.16 0.12
CA ARG A 3 -11.42 13.70 -0.26
C ARG A 3 -12.46 12.59 -0.40
N ARG A 4 -12.67 11.86 0.69
CA ARG A 4 -13.63 10.76 0.72
C ARG A 4 -13.36 9.77 -0.41
N CYS A 5 -12.40 8.87 -0.19
CA CYS A 5 -12.05 7.88 -1.20
C CYS A 5 -12.64 6.53 -0.83
N PRO A 6 -13.19 5.81 -1.82
CA PRO A 6 -13.80 4.51 -1.58
C PRO A 6 -12.81 3.48 -1.02
N GLY A 7 -13.34 2.46 -0.37
CA GLY A 7 -12.49 1.41 0.19
C GLY A 7 -11.61 1.89 1.34
N LYS A 8 -11.00 0.94 2.03
CA LYS A 8 -10.12 1.24 3.16
C LYS A 8 -9.01 2.20 2.74
N ASN A 9 -8.55 3.03 3.68
CA ASN A 9 -7.52 4.03 3.40
C ASN A 9 -6.14 3.63 3.91
N ALA A 10 -6.08 2.67 4.82
CA ALA A 10 -4.82 2.22 5.38
C ALA A 10 -4.92 0.79 5.87
N TRP A 11 -3.90 -0.01 5.60
CA TRP A 11 -3.91 -1.40 6.02
C TRP A 11 -2.74 -1.71 6.96
N PRO A 12 -2.78 -1.20 8.20
CA PRO A 12 -1.73 -1.44 9.19
C PRO A 12 -1.47 -2.93 9.39
N GLU A 13 -2.54 -3.72 9.37
CA GLU A 13 -2.43 -5.16 9.57
C GLU A 13 -1.59 -5.82 8.47
N LEU A 14 -1.26 -5.07 7.42
CA LEU A 14 -0.46 -5.63 6.33
C LEU A 14 1.03 -5.62 6.70
N VAL A 15 1.41 -4.74 7.61
CA VAL A 15 2.80 -4.66 8.04
C VAL A 15 3.29 -5.99 8.60
N GLY A 16 4.17 -6.65 7.87
CA GLY A 16 4.69 -7.93 8.30
C GLY A 16 4.37 -9.04 7.32
N LYS A 17 3.60 -8.72 6.29
CA LYS A 17 3.22 -9.70 5.29
C LYS A 17 4.04 -9.51 4.01
N SER A 18 3.79 -10.36 3.02
CA SER A 18 4.51 -10.27 1.74
C SER A 18 3.97 -9.11 0.90
N GLY A 19 4.86 -8.43 0.19
CA GLY A 19 4.45 -7.33 -0.65
C GLY A 19 3.27 -7.68 -1.52
N ASN A 20 3.22 -8.94 -1.95
CA ASN A 20 2.12 -9.41 -2.78
C ASN A 20 0.85 -9.55 -1.96
N MET A 21 1.01 -9.98 -0.72
CA MET A 21 -0.11 -10.14 0.19
C MET A 21 -0.69 -8.79 0.54
N ALA A 22 0.18 -7.82 0.73
CA ALA A 22 -0.23 -6.46 1.06
C ALA A 22 -1.00 -5.84 -0.11
N ALA A 23 -0.33 -5.76 -1.27
CA ALA A 23 -0.96 -5.20 -2.45
C ALA A 23 -2.28 -5.89 -2.75
N ALA A 24 -2.29 -7.22 -2.60
CA ALA A 24 -3.49 -8.01 -2.84
C ALA A 24 -4.61 -7.60 -1.90
N THR A 25 -4.28 -7.44 -0.62
CA THR A 25 -5.26 -7.06 0.38
C THR A 25 -5.87 -5.69 0.05
N VAL A 26 -5.02 -4.76 -0.38
CA VAL A 26 -5.47 -3.42 -0.74
C VAL A 26 -6.38 -3.45 -1.96
N GLU A 27 -5.88 -4.02 -3.05
CA GLU A 27 -6.65 -4.10 -4.29
C GLU A 27 -7.89 -4.99 -4.13
N ARG A 28 -7.85 -5.90 -3.17
CA ARG A 28 -8.98 -6.79 -2.92
C ARG A 28 -10.02 -6.12 -2.04
N GLU A 29 -9.58 -5.61 -0.89
CA GLU A 29 -10.47 -4.94 0.04
C GLU A 29 -10.97 -3.63 -0.55
N ASN A 30 -10.10 -2.95 -1.27
CA ASN A 30 -10.45 -1.68 -1.90
C ASN A 30 -10.32 -1.77 -3.41
N ARG A 31 -11.33 -2.36 -4.05
CA ARG A 31 -11.35 -2.53 -5.49
C ARG A 31 -11.37 -1.18 -6.22
N ASN A 32 -11.43 -0.08 -5.48
CA ASN A 32 -11.45 1.25 -6.08
C ASN A 32 -10.04 1.83 -6.21
N VAL A 33 -9.09 1.23 -5.53
CA VAL A 33 -7.70 1.70 -5.57
C VAL A 33 -6.73 0.52 -5.60
N HIS A 34 -5.47 0.80 -5.95
CA HIS A 34 -4.46 -0.26 -5.99
C HIS A 34 -3.19 0.18 -5.29
N ALA A 35 -2.33 -0.78 -4.96
CA ALA A 35 -1.09 -0.48 -4.26
C ALA A 35 0.13 -0.84 -5.09
N ILE A 36 1.14 0.02 -5.00
CA ILE A 36 2.39 -0.19 -5.72
C ILE A 36 3.45 -0.79 -4.80
N VAL A 37 3.81 -2.04 -5.05
CA VAL A 37 4.80 -2.73 -4.24
C VAL A 37 6.21 -2.35 -4.63
N LEU A 38 6.98 -1.90 -3.65
CA LEU A 38 8.37 -1.52 -3.87
C LEU A 38 9.15 -1.61 -2.57
N LYS A 39 10.47 -1.69 -2.67
CA LYS A 39 11.31 -1.79 -1.50
C LYS A 39 11.73 -0.43 -0.97
N GLU A 40 12.03 -0.37 0.32
CA GLU A 40 12.44 0.86 0.97
C GLU A 40 13.51 1.58 0.16
N GLY A 41 13.17 2.78 -0.32
CA GLY A 41 14.12 3.55 -1.10
C GLY A 41 13.67 3.75 -2.54
N SER A 42 12.59 3.06 -2.92
CA SER A 42 12.06 3.15 -4.28
C SER A 42 11.42 4.52 -4.52
N ALA A 43 10.61 4.61 -5.56
CA ALA A 43 9.94 5.85 -5.91
C ALA A 43 8.73 6.08 -5.01
N MET A 44 8.94 6.88 -3.96
CA MET A 44 7.88 7.18 -3.02
C MET A 44 7.59 8.67 -2.98
N THR A 45 6.58 9.07 -3.74
CA THR A 45 6.19 10.46 -3.78
C THR A 45 5.27 10.79 -2.61
N LYS A 46 5.26 12.07 -2.23
CA LYS A 46 4.43 12.53 -1.12
C LYS A 46 3.01 12.82 -1.59
N ASP A 47 2.89 13.19 -2.87
CA ASP A 47 1.58 13.51 -3.46
C ASP A 47 0.53 12.49 -3.03
N PHE A 48 -0.61 12.98 -2.57
CA PHE A 48 -1.70 12.11 -2.12
C PHE A 48 -2.52 11.58 -3.30
N ARG A 49 -2.80 10.29 -3.26
CA ARG A 49 -3.58 9.62 -4.30
C ARG A 49 -4.31 8.40 -3.71
N CYS A 50 -5.63 8.50 -3.59
CA CYS A 50 -6.42 7.41 -3.03
C CYS A 50 -6.28 6.15 -3.89
N ASP A 51 -6.07 6.33 -5.19
CA ASP A 51 -5.93 5.19 -6.09
C ASP A 51 -4.55 4.57 -6.01
N ARG A 52 -3.64 5.22 -5.29
CA ARG A 52 -2.28 4.71 -5.17
C ARG A 52 -1.89 4.48 -3.71
N VAL A 53 -1.59 3.24 -3.39
CA VAL A 53 -1.18 2.88 -2.04
C VAL A 53 0.27 2.39 -2.08
N TRP A 54 1.14 3.04 -1.31
CA TRP A 54 2.55 2.68 -1.29
C TRP A 54 2.79 1.44 -0.44
N VAL A 55 3.49 0.48 -1.01
CA VAL A 55 3.80 -0.76 -0.30
C VAL A 55 5.31 -0.95 -0.20
N ILE A 56 5.88 -0.49 0.90
CA ILE A 56 7.32 -0.61 1.13
C ILE A 56 7.68 -1.94 1.75
N VAL A 57 8.65 -2.61 1.14
CA VAL A 57 9.10 -3.91 1.62
C VAL A 57 10.62 -3.93 1.79
N ASN A 58 11.10 -4.92 2.51
CA ASN A 58 12.53 -5.06 2.74
C ASN A 58 13.20 -5.83 1.60
N ASP A 59 14.46 -6.21 1.81
CA ASP A 59 15.21 -6.94 0.80
C ASP A 59 14.58 -8.29 0.48
N HIS A 60 13.72 -8.77 1.38
CA HIS A 60 13.07 -10.06 1.20
C HIS A 60 11.67 -9.92 0.60
N GLY A 61 11.29 -8.68 0.27
CA GLY A 61 9.97 -8.45 -0.29
C GLY A 61 8.89 -8.47 0.77
N VAL A 62 9.27 -8.18 2.01
CA VAL A 62 8.33 -8.15 3.12
C VAL A 62 7.87 -6.72 3.38
N VAL A 63 6.56 -6.53 3.51
CA VAL A 63 6.02 -5.19 3.77
C VAL A 63 6.44 -4.70 5.15
N THR A 64 7.38 -3.76 5.18
CA THR A 64 7.88 -3.20 6.42
C THR A 64 7.11 -1.94 6.80
N SER A 65 6.62 -1.22 5.80
CA SER A 65 5.89 0.01 6.03
C SER A 65 4.38 -0.20 5.85
N VAL A 66 3.59 0.58 6.57
CA VAL A 66 2.14 0.49 6.50
C VAL A 66 1.63 0.91 5.12
N PRO A 67 0.95 0.01 4.40
CA PRO A 67 0.41 0.32 3.08
C PRO A 67 -0.94 1.04 3.20
N HIS A 68 -0.91 2.36 3.06
CA HIS A 68 -2.11 3.18 3.17
C HIS A 68 -2.18 4.18 2.01
N ILE A 69 -3.40 4.48 1.58
CA ILE A 69 -3.66 5.43 0.50
C ILE A 69 -2.68 6.61 0.54
N THR A 70 -1.88 6.72 -0.51
CA THR A 70 -0.89 7.80 -0.61
C THR A 70 -0.29 7.86 -2.01
N SER A 2 -10.77 16.52 1.14
CA SER A 2 -10.68 15.36 0.24
C SER A 2 -10.33 14.01 0.96
N ARG A 3 -11.35 13.26 1.47
CA ARG A 3 -11.11 12.03 2.22
C ARG A 3 -12.31 11.10 2.15
N ARG A 4 -12.61 10.63 0.94
CA ARG A 4 -13.73 9.73 0.72
C ARG A 4 -13.35 8.65 -0.29
N CYS A 5 -12.86 7.52 0.22
CA CYS A 5 -12.46 6.43 -0.64
C CYS A 5 -13.29 5.19 -0.40
N PRO A 6 -13.81 4.56 -1.48
CA PRO A 6 -14.63 3.36 -1.36
C PRO A 6 -13.83 2.18 -0.85
N GLY A 7 -13.33 2.30 0.37
CA GLY A 7 -12.54 1.24 0.98
C GLY A 7 -11.59 1.77 2.03
N LYS A 8 -10.87 0.86 2.70
CA LYS A 8 -9.93 1.26 3.74
C LYS A 8 -8.84 2.18 3.17
N ASN A 9 -8.23 2.97 4.06
CA ASN A 9 -7.20 3.93 3.65
C ASN A 9 -5.82 3.58 4.21
N ALA A 10 -5.79 2.72 5.22
CA ALA A 10 -4.54 2.31 5.83
C ALA A 10 -4.64 0.85 6.25
N TRP A 11 -3.72 0.03 5.75
CA TRP A 11 -3.75 -1.39 6.08
C TRP A 11 -2.62 -1.77 7.02
N PRO A 12 -2.73 -1.39 8.30
CA PRO A 12 -1.71 -1.70 9.31
C PRO A 12 -1.51 -3.21 9.45
N GLU A 13 -2.61 -3.95 9.31
CA GLU A 13 -2.56 -5.40 9.41
C GLU A 13 -1.73 -6.02 8.30
N LEU A 14 -1.39 -5.22 7.29
CA LEU A 14 -0.57 -5.70 6.19
C LEU A 14 0.91 -5.67 6.57
N VAL A 15 1.25 -4.84 7.54
CA VAL A 15 2.63 -4.72 7.99
C VAL A 15 3.18 -6.07 8.41
N GLY A 16 4.18 -6.55 7.66
CA GLY A 16 4.77 -7.84 7.95
C GLY A 16 4.42 -8.88 6.91
N LYS A 17 3.46 -8.56 6.05
CA LYS A 17 3.05 -9.48 5.00
C LYS A 17 3.81 -9.18 3.71
N SER A 18 3.86 -10.16 2.81
CA SER A 18 4.56 -9.99 1.54
C SER A 18 3.97 -8.85 0.73
N GLY A 19 4.83 -8.08 0.08
CA GLY A 19 4.36 -6.97 -0.73
C GLY A 19 3.23 -7.36 -1.64
N ASN A 20 3.25 -8.61 -2.10
CA ASN A 20 2.21 -9.12 -2.98
C ASN A 20 0.90 -9.29 -2.21
N MET A 21 1.01 -9.87 -1.03
CA MET A 21 -0.16 -10.09 -0.18
C MET A 21 -0.76 -8.76 0.22
N ALA A 22 0.11 -7.78 0.49
CA ALA A 22 -0.34 -6.45 0.87
C ALA A 22 -1.11 -5.80 -0.27
N ALA A 23 -0.46 -5.66 -1.42
CA ALA A 23 -1.10 -5.08 -2.60
C ALA A 23 -2.42 -5.76 -2.91
N ALA A 24 -2.45 -7.08 -2.74
CA ALA A 24 -3.67 -7.84 -2.99
C ALA A 24 -4.78 -7.43 -2.03
N THR A 25 -4.43 -7.31 -0.75
CA THR A 25 -5.38 -6.93 0.28
C THR A 25 -5.98 -5.54 0.00
N VAL A 26 -5.13 -4.62 -0.45
CA VAL A 26 -5.58 -3.27 -0.75
C VAL A 26 -6.52 -3.25 -1.95
N GLU A 27 -6.09 -3.87 -3.05
CA GLU A 27 -6.90 -3.90 -4.27
C GLU A 27 -8.15 -4.75 -4.06
N ARG A 28 -8.08 -5.70 -3.15
CA ARG A 28 -9.22 -6.57 -2.87
C ARG A 28 -10.21 -5.89 -1.92
N GLU A 29 -9.71 -5.46 -0.77
CA GLU A 29 -10.55 -4.78 0.21
C GLU A 29 -11.05 -3.45 -0.34
N ASN A 30 -10.19 -2.78 -1.11
CA ASN A 30 -10.53 -1.49 -1.70
C ASN A 30 -10.34 -1.52 -3.22
N ARG A 31 -11.31 -2.11 -3.92
CA ARG A 31 -11.26 -2.20 -5.38
C ARG A 31 -11.23 -0.83 -6.04
N ASN A 32 -11.36 0.25 -5.27
CA ASN A 32 -11.33 1.60 -5.83
C ASN A 32 -9.91 2.15 -5.91
N VAL A 33 -8.94 1.38 -5.44
CA VAL A 33 -7.55 1.82 -5.46
C VAL A 33 -6.60 0.68 -5.82
N HIS A 34 -5.34 1.02 -6.06
CA HIS A 34 -4.34 0.01 -6.42
C HIS A 34 -3.04 0.25 -5.66
N ALA A 35 -2.42 -0.84 -5.22
CA ALA A 35 -1.17 -0.76 -4.46
C ALA A 35 0.03 -1.15 -5.32
N ILE A 36 1.13 -0.43 -5.12
CA ILE A 36 2.36 -0.68 -5.86
C ILE A 36 3.46 -1.16 -4.91
N VAL A 37 4.01 -2.33 -5.19
CA VAL A 37 5.07 -2.88 -4.36
C VAL A 37 6.42 -2.25 -4.68
N LEU A 38 7.03 -1.68 -3.66
CA LEU A 38 8.32 -1.02 -3.78
C LEU A 38 9.17 -1.32 -2.55
N LYS A 39 10.49 -1.36 -2.73
CA LYS A 39 11.39 -1.64 -1.61
C LYS A 39 11.82 -0.37 -0.89
N GLU A 40 12.19 -0.50 0.38
CA GLU A 40 12.63 0.63 1.19
C GLU A 40 13.67 1.46 0.44
N GLY A 41 13.32 2.71 0.14
CA GLY A 41 14.24 3.58 -0.56
C GLY A 41 13.85 3.80 -2.00
N SER A 42 12.72 3.21 -2.41
CA SER A 42 12.24 3.35 -3.78
C SER A 42 11.84 4.79 -4.05
N ALA A 43 11.40 5.05 -5.29
CA ALA A 43 10.96 6.38 -5.68
C ALA A 43 9.47 6.52 -5.41
N MET A 44 9.13 7.02 -4.23
CA MET A 44 7.74 7.18 -3.85
C MET A 44 7.37 8.63 -3.74
N THR A 45 6.63 9.11 -4.73
CA THR A 45 6.20 10.49 -4.72
C THR A 45 5.46 10.80 -3.44
N LYS A 46 5.51 12.05 -3.03
CA LYS A 46 4.84 12.48 -1.80
C LYS A 46 3.38 12.81 -2.06
N ASP A 47 3.08 13.21 -3.28
CA ASP A 47 1.71 13.56 -3.68
C ASP A 47 0.72 12.50 -3.18
N PHE A 48 -0.45 12.96 -2.76
CA PHE A 48 -1.48 12.06 -2.25
C PHE A 48 -2.36 11.53 -3.38
N ARG A 49 -2.61 10.22 -3.36
CA ARG A 49 -3.44 9.57 -4.37
C ARG A 49 -4.20 8.39 -3.78
N CYS A 50 -5.52 8.51 -3.73
CA CYS A 50 -6.36 7.44 -3.19
C CYS A 50 -6.17 6.14 -3.94
N ASP A 51 -6.08 6.23 -5.26
CA ASP A 51 -5.90 5.05 -6.09
C ASP A 51 -4.46 4.55 -6.10
N ARG A 52 -3.59 5.20 -5.33
CA ARG A 52 -2.19 4.80 -5.28
C ARG A 52 -1.74 4.53 -3.85
N VAL A 53 -1.44 3.27 -3.57
CA VAL A 53 -0.97 2.88 -2.26
C VAL A 53 0.46 2.33 -2.34
N TRP A 54 1.39 2.98 -1.66
CA TRP A 54 2.78 2.55 -1.67
C TRP A 54 2.98 1.35 -0.75
N VAL A 55 3.68 0.33 -1.24
CA VAL A 55 3.92 -0.87 -0.46
C VAL A 55 5.41 -1.09 -0.29
N ILE A 56 5.98 -0.49 0.75
CA ILE A 56 7.41 -0.58 1.02
C ILE A 56 7.77 -1.90 1.70
N VAL A 57 8.66 -2.65 1.06
CA VAL A 57 9.09 -3.93 1.59
C VAL A 57 10.61 -3.96 1.78
N ASN A 58 11.08 -4.93 2.56
CA ASN A 58 12.49 -5.08 2.82
C ASN A 58 13.15 -5.96 1.76
N ASP A 59 14.39 -6.37 2.02
CA ASP A 59 15.13 -7.21 1.08
C ASP A 59 14.43 -8.55 0.88
N HIS A 60 13.53 -8.91 1.79
CA HIS A 60 12.82 -10.18 1.70
C HIS A 60 11.43 -10.01 1.08
N GLY A 61 11.15 -8.83 0.53
CA GLY A 61 9.87 -8.58 -0.08
C GLY A 61 8.75 -8.50 0.94
N VAL A 62 9.10 -8.19 2.18
CA VAL A 62 8.14 -8.07 3.27
C VAL A 62 7.78 -6.61 3.48
N VAL A 63 6.50 -6.32 3.69
CA VAL A 63 6.06 -4.95 3.89
C VAL A 63 6.42 -4.47 5.31
N THR A 64 7.26 -3.45 5.38
CA THR A 64 7.69 -2.91 6.66
C THR A 64 6.85 -1.70 7.05
N SER A 65 6.33 -0.98 6.06
CA SER A 65 5.51 0.19 6.32
C SER A 65 4.03 -0.11 6.12
N VAL A 66 3.20 0.58 6.90
CA VAL A 66 1.76 0.41 6.82
C VAL A 66 1.22 0.83 5.46
N PRO A 67 0.82 -0.13 4.61
CA PRO A 67 0.27 0.17 3.28
C PRO A 67 -0.98 1.04 3.38
N HIS A 68 -0.80 2.35 3.18
CA HIS A 68 -1.91 3.28 3.24
C HIS A 68 -2.02 4.09 1.95
N ILE A 69 -3.21 4.60 1.70
CA ILE A 69 -3.49 5.40 0.52
C ILE A 69 -2.53 6.59 0.44
N THR A 70 -1.69 6.59 -0.60
CA THR A 70 -0.72 7.66 -0.79
C THR A 70 -0.19 7.67 -2.22
N SER A 2 -12.55 16.12 -3.14
CA SER A 2 -12.88 16.92 -1.91
C SER A 2 -12.88 16.17 -0.54
N ARG A 3 -11.72 15.56 -0.15
CA ARG A 3 -11.53 14.70 1.02
C ARG A 3 -12.58 13.59 1.06
N ARG A 4 -12.36 12.57 0.23
CA ARG A 4 -13.28 11.44 0.16
C ARG A 4 -12.62 10.26 -0.55
N CYS A 5 -12.22 9.26 0.21
CA CYS A 5 -11.56 8.09 -0.35
C CYS A 5 -12.34 6.81 -0.07
N PRO A 6 -12.78 6.11 -1.12
CA PRO A 6 -13.52 4.87 -0.97
C PRO A 6 -12.62 3.74 -0.46
N GLY A 7 -13.24 2.68 0.04
CA GLY A 7 -12.47 1.55 0.55
C GLY A 7 -11.55 1.93 1.68
N LYS A 8 -10.92 0.93 2.28
CA LYS A 8 -10.00 1.16 3.39
C LYS A 8 -8.89 2.11 2.96
N ASN A 9 -8.45 2.98 3.87
CA ASN A 9 -7.43 3.98 3.56
C ASN A 9 -6.04 3.57 4.04
N ALA A 10 -5.98 2.74 5.07
CA ALA A 10 -4.70 2.29 5.60
C ALA A 10 -4.80 0.82 6.02
N TRP A 11 -3.84 0.03 5.58
CA TRP A 11 -3.83 -1.39 5.90
C TRP A 11 -2.69 -1.74 6.86
N PRO A 12 -2.81 -1.34 8.14
CA PRO A 12 -1.79 -1.63 9.16
C PRO A 12 -1.57 -3.12 9.32
N GLU A 13 -2.65 -3.88 9.20
CA GLU A 13 -2.58 -5.34 9.33
C GLU A 13 -1.71 -5.95 8.24
N LEU A 14 -1.35 -5.16 7.23
CA LEU A 14 -0.52 -5.66 6.15
C LEU A 14 0.96 -5.58 6.53
N VAL A 15 1.28 -4.71 7.48
CA VAL A 15 2.66 -4.55 7.94
C VAL A 15 3.23 -5.87 8.43
N GLY A 16 4.23 -6.39 7.71
CA GLY A 16 4.83 -7.65 8.09
C GLY A 16 4.53 -8.76 7.10
N LYS A 17 3.59 -8.49 6.19
CA LYS A 17 3.22 -9.48 5.17
C LYS A 17 3.96 -9.21 3.86
N SER A 18 4.02 -10.21 3.00
CA SER A 18 4.69 -10.07 1.71
C SER A 18 4.07 -8.95 0.89
N GLY A 19 4.93 -8.21 0.18
CA GLY A 19 4.44 -7.12 -0.65
C GLY A 19 3.31 -7.56 -1.56
N ASN A 20 3.34 -8.82 -1.99
CA ASN A 20 2.30 -9.35 -2.87
C ASN A 20 0.99 -9.49 -2.12
N MET A 21 1.06 -10.07 -0.92
CA MET A 21 -0.14 -10.26 -0.11
C MET A 21 -0.73 -8.91 0.27
N ALA A 22 0.14 -7.93 0.47
CA ALA A 22 -0.28 -6.59 0.83
C ALA A 22 -1.06 -5.95 -0.31
N ALA A 23 -0.41 -5.81 -1.47
CA ALA A 23 -1.07 -5.23 -2.64
C ALA A 23 -2.39 -5.93 -2.90
N ALA A 24 -2.37 -7.25 -2.78
CA ALA A 24 -3.57 -8.06 -2.97
C ALA A 24 -4.66 -7.62 -2.00
N THR A 25 -4.30 -7.49 -0.73
CA THR A 25 -5.24 -7.07 0.29
C THR A 25 -5.82 -5.69 -0.03
N VAL A 26 -4.96 -4.79 -0.49
CA VAL A 26 -5.40 -3.44 -0.83
C VAL A 26 -6.35 -3.46 -2.01
N GLU A 27 -5.89 -4.01 -3.12
CA GLU A 27 -6.72 -4.08 -4.32
C GLU A 27 -7.95 -4.96 -4.13
N ARG A 28 -7.89 -5.86 -3.15
CA ARG A 28 -9.02 -6.74 -2.87
C ARG A 28 -10.03 -6.08 -1.93
N GLU A 29 -9.54 -5.64 -0.77
CA GLU A 29 -10.41 -4.99 0.22
C GLU A 29 -10.92 -3.67 -0.33
N ASN A 30 -10.09 -3.01 -1.14
CA ASN A 30 -10.46 -1.73 -1.73
C ASN A 30 -10.26 -1.77 -3.25
N ARG A 31 -11.19 -2.43 -3.93
CA ARG A 31 -11.13 -2.57 -5.38
C ARG A 31 -11.17 -1.21 -6.08
N ASN A 32 -11.32 -0.12 -5.32
CA ASN A 32 -11.37 1.21 -5.91
C ASN A 32 -9.97 1.83 -6.02
N VAL A 33 -8.95 1.11 -5.54
CA VAL A 33 -7.59 1.61 -5.59
C VAL A 33 -6.60 0.49 -5.92
N HIS A 34 -5.36 0.87 -6.20
CA HIS A 34 -4.31 -0.11 -6.54
C HIS A 34 -3.04 0.19 -5.75
N ALA A 35 -2.35 -0.87 -5.31
CA ALA A 35 -1.15 -0.70 -4.53
C ALA A 35 0.10 -1.05 -5.33
N ILE A 36 1.13 -0.22 -5.18
CA ILE A 36 2.39 -0.41 -5.87
C ILE A 36 3.43 -1.01 -4.94
N VAL A 37 3.76 -2.28 -5.15
CA VAL A 37 4.75 -2.95 -4.33
C VAL A 37 6.16 -2.56 -4.75
N LEU A 38 6.90 -2.01 -3.80
CA LEU A 38 8.26 -1.56 -4.05
C LEU A 38 9.09 -1.69 -2.78
N LYS A 39 10.41 -1.74 -2.94
CA LYS A 39 11.30 -1.87 -1.80
C LYS A 39 11.71 -0.50 -1.25
N GLU A 40 12.21 -0.51 -0.01
CA GLU A 40 12.65 0.71 0.66
C GLU A 40 13.57 1.54 -0.24
N GLY A 41 13.20 2.79 -0.47
CA GLY A 41 14.02 3.66 -1.30
C GLY A 41 13.46 3.82 -2.70
N SER A 42 12.43 3.06 -3.03
CA SER A 42 11.83 3.13 -4.35
C SER A 42 11.14 4.48 -4.57
N ALA A 43 10.35 4.58 -5.63
CA ALA A 43 9.63 5.81 -5.94
C ALA A 43 8.50 6.03 -4.95
N MET A 44 8.79 6.80 -3.91
CA MET A 44 7.81 7.08 -2.88
C MET A 44 7.57 8.56 -2.74
N THR A 45 6.59 9.05 -3.47
CA THR A 45 6.24 10.46 -3.42
C THR A 45 5.36 10.74 -2.22
N LYS A 46 5.42 11.96 -1.71
CA LYS A 46 4.64 12.39 -0.56
C LYS A 46 3.21 12.72 -0.98
N ASP A 47 3.05 13.09 -2.24
CA ASP A 47 1.74 13.44 -2.79
C ASP A 47 0.69 12.40 -2.38
N PHE A 48 -0.58 12.80 -2.44
CA PHE A 48 -1.67 11.91 -2.05
C PHE A 48 -2.41 11.37 -3.28
N ARG A 49 -2.65 10.06 -3.30
CA ARG A 49 -3.34 9.41 -4.40
C ARG A 49 -4.17 8.23 -3.91
N CYS A 50 -5.49 8.37 -3.97
CA CYS A 50 -6.41 7.32 -3.51
C CYS A 50 -6.16 6.01 -4.23
N ASP A 51 -6.03 6.03 -5.55
CA ASP A 51 -5.82 4.82 -6.31
C ASP A 51 -4.37 4.36 -6.25
N ARG A 52 -3.54 5.06 -5.47
CA ARG A 52 -2.14 4.69 -5.35
C ARG A 52 -1.77 4.42 -3.91
N VAL A 53 -1.51 3.16 -3.61
CA VAL A 53 -1.10 2.76 -2.26
C VAL A 53 0.34 2.29 -2.29
N TRP A 54 1.20 2.94 -1.51
CA TRP A 54 2.61 2.58 -1.49
C TRP A 54 2.82 1.34 -0.65
N VAL A 55 3.52 0.36 -1.22
CA VAL A 55 3.79 -0.87 -0.51
C VAL A 55 5.30 -1.10 -0.43
N ILE A 56 5.93 -0.44 0.54
CA ILE A 56 7.37 -0.54 0.74
C ILE A 56 7.73 -1.80 1.48
N VAL A 57 8.66 -2.55 0.90
CA VAL A 57 9.11 -3.80 1.50
C VAL A 57 10.62 -3.80 1.70
N ASN A 58 11.08 -4.68 2.58
CA ASN A 58 12.50 -4.79 2.87
C ASN A 58 13.18 -5.71 1.87
N ASP A 59 14.44 -6.04 2.13
CA ASP A 59 15.20 -6.91 1.24
C ASP A 59 14.53 -8.28 1.07
N HIS A 60 13.66 -8.63 2.01
CA HIS A 60 12.96 -9.91 1.97
C HIS A 60 11.58 -9.80 1.33
N GLY A 61 11.31 -8.67 0.69
CA GLY A 61 10.01 -8.49 0.06
C GLY A 61 8.89 -8.42 1.10
N VAL A 62 9.25 -8.03 2.31
CA VAL A 62 8.27 -7.91 3.39
C VAL A 62 7.84 -6.46 3.52
N VAL A 63 6.54 -6.24 3.72
CA VAL A 63 6.02 -4.88 3.85
C VAL A 63 6.36 -4.29 5.21
N THR A 64 7.18 -3.25 5.21
CA THR A 64 7.59 -2.58 6.43
C THR A 64 6.71 -1.38 6.72
N SER A 65 6.27 -0.70 5.66
CA SER A 65 5.43 0.47 5.81
C SER A 65 3.96 0.11 5.71
N VAL A 66 3.14 0.77 6.52
CA VAL A 66 1.70 0.53 6.53
C VAL A 66 1.07 0.86 5.17
N PRO A 67 0.73 -0.15 4.36
CA PRO A 67 0.11 0.08 3.06
C PRO A 67 -1.14 0.94 3.19
N HIS A 68 -0.98 2.24 3.00
CA HIS A 68 -2.09 3.17 3.10
C HIS A 68 -2.18 4.05 1.86
N ILE A 69 -3.41 4.34 1.46
CA ILE A 69 -3.67 5.17 0.30
C ILE A 69 -2.76 6.41 0.29
N THR A 70 -1.82 6.42 -0.64
CA THR A 70 -0.87 7.53 -0.73
C THR A 70 -0.25 7.57 -2.13
N SER A 2 -12.58 18.39 -1.44
CA SER A 2 -13.07 17.05 -1.90
C SER A 2 -12.05 15.87 -1.77
N ARG A 3 -12.30 14.93 -0.83
CA ARG A 3 -11.32 13.94 -0.41
C ARG A 3 -11.98 12.86 0.44
N ARG A 4 -12.84 12.06 -0.19
CA ARG A 4 -13.54 10.98 0.49
C ARG A 4 -13.66 9.77 -0.43
N CYS A 5 -12.58 9.01 -0.57
CA CYS A 5 -12.56 7.84 -1.42
C CYS A 5 -13.08 6.62 -0.69
N PRO A 6 -13.66 5.67 -1.45
CA PRO A 6 -14.19 4.44 -0.87
C PRO A 6 -13.10 3.46 -0.47
N GLY A 7 -13.50 2.27 -0.04
CA GLY A 7 -12.53 1.27 0.36
C GLY A 7 -11.73 1.71 1.58
N LYS A 8 -10.82 0.85 2.00
CA LYS A 8 -9.98 1.13 3.15
C LYS A 8 -8.85 2.10 2.78
N ASN A 9 -8.39 2.89 3.75
CA ASN A 9 -7.35 3.89 3.50
C ASN A 9 -6.02 3.53 4.16
N ALA A 10 -6.03 2.55 5.05
CA ALA A 10 -4.81 2.14 5.73
C ALA A 10 -4.90 0.67 6.13
N TRP A 11 -3.88 -0.10 5.76
CA TRP A 11 -3.87 -1.52 6.06
C TRP A 11 -2.73 -1.87 7.04
N PRO A 12 -2.85 -1.44 8.30
CA PRO A 12 -1.84 -1.73 9.32
C PRO A 12 -1.63 -3.22 9.50
N GLU A 13 -2.71 -3.99 9.34
CA GLU A 13 -2.64 -5.44 9.47
C GLU A 13 -1.74 -6.05 8.39
N LEU A 14 -1.38 -5.27 7.38
CA LEU A 14 -0.52 -5.76 6.32
C LEU A 14 0.94 -5.69 6.75
N VAL A 15 1.24 -4.84 7.72
CA VAL A 15 2.60 -4.69 8.23
C VAL A 15 3.14 -6.03 8.72
N GLY A 16 4.15 -6.56 8.03
CA GLY A 16 4.72 -7.83 8.42
C GLY A 16 4.42 -8.92 7.41
N LYS A 17 3.51 -8.64 6.48
CA LYS A 17 3.14 -9.62 5.46
C LYS A 17 3.93 -9.38 4.18
N SER A 18 3.82 -10.30 3.23
CA SER A 18 4.54 -10.17 1.97
C SER A 18 4.00 -9.02 1.14
N GLY A 19 4.90 -8.31 0.46
CA GLY A 19 4.51 -7.19 -0.37
C GLY A 19 3.39 -7.57 -1.34
N ASN A 20 3.41 -8.82 -1.78
CA ASN A 20 2.39 -9.30 -2.70
C ASN A 20 1.06 -9.44 -2.01
N MET A 21 1.07 -10.04 -0.82
CA MET A 21 -0.14 -10.20 -0.03
C MET A 21 -0.73 -8.85 0.32
N ALA A 22 0.15 -7.88 0.56
CA ALA A 22 -0.27 -6.54 0.90
C ALA A 22 -0.99 -5.91 -0.28
N ALA A 23 -0.26 -5.72 -1.39
CA ALA A 23 -0.85 -5.14 -2.59
C ALA A 23 -2.14 -5.85 -2.95
N ALA A 24 -2.18 -7.15 -2.72
CA ALA A 24 -3.37 -7.93 -3.02
C ALA A 24 -4.52 -7.51 -2.12
N THR A 25 -4.22 -7.39 -0.83
CA THR A 25 -5.24 -7.00 0.15
C THR A 25 -5.81 -5.62 -0.18
N VAL A 26 -4.95 -4.70 -0.59
CA VAL A 26 -5.40 -3.36 -0.93
C VAL A 26 -6.29 -3.37 -2.17
N GLU A 27 -5.82 -4.01 -3.24
CA GLU A 27 -6.58 -4.09 -4.48
C GLU A 27 -7.85 -4.92 -4.31
N ARG A 28 -7.80 -5.92 -3.45
CA ARG A 28 -8.96 -6.79 -3.22
C ARG A 28 -9.96 -6.11 -2.29
N GLU A 29 -9.48 -5.62 -1.15
CA GLU A 29 -10.33 -4.95 -0.18
C GLU A 29 -10.83 -3.63 -0.73
N ASN A 30 -9.97 -2.92 -1.46
CA ASN A 30 -10.33 -1.63 -2.03
C ASN A 30 -10.22 -1.66 -3.56
N ARG A 31 -11.25 -2.21 -4.20
CA ARG A 31 -11.30 -2.30 -5.65
C ARG A 31 -11.27 -0.92 -6.31
N ASN A 32 -11.35 0.14 -5.50
CA ASN A 32 -11.35 1.50 -6.03
C ASN A 32 -9.94 2.11 -6.00
N VAL A 33 -8.94 1.31 -5.64
CA VAL A 33 -7.57 1.79 -5.58
C VAL A 33 -6.58 0.70 -5.99
N HIS A 34 -5.32 1.10 -6.18
CA HIS A 34 -4.29 0.15 -6.58
C HIS A 34 -3.04 0.31 -5.71
N ALA A 35 -2.46 -0.82 -5.33
CA ALA A 35 -1.27 -0.82 -4.48
C ALA A 35 -0.03 -1.20 -5.26
N ILE A 36 1.03 -0.40 -5.11
CA ILE A 36 2.28 -0.65 -5.79
C ILE A 36 3.34 -1.17 -4.83
N VAL A 37 3.77 -2.41 -5.03
CA VAL A 37 4.76 -3.03 -4.18
C VAL A 37 6.17 -2.59 -4.57
N LEU A 38 6.85 -1.94 -3.62
CA LEU A 38 8.21 -1.46 -3.85
C LEU A 38 9.01 -1.51 -2.55
N LYS A 39 10.32 -1.65 -2.67
CA LYS A 39 11.18 -1.73 -1.49
C LYS A 39 11.58 -0.35 -0.98
N GLU A 40 11.94 -0.28 0.30
CA GLU A 40 12.35 0.98 0.93
C GLU A 40 13.43 1.68 0.11
N GLY A 41 13.11 2.88 -0.36
CA GLY A 41 14.05 3.65 -1.14
C GLY A 41 13.65 3.75 -2.60
N SER A 42 12.61 3.02 -2.98
CA SER A 42 12.13 3.04 -4.36
C SER A 42 11.68 4.44 -4.76
N ALA A 43 11.19 4.57 -5.99
CA ALA A 43 10.71 5.85 -6.48
C ALA A 43 9.26 6.05 -6.12
N MET A 44 9.00 6.70 -4.98
CA MET A 44 7.65 6.94 -4.52
C MET A 44 7.42 8.41 -4.23
N THR A 45 6.45 8.99 -4.92
CA THR A 45 6.13 10.38 -4.71
C THR A 45 5.49 10.56 -3.34
N LYS A 46 5.56 11.77 -2.80
CA LYS A 46 4.99 12.06 -1.50
C LYS A 46 3.53 12.48 -1.62
N ASP A 47 3.16 12.99 -2.79
CA ASP A 47 1.80 13.42 -3.04
C ASP A 47 0.79 12.36 -2.61
N PHE A 48 -0.33 12.81 -2.04
CA PHE A 48 -1.37 11.90 -1.58
C PHE A 48 -2.29 11.49 -2.73
N ARG A 49 -2.58 10.19 -2.83
CA ARG A 49 -3.46 9.67 -3.88
C ARG A 49 -4.27 8.48 -3.37
N CYS A 50 -5.59 8.67 -3.30
CA CYS A 50 -6.49 7.62 -2.82
C CYS A 50 -6.41 6.37 -3.70
N ASP A 51 -6.25 6.56 -4.99
CA ASP A 51 -6.18 5.44 -5.92
C ASP A 51 -4.79 4.82 -5.93
N ARG A 52 -3.89 5.35 -5.10
CA ARG A 52 -2.53 4.84 -5.04
C ARG A 52 -2.12 4.48 -3.61
N VAL A 53 -1.60 3.29 -3.44
CA VAL A 53 -1.16 2.82 -2.13
C VAL A 53 0.27 2.29 -2.24
N TRP A 54 1.22 2.98 -1.61
CA TRP A 54 2.61 2.55 -1.66
C TRP A 54 2.84 1.41 -0.69
N VAL A 55 3.52 0.37 -1.16
CA VAL A 55 3.81 -0.79 -0.34
C VAL A 55 5.32 -0.96 -0.19
N ILE A 56 5.89 -0.35 0.85
CA ILE A 56 7.32 -0.42 1.08
C ILE A 56 7.71 -1.73 1.74
N VAL A 57 8.55 -2.49 1.05
CA VAL A 57 9.00 -3.77 1.55
C VAL A 57 10.50 -3.77 1.79
N ASN A 58 10.96 -4.73 2.58
CA ASN A 58 12.38 -4.84 2.90
C ASN A 58 13.13 -5.57 1.78
N ASP A 59 14.41 -5.84 2.02
CA ASP A 59 15.25 -6.52 1.02
C ASP A 59 14.68 -7.88 0.66
N HIS A 60 13.86 -8.45 1.54
CA HIS A 60 13.26 -9.76 1.30
C HIS A 60 11.93 -9.66 0.55
N GLY A 61 11.35 -8.46 0.55
CA GLY A 61 10.08 -8.27 -0.13
C GLY A 61 8.91 -8.29 0.84
N VAL A 62 9.20 -8.03 2.10
CA VAL A 62 8.18 -8.02 3.14
C VAL A 62 7.75 -6.58 3.44
N VAL A 63 6.48 -6.38 3.72
CA VAL A 63 5.96 -5.04 4.01
C VAL A 63 6.41 -4.57 5.39
N THR A 64 7.20 -3.51 5.41
CA THR A 64 7.71 -2.97 6.68
C THR A 64 6.84 -1.82 7.16
N SER A 65 6.27 -1.07 6.23
CA SER A 65 5.42 0.07 6.59
C SER A 65 3.95 -0.23 6.38
N VAL A 66 3.11 0.53 7.06
CA VAL A 66 1.66 0.38 6.98
C VAL A 66 1.12 0.77 5.60
N PRO A 67 0.76 -0.21 4.76
CA PRO A 67 0.22 0.08 3.43
C PRO A 67 -1.05 0.91 3.53
N HIS A 68 -0.92 2.21 3.29
CA HIS A 68 -2.04 3.12 3.37
C HIS A 68 -2.12 3.99 2.13
N ILE A 69 -3.34 4.42 1.81
CA ILE A 69 -3.58 5.28 0.66
C ILE A 69 -2.59 6.45 0.64
N THR A 70 -1.68 6.41 -0.32
CA THR A 70 -0.65 7.45 -0.45
C THR A 70 -0.13 7.51 -1.89
N SER A 2 -8.50 13.94 0.77
CA SER A 2 -9.32 13.22 -0.26
C SER A 2 -10.51 14.02 -0.90
N ARG A 3 -11.07 13.51 -2.01
CA ARG A 3 -12.44 13.79 -2.42
C ARG A 3 -13.34 12.58 -2.18
N ARG A 4 -13.44 12.18 -0.92
CA ARG A 4 -14.25 11.03 -0.55
C ARG A 4 -13.89 9.80 -1.37
N CYS A 5 -13.06 8.93 -0.80
CA CYS A 5 -12.64 7.72 -1.49
C CYS A 5 -13.14 6.48 -0.78
N PRO A 6 -13.62 5.49 -1.54
CA PRO A 6 -14.14 4.26 -0.97
C PRO A 6 -13.04 3.28 -0.59
N GLY A 7 -13.42 2.25 0.16
CA GLY A 7 -12.46 1.24 0.58
C GLY A 7 -11.47 1.78 1.60
N LYS A 8 -10.87 0.86 2.36
CA LYS A 8 -9.90 1.22 3.38
C LYS A 8 -8.81 2.13 2.80
N ASN A 9 -8.28 3.04 3.64
CA ASN A 9 -7.26 4.00 3.22
C ASN A 9 -5.90 3.71 3.86
N ALA A 10 -5.83 2.70 4.70
CA ALA A 10 -4.59 2.33 5.38
C ALA A 10 -4.69 0.90 5.88
N TRP A 11 -3.66 0.10 5.61
CA TRP A 11 -3.67 -1.29 6.03
C TRP A 11 -2.51 -1.60 6.99
N PRO A 12 -2.59 -1.10 8.23
CA PRO A 12 -1.55 -1.34 9.23
C PRO A 12 -1.32 -2.83 9.47
N GLU A 13 -2.41 -3.60 9.40
CA GLU A 13 -2.33 -5.04 9.60
C GLU A 13 -1.50 -5.72 8.51
N LEU A 14 -1.15 -4.99 7.46
CA LEU A 14 -0.35 -5.55 6.39
C LEU A 14 1.12 -5.56 6.78
N VAL A 15 1.49 -4.69 7.71
CA VAL A 15 2.87 -4.60 8.18
C VAL A 15 3.34 -5.95 8.74
N GLY A 16 4.27 -6.58 8.05
CA GLY A 16 4.79 -7.87 8.48
C GLY A 16 4.45 -8.98 7.52
N LYS A 17 3.67 -8.67 6.50
CA LYS A 17 3.28 -9.66 5.49
C LYS A 17 4.09 -9.49 4.21
N SER A 18 3.76 -10.27 3.20
CA SER A 18 4.47 -10.20 1.92
C SER A 18 3.92 -9.07 1.06
N GLY A 19 4.81 -8.35 0.37
CA GLY A 19 4.39 -7.26 -0.47
C GLY A 19 3.27 -7.66 -1.41
N ASN A 20 3.23 -8.94 -1.79
CA ASN A 20 2.20 -9.45 -2.67
C ASN A 20 0.86 -9.52 -1.96
N MET A 21 0.87 -10.09 -0.75
CA MET A 21 -0.36 -10.21 0.03
C MET A 21 -0.87 -8.83 0.41
N ALA A 22 0.07 -7.89 0.57
CA ALA A 22 -0.27 -6.52 0.91
C ALA A 22 -1.01 -5.85 -0.25
N ALA A 23 -0.33 -5.73 -1.39
CA ALA A 23 -0.94 -5.12 -2.57
C ALA A 23 -2.25 -5.82 -2.91
N ALA A 24 -2.29 -7.13 -2.69
CA ALA A 24 -3.48 -7.91 -2.96
C ALA A 24 -4.60 -7.52 -2.01
N THR A 25 -4.26 -7.40 -0.73
CA THR A 25 -5.25 -7.01 0.28
C THR A 25 -5.86 -5.66 -0.04
N VAL A 26 -5.02 -4.73 -0.50
CA VAL A 26 -5.48 -3.39 -0.85
C VAL A 26 -6.42 -3.42 -2.05
N GLU A 27 -5.96 -3.97 -3.16
CA GLU A 27 -6.77 -4.04 -4.37
C GLU A 27 -8.02 -4.89 -4.15
N ARG A 28 -7.94 -5.85 -3.22
CA ARG A 28 -9.07 -6.72 -2.92
C ARG A 28 -10.07 -6.03 -2.00
N GLU A 29 -9.60 -5.60 -0.83
CA GLU A 29 -10.45 -4.91 0.14
C GLU A 29 -10.96 -3.60 -0.43
N ASN A 30 -10.12 -2.96 -1.25
CA ASN A 30 -10.46 -1.69 -1.88
C ASN A 30 -10.31 -1.78 -3.39
N ARG A 31 -11.31 -2.36 -4.04
CA ARG A 31 -11.30 -2.52 -5.50
C ARG A 31 -11.30 -1.17 -6.23
N ASN A 32 -11.34 -0.06 -5.47
CA ASN A 32 -11.36 1.26 -6.09
C ASN A 32 -9.97 1.91 -6.06
N VAL A 33 -8.99 1.20 -5.53
CA VAL A 33 -7.63 1.73 -5.45
C VAL A 33 -6.62 0.73 -5.99
N HIS A 34 -5.39 1.20 -6.21
CA HIS A 34 -4.33 0.35 -6.72
C HIS A 34 -3.07 0.51 -5.88
N ALA A 35 -2.55 -0.60 -5.37
CA ALA A 35 -1.36 -0.57 -4.53
C ALA A 35 -0.12 -0.98 -5.32
N ILE A 36 0.97 -0.25 -5.10
CA ILE A 36 2.24 -0.52 -5.77
C ILE A 36 3.26 -1.09 -4.80
N VAL A 37 3.73 -2.30 -5.06
CA VAL A 37 4.72 -2.93 -4.21
C VAL A 37 6.12 -2.47 -4.58
N LEU A 38 6.76 -1.78 -3.63
CA LEU A 38 8.11 -1.26 -3.84
C LEU A 38 8.98 -1.53 -2.62
N LYS A 39 10.28 -1.61 -2.84
CA LYS A 39 11.20 -1.88 -1.75
C LYS A 39 11.69 -0.59 -1.07
N GLU A 40 12.08 -0.71 0.19
CA GLU A 40 12.56 0.43 0.97
C GLU A 40 13.57 1.26 0.18
N GLY A 41 13.21 2.51 -0.06
CA GLY A 41 14.09 3.40 -0.80
C GLY A 41 13.62 3.64 -2.22
N SER A 42 12.48 3.05 -2.59
CA SER A 42 11.93 3.23 -3.92
C SER A 42 11.47 4.67 -4.14
N ALA A 43 10.74 4.88 -5.23
CA ALA A 43 10.22 6.20 -5.56
C ALA A 43 8.85 6.39 -4.93
N MET A 44 8.81 7.11 -3.82
CA MET A 44 7.57 7.34 -3.12
C MET A 44 7.30 8.81 -2.92
N THR A 45 6.46 9.36 -3.78
CA THR A 45 6.10 10.76 -3.71
C THR A 45 5.16 10.99 -2.54
N LYS A 46 5.15 12.23 -2.03
CA LYS A 46 4.29 12.60 -0.92
C LYS A 46 2.86 12.87 -1.39
N ASP A 47 2.73 13.26 -2.66
CA ASP A 47 1.43 13.56 -3.24
C ASP A 47 0.39 12.51 -2.84
N PHE A 48 -0.83 12.94 -2.57
CA PHE A 48 -1.89 12.04 -2.16
C PHE A 48 -2.66 11.50 -3.36
N ARG A 49 -2.89 10.19 -3.36
CA ARG A 49 -3.63 9.51 -4.42
C ARG A 49 -4.31 8.25 -3.88
N CYS A 50 -5.64 8.28 -3.84
CA CYS A 50 -6.42 7.15 -3.33
C CYS A 50 -6.14 5.88 -4.13
N ASP A 51 -5.95 6.04 -5.44
CA ASP A 51 -5.69 4.89 -6.30
C ASP A 51 -4.24 4.44 -6.23
N ARG A 52 -3.42 5.13 -5.44
CA ARG A 52 -2.01 4.78 -5.32
C ARG A 52 -1.63 4.52 -3.87
N VAL A 53 -1.39 3.25 -3.56
CA VAL A 53 -0.98 2.86 -2.22
C VAL A 53 0.46 2.37 -2.24
N TRP A 54 1.32 3.03 -1.47
CA TRP A 54 2.73 2.66 -1.42
C TRP A 54 2.93 1.43 -0.53
N VAL A 55 3.55 0.40 -1.09
CA VAL A 55 3.80 -0.82 -0.34
C VAL A 55 5.31 -1.09 -0.23
N ILE A 56 5.92 -0.52 0.81
CA ILE A 56 7.36 -0.68 1.03
C ILE A 56 7.69 -2.02 1.67
N VAL A 57 8.59 -2.74 1.02
CA VAL A 57 9.01 -4.04 1.51
C VAL A 57 10.53 -4.11 1.68
N ASN A 58 10.99 -5.12 2.41
CA ASN A 58 12.41 -5.29 2.66
C ASN A 58 13.08 -6.05 1.52
N ASP A 59 14.38 -6.31 1.68
CA ASP A 59 15.15 -7.02 0.66
C ASP A 59 14.52 -8.36 0.29
N HIS A 60 13.76 -8.93 1.20
CA HIS A 60 13.11 -10.22 0.96
C HIS A 60 11.74 -10.03 0.30
N GLY A 61 11.16 -8.85 0.46
CA GLY A 61 9.86 -8.59 -0.13
C GLY A 61 8.76 -8.54 0.92
N VAL A 62 9.13 -8.27 2.16
CA VAL A 62 8.18 -8.18 3.26
C VAL A 62 7.78 -6.73 3.49
N VAL A 63 6.50 -6.47 3.68
CA VAL A 63 6.03 -5.10 3.91
C VAL A 63 6.46 -4.61 5.28
N THR A 64 7.34 -3.62 5.29
CA THR A 64 7.84 -3.05 6.54
C THR A 64 7.08 -1.78 6.90
N SER A 65 6.61 -1.07 5.88
CA SER A 65 5.87 0.18 6.10
C SER A 65 4.38 -0.05 5.96
N VAL A 66 3.60 0.70 6.74
CA VAL A 66 2.14 0.60 6.71
C VAL A 66 1.58 1.02 5.36
N PRO A 67 1.16 0.06 4.52
CA PRO A 67 0.58 0.35 3.21
C PRO A 67 -0.75 1.09 3.35
N HIS A 68 -0.73 2.37 3.00
CA HIS A 68 -1.93 3.20 3.09
C HIS A 68 -2.07 4.10 1.87
N ILE A 69 -3.32 4.39 1.51
CA ILE A 69 -3.63 5.25 0.38
C ILE A 69 -2.75 6.50 0.39
N THR A 70 -1.87 6.59 -0.61
CA THR A 70 -0.96 7.72 -0.71
C THR A 70 -0.35 7.80 -2.10
N SER A 2 -15.53 16.28 -0.26
CA SER A 2 -14.07 16.22 -0.55
C SER A 2 -13.23 15.41 0.50
N ARG A 3 -12.05 14.89 0.08
CA ARG A 3 -11.14 14.04 0.83
C ARG A 3 -11.87 12.83 1.41
N ARG A 4 -12.44 12.02 0.53
CA ARG A 4 -13.16 10.82 0.93
C ARG A 4 -13.32 9.87 -0.25
N CYS A 5 -12.46 8.87 -0.32
CA CYS A 5 -12.49 7.89 -1.40
C CYS A 5 -12.90 6.51 -0.91
N PRO A 6 -13.59 5.74 -1.76
CA PRO A 6 -14.06 4.41 -1.41
C PRO A 6 -12.95 3.47 -0.97
N GLY A 7 -13.30 2.49 -0.16
CA GLY A 7 -12.34 1.52 0.31
C GLY A 7 -11.50 2.03 1.47
N LYS A 8 -10.75 1.13 2.08
CA LYS A 8 -9.88 1.47 3.20
C LYS A 8 -8.73 2.38 2.74
N ASN A 9 -8.16 3.13 3.69
CA ASN A 9 -7.09 4.07 3.37
C ASN A 9 -5.75 3.71 4.02
N ALA A 10 -5.76 2.74 4.93
CA ALA A 10 -4.54 2.31 5.61
C ALA A 10 -4.66 0.86 6.05
N TRP A 11 -3.65 0.06 5.70
CA TRP A 11 -3.65 -1.36 6.07
C TRP A 11 -2.52 -1.68 7.03
N PRO A 12 -2.62 -1.26 8.29
CA PRO A 12 -1.59 -1.53 9.30
C PRO A 12 -1.41 -3.03 9.50
N GLU A 13 -2.51 -3.77 9.39
CA GLU A 13 -2.47 -5.22 9.56
C GLU A 13 -1.63 -5.89 8.47
N LEU A 14 -1.28 -5.14 7.43
CA LEU A 14 -0.47 -5.68 6.34
C LEU A 14 1.00 -5.68 6.72
N VAL A 15 1.36 -4.83 7.69
CA VAL A 15 2.74 -4.74 8.13
C VAL A 15 3.28 -6.11 8.55
N GLY A 16 4.26 -6.60 7.81
CA GLY A 16 4.83 -7.90 8.11
C GLY A 16 4.46 -8.95 7.09
N LYS A 17 3.53 -8.61 6.19
CA LYS A 17 3.09 -9.53 5.16
C LYS A 17 3.86 -9.27 3.86
N SER A 18 3.92 -10.29 3.00
CA SER A 18 4.63 -10.16 1.73
C SER A 18 4.01 -9.04 0.89
N GLY A 19 4.86 -8.29 0.20
CA GLY A 19 4.38 -7.20 -0.63
C GLY A 19 3.27 -7.64 -1.56
N ASN A 20 3.30 -8.91 -1.97
CA ASN A 20 2.29 -9.45 -2.87
C ASN A 20 0.95 -9.60 -2.16
N MET A 21 0.95 -10.28 -1.03
CA MET A 21 -0.29 -10.49 -0.27
C MET A 21 -0.85 -9.15 0.18
N ALA A 22 0.03 -8.22 0.54
CA ALA A 22 -0.38 -6.89 0.97
C ALA A 22 -1.09 -6.17 -0.17
N ALA A 23 -0.40 -6.03 -1.30
CA ALA A 23 -0.99 -5.37 -2.46
C ALA A 23 -2.32 -6.00 -2.83
N ALA A 24 -2.40 -7.32 -2.67
CA ALA A 24 -3.62 -8.04 -2.97
C ALA A 24 -4.73 -7.65 -2.01
N THR A 25 -4.37 -7.52 -0.72
CA THR A 25 -5.32 -7.13 0.31
C THR A 25 -5.92 -5.76 0.00
N VAL A 26 -5.06 -4.82 -0.41
CA VAL A 26 -5.51 -3.48 -0.72
C VAL A 26 -6.43 -3.46 -1.94
N GLU A 27 -5.98 -4.08 -3.03
CA GLU A 27 -6.77 -4.12 -4.25
C GLU A 27 -8.07 -4.91 -4.05
N ARG A 28 -8.03 -5.90 -3.16
CA ARG A 28 -9.20 -6.73 -2.89
C ARG A 28 -10.18 -6.00 -1.97
N GLU A 29 -9.68 -5.58 -0.80
CA GLU A 29 -10.50 -4.87 0.16
C GLU A 29 -10.97 -3.53 -0.41
N ASN A 30 -10.10 -2.91 -1.20
CA ASN A 30 -10.41 -1.62 -1.83
C ASN A 30 -10.25 -1.71 -3.34
N ARG A 31 -11.27 -2.26 -4.00
CA ARG A 31 -11.25 -2.39 -5.45
C ARG A 31 -11.26 -1.02 -6.14
N ASN A 32 -11.40 0.05 -5.36
CA ASN A 32 -11.43 1.39 -5.92
C ASN A 32 -10.02 1.98 -5.99
N VAL A 33 -9.03 1.22 -5.51
CA VAL A 33 -7.65 1.68 -5.52
C VAL A 33 -6.70 0.58 -5.95
N HIS A 34 -5.44 0.94 -6.16
CA HIS A 34 -4.42 -0.02 -6.56
C HIS A 34 -3.14 0.18 -5.74
N ALA A 35 -2.57 -0.92 -5.29
CA ALA A 35 -1.35 -0.85 -4.47
C ALA A 35 -0.13 -1.28 -5.26
N ILE A 36 0.88 -0.40 -5.28
CA ILE A 36 2.13 -0.68 -5.99
C ILE A 36 3.14 -1.27 -5.02
N VAL A 37 3.94 -2.22 -5.51
CA VAL A 37 4.92 -2.87 -4.66
C VAL A 37 6.31 -2.28 -4.87
N LEU A 38 6.82 -1.64 -3.83
CA LEU A 38 8.15 -1.03 -3.86
C LEU A 38 8.86 -1.21 -2.53
N LYS A 39 10.17 -1.38 -2.59
CA LYS A 39 10.97 -1.58 -1.39
C LYS A 39 11.34 -0.25 -0.75
N GLU A 40 11.56 -0.27 0.57
CA GLU A 40 11.93 0.93 1.30
C GLU A 40 13.18 1.56 0.71
N GLY A 41 13.00 2.68 0.04
CA GLY A 41 14.11 3.37 -0.58
C GLY A 41 13.83 3.71 -2.02
N SER A 42 12.75 3.17 -2.57
CA SER A 42 12.38 3.44 -3.96
C SER A 42 11.98 4.90 -4.12
N ALA A 43 12.02 5.39 -5.36
CA ALA A 43 11.67 6.78 -5.64
C ALA A 43 10.17 6.94 -5.87
N MET A 44 9.42 7.19 -4.79
CA MET A 44 7.99 7.35 -4.88
C MET A 44 7.56 8.73 -4.37
N THR A 45 6.61 9.34 -5.06
CA THR A 45 6.12 10.66 -4.68
C THR A 45 5.48 10.63 -3.30
N LYS A 46 5.36 11.81 -2.70
CA LYS A 46 4.77 11.96 -1.38
C LYS A 46 3.29 12.35 -1.48
N ASP A 47 2.93 12.96 -2.60
CA ASP A 47 1.55 13.40 -2.83
C ASP A 47 0.55 12.35 -2.38
N PHE A 48 -0.70 12.76 -2.22
CA PHE A 48 -1.76 11.86 -1.77
C PHE A 48 -2.64 11.40 -2.94
N ARG A 49 -2.85 10.09 -3.02
CA ARG A 49 -3.67 9.50 -4.07
C ARG A 49 -4.43 8.28 -3.55
N CYS A 50 -5.75 8.38 -3.47
CA CYS A 50 -6.58 7.29 -2.97
C CYS A 50 -6.40 6.03 -3.79
N ASP A 51 -6.28 6.18 -5.10
CA ASP A 51 -6.13 5.04 -5.98
C ASP A 51 -4.70 4.52 -5.99
N ARG A 52 -3.83 5.12 -5.19
CA ARG A 52 -2.44 4.71 -5.13
C ARG A 52 -2.02 4.38 -3.71
N VAL A 53 -1.64 3.13 -3.50
CA VAL A 53 -1.20 2.67 -2.19
C VAL A 53 0.23 2.14 -2.26
N TRP A 54 1.14 2.79 -1.57
CA TRP A 54 2.55 2.39 -1.58
C TRP A 54 2.77 1.20 -0.66
N VAL A 55 3.32 0.14 -1.23
CA VAL A 55 3.61 -1.07 -0.48
C VAL A 55 5.12 -1.15 -0.24
N ILE A 56 5.58 -0.52 0.83
CA ILE A 56 7.00 -0.49 1.16
C ILE A 56 7.44 -1.79 1.82
N VAL A 57 8.30 -2.52 1.13
CA VAL A 57 8.80 -3.78 1.64
C VAL A 57 10.32 -3.76 1.80
N ASN A 58 10.85 -4.73 2.52
CA ASN A 58 12.29 -4.83 2.74
C ASN A 58 12.97 -5.56 1.60
N ASP A 59 14.26 -5.83 1.75
CA ASP A 59 15.03 -6.53 0.73
C ASP A 59 14.47 -7.92 0.46
N HIS A 60 13.72 -8.46 1.42
CA HIS A 60 13.15 -9.79 1.28
C HIS A 60 11.76 -9.73 0.63
N GLY A 61 11.19 -8.54 0.56
CA GLY A 61 9.88 -8.39 -0.03
C GLY A 61 8.77 -8.41 1.01
N VAL A 62 9.14 -8.05 2.24
CA VAL A 62 8.19 -8.01 3.35
C VAL A 62 7.74 -6.57 3.60
N VAL A 63 6.44 -6.37 3.79
CA VAL A 63 5.93 -5.03 4.03
C VAL A 63 6.39 -4.52 5.39
N THR A 64 7.31 -3.57 5.37
CA THR A 64 7.86 -3.00 6.59
C THR A 64 7.04 -1.79 7.03
N SER A 65 6.51 -1.06 6.06
CA SER A 65 5.71 0.12 6.35
C SER A 65 4.23 -0.17 6.15
N VAL A 66 3.39 0.57 6.87
CA VAL A 66 1.94 0.40 6.79
C VAL A 66 1.42 0.76 5.40
N PRO A 67 1.02 -0.24 4.58
CA PRO A 67 0.49 0.03 3.25
C PRO A 67 -0.78 0.87 3.32
N HIS A 68 -0.62 2.17 3.25
CA HIS A 68 -1.75 3.09 3.31
C HIS A 68 -1.83 3.96 2.07
N ILE A 69 -3.05 4.28 1.69
CA ILE A 69 -3.32 5.13 0.53
C ILE A 69 -2.40 6.35 0.55
N THR A 70 -1.57 6.46 -0.48
CA THR A 70 -0.64 7.59 -0.57
C THR A 70 -0.12 7.73 -2.01
N SER A 2 -13.94 16.37 0.58
CA SER A 2 -13.32 16.58 1.93
C SER A 2 -12.57 15.37 2.62
N ARG A 3 -11.58 14.77 1.91
CA ARG A 3 -10.83 13.58 2.29
C ARG A 3 -11.76 12.42 2.64
N ARG A 4 -12.24 11.73 1.62
CA ARG A 4 -13.14 10.60 1.81
C ARG A 4 -13.28 9.80 0.52
N CYS A 5 -12.46 8.77 0.37
CA CYS A 5 -12.49 7.93 -0.83
C CYS A 5 -12.93 6.51 -0.50
N PRO A 6 -13.52 5.82 -1.49
CA PRO A 6 -14.01 4.46 -1.31
C PRO A 6 -12.92 3.49 -0.86
N GLY A 7 -13.35 2.36 -0.28
CA GLY A 7 -12.41 1.37 0.18
C GLY A 7 -11.58 1.85 1.35
N LYS A 8 -10.80 0.95 1.92
CA LYS A 8 -9.93 1.26 3.06
C LYS A 8 -8.80 2.21 2.62
N ASN A 9 -8.41 3.10 3.53
CA ASN A 9 -7.38 4.09 3.23
C ASN A 9 -6.04 3.77 3.90
N ALA A 10 -6.01 2.74 4.73
CA ALA A 10 -4.79 2.36 5.42
C ALA A 10 -4.88 0.91 5.90
N TRP A 11 -3.88 0.11 5.57
CA TRP A 11 -3.88 -1.30 5.98
C TRP A 11 -2.77 -1.58 6.97
N PRO A 12 -2.90 -1.06 8.21
CA PRO A 12 -1.90 -1.27 9.25
C PRO A 12 -1.64 -2.75 9.49
N GLU A 13 -2.70 -3.56 9.42
CA GLU A 13 -2.59 -4.99 9.63
C GLU A 13 -1.73 -5.68 8.56
N LEU A 14 -1.32 -4.93 7.54
CA LEU A 14 -0.50 -5.50 6.47
C LEU A 14 0.98 -5.48 6.88
N VAL A 15 1.32 -4.65 7.86
CA VAL A 15 2.70 -4.56 8.32
C VAL A 15 3.19 -5.92 8.81
N GLY A 16 4.16 -6.48 8.10
CA GLY A 16 4.68 -7.79 8.46
C GLY A 16 4.40 -8.84 7.42
N LYS A 17 3.51 -8.52 6.48
CA LYS A 17 3.17 -9.46 5.41
C LYS A 17 3.91 -9.12 4.12
N SER A 18 4.08 -10.12 3.25
CA SER A 18 4.79 -9.92 1.99
C SER A 18 4.16 -8.81 1.16
N GLY A 19 5.00 -8.07 0.44
CA GLY A 19 4.51 -7.00 -0.40
C GLY A 19 3.44 -7.46 -1.37
N ASN A 20 3.53 -8.72 -1.80
CA ASN A 20 2.55 -9.28 -2.72
C ASN A 20 1.20 -9.46 -2.04
N MET A 21 1.22 -10.04 -0.84
CA MET A 21 -0.01 -10.25 -0.09
C MET A 21 -0.69 -8.92 0.23
N ALA A 22 0.12 -7.95 0.67
CA ALA A 22 -0.40 -6.62 1.00
C ALA A 22 -1.04 -6.00 -0.23
N ALA A 23 -0.29 -5.96 -1.33
CA ALA A 23 -0.79 -5.39 -2.58
C ALA A 23 -2.13 -6.02 -2.96
N ALA A 24 -2.21 -7.34 -2.85
CA ALA A 24 -3.43 -8.06 -3.16
C ALA A 24 -4.54 -7.67 -2.20
N THR A 25 -4.18 -7.49 -0.93
CA THR A 25 -5.14 -7.12 0.10
C THR A 25 -5.74 -5.75 -0.22
N VAL A 26 -4.89 -4.82 -0.62
CA VAL A 26 -5.34 -3.47 -0.96
C VAL A 26 -6.23 -3.48 -2.19
N GLU A 27 -5.77 -4.16 -3.25
CA GLU A 27 -6.53 -4.22 -4.49
C GLU A 27 -7.81 -5.02 -4.31
N ARG A 28 -7.79 -6.00 -3.41
CA ARG A 28 -8.96 -6.83 -3.17
C ARG A 28 -9.94 -6.14 -2.22
N GLU A 29 -9.45 -5.71 -1.07
CA GLU A 29 -10.28 -5.02 -0.09
C GLU A 29 -10.77 -3.69 -0.64
N ASN A 30 -9.94 -3.05 -1.46
CA ASN A 30 -10.30 -1.76 -2.04
C ASN A 30 -10.12 -1.78 -3.56
N ARG A 31 -11.11 -2.33 -4.25
CA ARG A 31 -11.08 -2.39 -5.72
C ARG A 31 -11.07 -1.00 -6.34
N ASN A 32 -11.27 0.04 -5.52
CA ASN A 32 -11.28 1.40 -6.02
C ASN A 32 -9.88 2.00 -6.06
N VAL A 33 -8.88 1.24 -5.62
CA VAL A 33 -7.51 1.71 -5.61
C VAL A 33 -6.54 0.61 -6.04
N HIS A 34 -5.27 0.99 -6.20
CA HIS A 34 -4.25 0.03 -6.60
C HIS A 34 -3.01 0.21 -5.73
N ALA A 35 -2.44 -0.91 -5.29
CA ALA A 35 -1.27 -0.89 -4.44
C ALA A 35 -0.01 -1.21 -5.22
N ILE A 36 0.97 -0.33 -5.14
CA ILE A 36 2.23 -0.51 -5.86
C ILE A 36 3.29 -1.09 -4.92
N VAL A 37 3.68 -2.33 -5.16
CA VAL A 37 4.67 -2.98 -4.34
C VAL A 37 6.09 -2.54 -4.71
N LEU A 38 6.81 -2.06 -3.72
CA LEU A 38 8.17 -1.58 -3.91
C LEU A 38 8.93 -1.63 -2.58
N LYS A 39 10.24 -1.86 -2.66
CA LYS A 39 11.06 -1.95 -1.46
C LYS A 39 11.62 -0.59 -1.05
N GLU A 40 11.98 -0.47 0.22
CA GLU A 40 12.53 0.77 0.76
C GLU A 40 13.58 1.35 -0.17
N GLY A 41 13.38 2.61 -0.58
CA GLY A 41 14.32 3.25 -1.47
C GLY A 41 13.77 3.45 -2.87
N SER A 42 12.64 2.80 -3.17
CA SER A 42 12.03 2.91 -4.48
C SER A 42 11.48 4.31 -4.70
N ALA A 43 10.66 4.47 -5.74
CA ALA A 43 10.06 5.75 -6.06
C ALA A 43 8.73 5.89 -5.35
N MET A 44 8.72 6.62 -4.24
CA MET A 44 7.52 6.82 -3.47
C MET A 44 7.23 8.29 -3.25
N THR A 45 6.38 8.83 -4.11
CA THR A 45 6.01 10.22 -4.03
C THR A 45 5.25 10.49 -2.74
N LYS A 46 5.38 11.71 -2.23
CA LYS A 46 4.70 12.10 -1.00
C LYS A 46 3.27 12.53 -1.28
N ASP A 47 3.02 12.98 -2.50
CA ASP A 47 1.69 13.42 -2.90
C ASP A 47 0.64 12.39 -2.50
N PHE A 48 -0.51 12.88 -2.05
CA PHE A 48 -1.60 12.01 -1.62
C PHE A 48 -2.46 11.58 -2.81
N ARG A 49 -2.74 10.28 -2.87
CA ARG A 49 -3.56 9.72 -3.95
C ARG A 49 -4.36 8.52 -3.45
N CYS A 50 -5.67 8.70 -3.33
CA CYS A 50 -6.56 7.64 -2.85
C CYS A 50 -6.48 6.41 -3.75
N ASP A 51 -6.30 6.61 -5.05
CA ASP A 51 -6.24 5.50 -5.98
C ASP A 51 -4.88 4.81 -5.96
N ARG A 52 -3.95 5.34 -5.17
CA ARG A 52 -2.62 4.75 -5.08
C ARG A 52 -2.27 4.40 -3.64
N VAL A 53 -1.72 3.21 -3.46
CA VAL A 53 -1.31 2.75 -2.14
C VAL A 53 0.11 2.21 -2.21
N TRP A 54 1.02 2.85 -1.49
CA TRP A 54 2.43 2.45 -1.49
C TRP A 54 2.65 1.23 -0.60
N VAL A 55 3.34 0.23 -1.15
CA VAL A 55 3.64 -0.98 -0.41
C VAL A 55 5.15 -1.11 -0.22
N ILE A 56 5.65 -0.55 0.89
CA ILE A 56 7.07 -0.60 1.19
C ILE A 56 7.47 -1.93 1.79
N VAL A 57 8.40 -2.61 1.12
CA VAL A 57 8.88 -3.89 1.58
C VAL A 57 10.39 -3.88 1.81
N ASN A 58 10.88 -4.88 2.55
CA ASN A 58 12.30 -4.97 2.83
C ASN A 58 13.05 -5.66 1.70
N ASP A 59 14.35 -5.85 1.89
CA ASP A 59 15.20 -6.48 0.90
C ASP A 59 14.67 -7.86 0.50
N HIS A 60 13.88 -8.46 1.37
CA HIS A 60 13.32 -9.78 1.11
C HIS A 60 11.97 -9.69 0.40
N GLY A 61 11.30 -8.56 0.52
CA GLY A 61 10.01 -8.39 -0.11
C GLY A 61 8.86 -8.42 0.89
N VAL A 62 9.18 -8.14 2.15
CA VAL A 62 8.19 -8.12 3.22
C VAL A 62 7.79 -6.68 3.53
N VAL A 63 6.50 -6.43 3.66
CA VAL A 63 6.02 -5.07 3.95
C VAL A 63 6.48 -4.63 5.34
N THR A 64 7.32 -3.60 5.37
CA THR A 64 7.84 -3.08 6.63
C THR A 64 7.04 -1.86 7.09
N SER A 65 6.55 -1.08 6.13
CA SER A 65 5.78 0.12 6.47
C SER A 65 4.30 -0.09 6.22
N VAL A 66 3.48 0.73 6.87
CA VAL A 66 2.03 0.65 6.74
C VAL A 66 1.59 1.02 5.32
N PRO A 67 0.97 0.09 4.60
CA PRO A 67 0.48 0.35 3.24
C PRO A 67 -0.85 1.09 3.29
N HIS A 68 -0.79 2.41 3.23
CA HIS A 68 -1.99 3.23 3.27
C HIS A 68 -2.07 4.16 2.08
N ILE A 69 -3.30 4.49 1.70
CA ILE A 69 -3.55 5.39 0.58
C ILE A 69 -2.56 6.57 0.59
N THR A 70 -1.66 6.58 -0.38
CA THR A 70 -0.65 7.62 -0.49
C THR A 70 -0.15 7.75 -1.93
N SER A 2 -9.13 15.02 -1.32
CA SER A 2 -8.53 15.02 0.04
C SER A 2 -9.16 13.99 1.05
N ARG A 3 -8.74 12.72 0.91
CA ARG A 3 -9.16 11.54 1.66
C ARG A 3 -10.67 11.34 1.58
N ARG A 4 -11.12 10.78 0.45
CA ARG A 4 -12.54 10.52 0.25
C ARG A 4 -12.74 9.50 -0.87
N CYS A 5 -12.33 8.27 -0.59
CA CYS A 5 -12.46 7.18 -1.56
C CYS A 5 -13.02 5.94 -0.91
N PRO A 6 -13.80 5.16 -1.67
CA PRO A 6 -14.39 3.93 -1.15
C PRO A 6 -13.31 2.92 -0.78
N GLY A 7 -13.60 2.07 0.21
CA GLY A 7 -12.63 1.09 0.65
C GLY A 7 -11.76 1.60 1.76
N LYS A 8 -10.93 0.72 2.30
CA LYS A 8 -10.02 1.06 3.39
C LYS A 8 -8.97 2.07 2.92
N ASN A 9 -8.48 2.92 3.84
CA ASN A 9 -7.51 3.96 3.49
C ASN A 9 -6.10 3.64 4.03
N ALA A 10 -6.02 2.76 5.01
CA ALA A 10 -4.73 2.40 5.59
C ALA A 10 -4.76 0.95 6.08
N TRP A 11 -3.79 0.17 5.64
CA TRP A 11 -3.73 -1.24 6.02
C TRP A 11 -2.56 -1.51 6.97
N PRO A 12 -2.63 -0.99 8.21
CA PRO A 12 -1.56 -1.21 9.20
C PRO A 12 -1.34 -2.69 9.46
N GLU A 13 -2.43 -3.46 9.47
CA GLU A 13 -2.36 -4.89 9.70
C GLU A 13 -1.59 -5.61 8.60
N LEU A 14 -1.27 -4.91 7.51
CA LEU A 14 -0.51 -5.52 6.42
C LEU A 14 0.97 -5.57 6.76
N VAL A 15 1.40 -4.72 7.69
CA VAL A 15 2.80 -4.67 8.10
C VAL A 15 3.28 -6.05 8.55
N GLY A 16 4.25 -6.60 7.85
CA GLY A 16 4.77 -7.91 8.19
C GLY A 16 4.44 -8.96 7.14
N LYS A 17 3.51 -8.62 6.25
CA LYS A 17 3.11 -9.56 5.20
C LYS A 17 3.86 -9.26 3.91
N SER A 18 3.94 -10.25 3.02
CA SER A 18 4.64 -10.09 1.76
C SER A 18 4.06 -8.94 0.95
N GLY A 19 4.93 -8.22 0.24
CA GLY A 19 4.47 -7.11 -0.57
C GLY A 19 3.33 -7.49 -1.49
N ASN A 20 3.31 -8.75 -1.91
CA ASN A 20 2.25 -9.24 -2.80
C ASN A 20 0.94 -9.38 -2.03
N MET A 21 1.01 -9.96 -0.84
CA MET A 21 -0.18 -10.13 -0.02
C MET A 21 -0.76 -8.77 0.35
N ALA A 22 0.13 -7.83 0.64
CA ALA A 22 -0.27 -6.48 0.99
C ALA A 22 -1.00 -5.83 -0.18
N ALA A 23 -0.30 -5.69 -1.31
CA ALA A 23 -0.89 -5.09 -2.50
C ALA A 23 -2.21 -5.75 -2.83
N ALA A 24 -2.24 -7.08 -2.75
CA ALA A 24 -3.46 -7.83 -3.03
C ALA A 24 -4.56 -7.43 -2.05
N THR A 25 -4.21 -7.35 -0.78
CA THR A 25 -5.16 -6.98 0.26
C THR A 25 -5.79 -5.62 -0.04
N VAL A 26 -4.96 -4.67 -0.46
CA VAL A 26 -5.43 -3.34 -0.78
C VAL A 26 -6.36 -3.35 -1.99
N GLU A 27 -5.89 -3.92 -3.09
CA GLU A 27 -6.69 -3.97 -4.31
C GLU A 27 -7.95 -4.81 -4.11
N ARG A 28 -7.90 -5.76 -3.19
CA ARG A 28 -9.06 -6.62 -2.92
C ARG A 28 -10.03 -5.93 -1.97
N GLU A 29 -9.54 -5.53 -0.80
CA GLU A 29 -10.38 -4.84 0.17
C GLU A 29 -10.89 -3.53 -0.41
N ASN A 30 -10.05 -2.89 -1.20
CA ASN A 30 -10.40 -1.62 -1.84
C ASN A 30 -10.20 -1.70 -3.34
N ARG A 31 -11.12 -2.38 -4.01
CA ARG A 31 -11.08 -2.55 -5.47
C ARG A 31 -11.17 -1.20 -6.21
N ASN A 32 -11.26 -0.09 -5.48
CA ASN A 32 -11.35 1.21 -6.12
C ASN A 32 -9.98 1.85 -6.26
N VAL A 33 -8.95 1.20 -5.71
CA VAL A 33 -7.59 1.74 -5.77
C VAL A 33 -6.59 0.61 -6.00
N HIS A 34 -5.36 0.97 -6.36
CA HIS A 34 -4.32 -0.03 -6.60
C HIS A 34 -3.06 0.24 -5.78
N ALA A 35 -2.40 -0.83 -5.35
CA ALA A 35 -1.21 -0.71 -4.54
C ALA A 35 0.03 -1.10 -5.34
N ILE A 36 1.09 -0.31 -5.18
CA ILE A 36 2.35 -0.56 -5.86
C ILE A 36 3.39 -1.12 -4.91
N VAL A 37 3.78 -2.37 -5.11
CA VAL A 37 4.77 -3.00 -4.26
C VAL A 37 6.17 -2.55 -4.62
N LEU A 38 6.84 -1.94 -3.64
CA LEU A 38 8.18 -1.44 -3.82
C LEU A 38 8.99 -1.61 -2.54
N LYS A 39 10.30 -1.69 -2.64
CA LYS A 39 11.15 -1.86 -1.46
C LYS A 39 11.57 -0.52 -0.87
N GLU A 40 11.92 -0.55 0.42
CA GLU A 40 12.37 0.65 1.13
C GLU A 40 13.49 1.35 0.38
N GLY A 41 13.18 2.52 -0.16
CA GLY A 41 14.16 3.28 -0.90
C GLY A 41 13.75 3.54 -2.34
N SER A 42 12.60 2.97 -2.72
CA SER A 42 12.11 3.15 -4.08
C SER A 42 11.69 4.60 -4.32
N ALA A 43 11.13 4.86 -5.49
CA ALA A 43 10.68 6.19 -5.85
C ALA A 43 9.22 6.35 -5.44
N MET A 44 9.00 7.02 -4.32
CA MET A 44 7.66 7.22 -3.80
C MET A 44 7.40 8.67 -3.52
N THR A 45 6.64 9.30 -4.40
CA THR A 45 6.29 10.68 -4.23
C THR A 45 5.47 10.84 -2.96
N LYS A 46 5.54 12.02 -2.35
CA LYS A 46 4.82 12.30 -1.13
C LYS A 46 3.36 12.66 -1.40
N ASP A 47 3.11 13.16 -2.62
CA ASP A 47 1.76 13.55 -3.01
C ASP A 47 0.74 12.49 -2.59
N PHE A 48 -0.46 12.93 -2.27
CA PHE A 48 -1.51 12.01 -1.83
C PHE A 48 -2.38 11.58 -3.01
N ARG A 49 -2.67 10.28 -3.07
CA ARG A 49 -3.50 9.71 -4.12
C ARG A 49 -4.29 8.51 -3.60
N CYS A 50 -5.61 8.67 -3.51
CA CYS A 50 -6.49 7.61 -3.02
C CYS A 50 -6.38 6.35 -3.87
N ASP A 51 -6.21 6.53 -5.18
CA ASP A 51 -6.11 5.40 -6.09
C ASP A 51 -4.72 4.78 -6.08
N ARG A 52 -3.81 5.32 -5.28
CA ARG A 52 -2.45 4.81 -5.22
C ARG A 52 -2.03 4.51 -3.79
N VAL A 53 -1.60 3.27 -3.57
CA VAL A 53 -1.15 2.85 -2.25
C VAL A 53 0.27 2.32 -2.32
N TRP A 54 1.20 2.98 -1.60
CA TRP A 54 2.60 2.55 -1.61
C TRP A 54 2.77 1.36 -0.71
N VAL A 55 3.47 0.33 -1.19
CA VAL A 55 3.71 -0.86 -0.41
C VAL A 55 5.21 -1.08 -0.24
N ILE A 56 5.76 -0.53 0.84
CA ILE A 56 7.18 -0.62 1.11
C ILE A 56 7.55 -1.95 1.76
N VAL A 57 8.48 -2.64 1.12
CA VAL A 57 8.95 -3.93 1.60
C VAL A 57 10.47 -3.93 1.76
N ASN A 58 10.97 -4.93 2.46
CA ASN A 58 12.41 -5.05 2.67
C ASN A 58 13.07 -5.80 1.52
N ASP A 59 14.36 -6.11 1.67
CA ASP A 59 15.09 -6.81 0.62
C ASP A 59 14.50 -8.18 0.36
N HIS A 60 13.76 -8.72 1.32
CA HIS A 60 13.16 -10.04 1.18
C HIS A 60 11.75 -9.97 0.59
N GLY A 61 11.21 -8.75 0.46
CA GLY A 61 9.87 -8.60 -0.08
C GLY A 61 8.81 -8.59 0.99
N VAL A 62 9.20 -8.22 2.20
CA VAL A 62 8.29 -8.15 3.34
C VAL A 62 7.86 -6.72 3.57
N VAL A 63 6.56 -6.50 3.80
CA VAL A 63 6.04 -5.15 4.02
C VAL A 63 6.45 -4.62 5.38
N THR A 64 7.28 -3.58 5.38
CA THR A 64 7.75 -2.97 6.63
C THR A 64 6.94 -1.72 6.96
N SER A 65 6.47 -1.03 5.92
CA SER A 65 5.68 0.18 6.11
C SER A 65 4.19 -0.10 5.97
N VAL A 66 3.39 0.74 6.62
CA VAL A 66 1.93 0.60 6.59
C VAL A 66 1.36 0.92 5.21
N PRO A 67 0.92 -0.10 4.46
CA PRO A 67 0.33 0.11 3.13
C PRO A 67 -0.97 0.90 3.23
N HIS A 68 -0.86 2.21 3.18
CA HIS A 68 -2.02 3.08 3.28
C HIS A 68 -2.10 4.01 2.07
N ILE A 69 -3.33 4.30 1.64
CA ILE A 69 -3.58 5.19 0.51
C ILE A 69 -2.63 6.39 0.53
N THR A 70 -1.75 6.46 -0.48
CA THR A 70 -0.78 7.54 -0.58
C THR A 70 -0.23 7.64 -2.00
N SER A 2 -9.32 17.08 0.63
CA SER A 2 -8.80 15.88 -0.08
C SER A 2 -8.79 14.54 0.76
N ARG A 3 -9.99 14.00 1.05
CA ARG A 3 -10.19 12.67 1.61
C ARG A 3 -11.62 12.18 1.38
N ARG A 4 -11.85 11.61 0.22
CA ARG A 4 -13.18 11.09 -0.13
C ARG A 4 -13.07 9.97 -1.15
N CYS A 5 -12.68 8.78 -0.70
CA CYS A 5 -12.53 7.64 -1.59
C CYS A 5 -13.07 6.38 -0.96
N PRO A 6 -13.69 5.51 -1.77
CA PRO A 6 -14.25 4.26 -1.28
C PRO A 6 -13.17 3.28 -0.86
N GLY A 7 -13.54 2.32 -0.02
CA GLY A 7 -12.58 1.33 0.45
C GLY A 7 -11.71 1.86 1.58
N LYS A 8 -10.89 0.98 2.15
CA LYS A 8 -10.00 1.34 3.24
C LYS A 8 -8.88 2.27 2.76
N ASN A 9 -8.33 3.09 3.68
CA ASN A 9 -7.28 4.05 3.32
C ASN A 9 -5.92 3.70 3.94
N ALA A 10 -5.88 2.68 4.78
CA ALA A 10 -4.63 2.26 5.43
C ALA A 10 -4.74 0.83 5.92
N TRP A 11 -3.81 -0.03 5.53
CA TRP A 11 -3.83 -1.42 5.96
C TRP A 11 -2.67 -1.75 6.89
N PRO A 12 -2.74 -1.28 8.15
CA PRO A 12 -1.69 -1.55 9.14
C PRO A 12 -1.48 -3.04 9.36
N GLU A 13 -2.57 -3.81 9.25
CA GLU A 13 -2.50 -5.25 9.43
C GLU A 13 -1.63 -5.91 8.36
N LEU A 14 -1.30 -5.16 7.32
CA LEU A 14 -0.45 -5.68 6.24
C LEU A 14 1.02 -5.61 6.64
N VAL A 15 1.33 -4.73 7.57
CA VAL A 15 2.70 -4.57 8.03
C VAL A 15 3.22 -5.86 8.65
N GLY A 16 4.20 -6.48 7.99
CA GLY A 16 4.75 -7.72 8.47
C GLY A 16 4.49 -8.88 7.54
N LYS A 17 3.65 -8.65 6.52
CA LYS A 17 3.34 -9.71 5.56
C LYS A 17 4.04 -9.44 4.22
N SER A 18 3.87 -10.37 3.28
CA SER A 18 4.50 -10.23 1.96
C SER A 18 3.92 -9.07 1.19
N GLY A 19 4.77 -8.39 0.41
CA GLY A 19 4.32 -7.27 -0.38
C GLY A 19 3.24 -7.65 -1.38
N ASN A 20 3.26 -8.91 -1.82
CA ASN A 20 2.27 -9.39 -2.78
C ASN A 20 0.91 -9.56 -2.12
N MET A 21 0.88 -10.29 -1.02
CA MET A 21 -0.37 -10.52 -0.30
C MET A 21 -0.91 -9.18 0.21
N ALA A 22 0.00 -8.26 0.49
CA ALA A 22 -0.37 -6.94 0.96
C ALA A 22 -1.11 -6.17 -0.13
N ALA A 23 -0.42 -5.94 -1.25
CA ALA A 23 -1.04 -5.26 -2.38
C ALA A 23 -2.37 -5.90 -2.74
N ALA A 24 -2.40 -7.24 -2.64
CA ALA A 24 -3.62 -7.98 -2.93
C ALA A 24 -4.72 -7.60 -1.96
N THR A 25 -4.38 -7.51 -0.68
CA THR A 25 -5.35 -7.13 0.33
C THR A 25 -5.94 -5.76 0.02
N VAL A 26 -5.08 -4.83 -0.36
CA VAL A 26 -5.52 -3.49 -0.70
C VAL A 26 -6.43 -3.49 -1.92
N GLU A 27 -5.92 -3.96 -3.05
CA GLU A 27 -6.71 -4.01 -4.27
C GLU A 27 -7.95 -4.88 -4.09
N ARG A 28 -7.91 -5.79 -3.13
CA ARG A 28 -9.05 -6.67 -2.86
C ARG A 28 -10.10 -5.96 -2.01
N GLU A 29 -9.72 -5.56 -0.81
CA GLU A 29 -10.62 -4.87 0.10
C GLU A 29 -11.07 -3.55 -0.49
N ASN A 30 -10.18 -2.93 -1.27
CA ASN A 30 -10.48 -1.65 -1.90
C ASN A 30 -10.21 -1.71 -3.40
N ARG A 31 -11.17 -2.26 -4.13
CA ARG A 31 -11.05 -2.40 -5.58
C ARG A 31 -10.96 -1.03 -6.28
N ASN A 32 -11.17 0.05 -5.52
CA ASN A 32 -11.11 1.39 -6.10
C ASN A 32 -9.69 1.96 -6.06
N VAL A 33 -8.75 1.22 -5.47
CA VAL A 33 -7.37 1.67 -5.38
C VAL A 33 -6.40 0.63 -5.87
N HIS A 34 -5.14 1.02 -6.04
CA HIS A 34 -4.10 0.11 -6.51
C HIS A 34 -2.84 0.25 -5.65
N ALA A 35 -2.26 -0.88 -5.27
CA ALA A 35 -1.06 -0.86 -4.42
C ALA A 35 0.18 -1.27 -5.20
N ILE A 36 1.18 -0.40 -5.19
CA ILE A 36 2.43 -0.66 -5.89
C ILE A 36 3.48 -1.18 -4.91
N VAL A 37 3.90 -2.42 -5.10
CA VAL A 37 4.90 -3.01 -4.24
C VAL A 37 6.30 -2.53 -4.60
N LEU A 38 6.90 -1.77 -3.70
CA LEU A 38 8.23 -1.23 -3.89
C LEU A 38 9.05 -1.42 -2.63
N LYS A 39 10.37 -1.57 -2.78
CA LYS A 39 11.24 -1.77 -1.63
C LYS A 39 11.76 -0.45 -1.07
N GLU A 40 12.14 -0.47 0.21
CA GLU A 40 12.65 0.72 0.89
C GLU A 40 13.66 1.47 0.02
N GLY A 41 13.39 2.75 -0.22
CA GLY A 41 14.28 3.56 -1.03
C GLY A 41 13.78 3.74 -2.45
N SER A 42 12.66 3.11 -2.78
CA SER A 42 12.10 3.22 -4.12
C SER A 42 11.57 4.63 -4.37
N ALA A 43 11.03 4.85 -5.56
CA ALA A 43 10.47 6.14 -5.92
C ALA A 43 9.04 6.23 -5.45
N MET A 44 8.84 6.93 -4.34
CA MET A 44 7.52 7.07 -3.76
C MET A 44 7.21 8.52 -3.47
N THR A 45 6.44 9.12 -4.36
CA THR A 45 6.06 10.51 -4.20
C THR A 45 5.30 10.70 -2.89
N LYS A 46 5.48 11.86 -2.29
CA LYS A 46 4.82 12.19 -1.02
C LYS A 46 3.38 12.60 -1.24
N ASP A 47 3.08 13.11 -2.44
CA ASP A 47 1.73 13.54 -2.78
C ASP A 47 0.69 12.52 -2.32
N PHE A 48 -0.55 12.95 -2.21
CA PHE A 48 -1.63 12.06 -1.77
C PHE A 48 -2.51 11.63 -2.93
N ARG A 49 -2.75 10.32 -3.01
CA ARG A 49 -3.58 9.73 -4.06
C ARG A 49 -4.37 8.55 -3.52
N CYS A 50 -5.68 8.73 -3.38
CA CYS A 50 -6.56 7.68 -2.86
C CYS A 50 -6.52 6.43 -3.73
N ASP A 51 -6.34 6.62 -5.03
CA ASP A 51 -6.30 5.49 -5.96
C ASP A 51 -4.93 4.81 -5.94
N ARG A 52 -4.00 5.35 -5.17
CA ARG A 52 -2.66 4.79 -5.09
C ARG A 52 -2.31 4.39 -3.66
N VAL A 53 -1.60 3.27 -3.52
CA VAL A 53 -1.17 2.78 -2.23
C VAL A 53 0.26 2.27 -2.31
N TRP A 54 1.17 2.95 -1.61
CA TRP A 54 2.59 2.56 -1.64
C TRP A 54 2.83 1.36 -0.72
N VAL A 55 3.52 0.35 -1.24
CA VAL A 55 3.82 -0.84 -0.46
C VAL A 55 5.32 -1.02 -0.32
N ILE A 56 5.89 -0.42 0.73
CA ILE A 56 7.32 -0.49 0.98
C ILE A 56 7.71 -1.81 1.63
N VAL A 57 8.60 -2.54 0.97
CA VAL A 57 9.06 -3.82 1.47
C VAL A 57 10.58 -3.83 1.67
N ASN A 58 11.06 -4.82 2.41
CA ASN A 58 12.48 -4.94 2.68
C ASN A 58 13.17 -5.76 1.58
N ASP A 59 14.45 -6.04 1.78
CA ASP A 59 15.22 -6.81 0.81
C ASP A 59 14.62 -8.18 0.55
N HIS A 60 13.83 -8.67 1.52
CA HIS A 60 13.20 -9.98 1.39
C HIS A 60 11.87 -9.87 0.65
N GLY A 61 11.30 -8.67 0.62
CA GLY A 61 10.04 -8.47 -0.06
C GLY A 61 8.87 -8.43 0.91
N VAL A 62 9.17 -8.10 2.18
CA VAL A 62 8.15 -8.02 3.21
C VAL A 62 7.74 -6.58 3.43
N VAL A 63 6.46 -6.34 3.72
CA VAL A 63 5.97 -4.99 3.93
C VAL A 63 6.40 -4.47 5.30
N THR A 64 7.27 -3.47 5.30
CA THR A 64 7.77 -2.88 6.53
C THR A 64 6.93 -1.66 6.93
N SER A 65 6.41 -0.95 5.93
CA SER A 65 5.60 0.23 6.18
C SER A 65 4.11 -0.08 5.99
N VAL A 66 3.28 0.69 6.68
CA VAL A 66 1.82 0.53 6.60
C VAL A 66 1.30 0.88 5.22
N PRO A 67 0.99 -0.12 4.37
CA PRO A 67 0.45 0.13 3.04
C PRO A 67 -0.84 0.94 3.13
N HIS A 68 -0.72 2.26 3.06
CA HIS A 68 -1.86 3.15 3.15
C HIS A 68 -1.97 4.04 1.93
N ILE A 69 -3.19 4.48 1.64
CA ILE A 69 -3.46 5.35 0.51
C ILE A 69 -2.49 6.53 0.47
N THR A 70 -1.66 6.57 -0.56
CA THR A 70 -0.67 7.64 -0.70
C THR A 70 -0.19 7.76 -2.15
N SER A 2 -7.60 14.87 0.49
CA SER A 2 -8.66 13.94 0.99
C SER A 2 -10.09 14.44 0.66
N ARG A 3 -10.95 13.65 -0.05
CA ARG A 3 -12.28 14.12 -0.36
C ARG A 3 -13.27 12.96 -0.42
N ARG A 4 -13.45 12.29 0.72
CA ARG A 4 -14.36 11.15 0.79
C ARG A 4 -14.02 10.09 -0.24
N CYS A 5 -13.17 9.15 0.14
CA CYS A 5 -12.75 8.08 -0.75
C CYS A 5 -13.27 6.74 -0.27
N PRO A 6 -13.69 5.86 -1.20
CA PRO A 6 -14.22 4.55 -0.86
C PRO A 6 -13.12 3.58 -0.43
N GLY A 7 -13.53 2.45 0.13
CA GLY A 7 -12.57 1.45 0.57
C GLY A 7 -11.66 1.94 1.68
N LYS A 8 -10.90 1.02 2.26
CA LYS A 8 -9.98 1.32 3.33
C LYS A 8 -8.83 2.22 2.83
N ASN A 9 -8.34 3.11 3.70
CA ASN A 9 -7.27 4.05 3.32
C ASN A 9 -5.92 3.69 3.94
N ALA A 10 -5.89 2.67 4.78
CA ALA A 10 -4.65 2.23 5.43
C ALA A 10 -4.79 0.80 5.92
N TRP A 11 -3.79 -0.02 5.66
CA TRP A 11 -3.85 -1.42 6.08
C TRP A 11 -2.72 -1.78 7.04
N PRO A 12 -2.74 -1.22 8.27
CA PRO A 12 -1.71 -1.52 9.27
C PRO A 12 -1.48 -3.02 9.46
N GLU A 13 -2.56 -3.78 9.38
CA GLU A 13 -2.49 -5.24 9.54
C GLU A 13 -1.63 -5.88 8.45
N LEU A 14 -1.31 -5.13 7.41
CA LEU A 14 -0.49 -5.66 6.32
C LEU A 14 0.99 -5.61 6.71
N VAL A 15 1.33 -4.73 7.63
CA VAL A 15 2.72 -4.60 8.08
C VAL A 15 3.27 -5.95 8.53
N GLY A 16 4.24 -6.46 7.78
CA GLY A 16 4.83 -7.74 8.12
C GLY A 16 4.47 -8.82 7.11
N LYS A 17 3.50 -8.52 6.25
CA LYS A 17 3.06 -9.47 5.24
C LYS A 17 3.80 -9.24 3.92
N SER A 18 3.87 -10.27 3.09
CA SER A 18 4.55 -10.17 1.80
C SER A 18 3.96 -9.05 0.95
N GLY A 19 4.82 -8.34 0.24
CA GLY A 19 4.37 -7.25 -0.60
C GLY A 19 3.22 -7.66 -1.52
N ASN A 20 3.22 -8.93 -1.92
CA ASN A 20 2.17 -9.44 -2.79
C ASN A 20 0.86 -9.60 -2.03
N MET A 21 0.94 -10.17 -0.84
CA MET A 21 -0.24 -10.36 -0.01
C MET A 21 -0.85 -9.01 0.36
N ALA A 22 0.02 -8.06 0.69
CA ALA A 22 -0.41 -6.73 1.06
C ALA A 22 -1.11 -6.05 -0.11
N ALA A 23 -0.42 -5.96 -1.24
CA ALA A 23 -0.98 -5.35 -2.43
C ALA A 23 -2.34 -5.96 -2.77
N ALA A 24 -2.42 -7.28 -2.67
CA ALA A 24 -3.65 -8.00 -2.96
C ALA A 24 -4.75 -7.58 -1.99
N THR A 25 -4.42 -7.50 -0.71
CA THR A 25 -5.37 -7.11 0.31
C THR A 25 -5.96 -5.73 0.02
N VAL A 26 -5.09 -4.81 -0.39
CA VAL A 26 -5.51 -3.46 -0.71
C VAL A 26 -6.40 -3.43 -1.95
N GLU A 27 -5.88 -3.93 -3.07
CA GLU A 27 -6.65 -3.95 -4.31
C GLU A 27 -7.93 -4.78 -4.17
N ARG A 28 -7.92 -5.73 -3.23
CA ARG A 28 -9.08 -6.59 -3.01
C ARG A 28 -10.09 -5.91 -2.09
N GLU A 29 -9.64 -5.57 -0.88
CA GLU A 29 -10.51 -4.91 0.08
C GLU A 29 -10.98 -3.57 -0.46
N ASN A 30 -10.14 -2.95 -1.29
CA ASN A 30 -10.46 -1.66 -1.88
C ASN A 30 -10.22 -1.69 -3.39
N ARG A 31 -11.23 -2.16 -4.13
CA ARG A 31 -11.14 -2.24 -5.58
C ARG A 31 -10.96 -0.86 -6.23
N ASN A 32 -11.09 0.21 -5.44
CA ASN A 32 -10.95 1.55 -5.98
C ASN A 32 -9.50 2.03 -5.98
N VAL A 33 -8.62 1.27 -5.32
CA VAL A 33 -7.21 1.64 -5.25
C VAL A 33 -6.32 0.65 -5.96
N HIS A 34 -5.04 0.97 -6.02
CA HIS A 34 -4.04 0.12 -6.64
C HIS A 34 -2.72 0.21 -5.84
N ALA A 35 -2.22 -0.94 -5.42
CA ALA A 35 -1.00 -0.98 -4.63
C ALA A 35 0.23 -1.27 -5.49
N ILE A 36 1.25 -0.45 -5.33
CA ILE A 36 2.50 -0.60 -6.06
C ILE A 36 3.59 -1.11 -5.15
N VAL A 37 4.14 -2.28 -5.47
CA VAL A 37 5.18 -2.87 -4.64
C VAL A 37 6.53 -2.23 -4.92
N LEU A 38 7.23 -1.88 -3.84
CA LEU A 38 8.53 -1.24 -3.93
C LEU A 38 9.31 -1.47 -2.64
N LYS A 39 10.64 -1.50 -2.74
CA LYS A 39 11.47 -1.72 -1.55
C LYS A 39 11.84 -0.40 -0.88
N GLU A 40 12.10 -0.47 0.42
CA GLU A 40 12.46 0.71 1.21
C GLU A 40 13.56 1.50 0.51
N GLY A 41 13.23 2.73 0.11
CA GLY A 41 14.20 3.57 -0.56
C GLY A 41 13.83 3.84 -2.01
N SER A 42 12.72 3.24 -2.47
CA SER A 42 12.28 3.43 -3.85
C SER A 42 11.78 4.86 -4.06
N ALA A 43 11.30 5.13 -5.27
CA ALA A 43 10.77 6.43 -5.60
C ALA A 43 9.29 6.47 -5.31
N MET A 44 8.92 7.13 -4.22
CA MET A 44 7.54 7.21 -3.82
C MET A 44 7.09 8.64 -3.68
N THR A 45 6.28 9.08 -4.63
CA THR A 45 5.77 10.44 -4.61
C THR A 45 5.03 10.70 -3.30
N LYS A 46 5.10 11.95 -2.83
CA LYS A 46 4.44 12.33 -1.60
C LYS A 46 2.98 12.68 -1.83
N ASP A 47 2.67 13.10 -3.06
CA ASP A 47 1.31 13.46 -3.43
C ASP A 47 0.31 12.42 -2.93
N PHE A 48 -0.82 12.89 -2.42
CA PHE A 48 -1.85 12.01 -1.89
C PHE A 48 -2.78 11.53 -3.01
N ARG A 49 -3.01 10.21 -3.05
CA ARG A 49 -3.87 9.62 -4.07
C ARG A 49 -4.64 8.43 -3.50
N CYS A 50 -5.96 8.59 -3.39
CA CYS A 50 -6.81 7.54 -2.86
C CYS A 50 -6.81 6.31 -3.76
N ASP A 51 -6.30 6.44 -4.99
CA ASP A 51 -6.28 5.31 -5.91
C ASP A 51 -4.92 4.63 -5.92
N ARG A 52 -3.96 5.18 -5.18
CA ARG A 52 -2.62 4.59 -5.12
C ARG A 52 -2.23 4.26 -3.69
N VAL A 53 -1.52 3.16 -3.53
CA VAL A 53 -1.06 2.71 -2.23
C VAL A 53 0.37 2.17 -2.36
N TRP A 54 1.31 2.82 -1.66
CA TRP A 54 2.71 2.39 -1.72
C TRP A 54 2.92 1.17 -0.84
N VAL A 55 3.65 0.19 -1.37
CA VAL A 55 3.93 -1.02 -0.63
C VAL A 55 5.44 -1.20 -0.46
N ILE A 56 5.98 -0.64 0.62
CA ILE A 56 7.40 -0.72 0.90
C ILE A 56 7.75 -2.04 1.56
N VAL A 57 8.72 -2.74 0.98
CA VAL A 57 9.14 -4.02 1.51
C VAL A 57 10.64 -4.04 1.81
N ASN A 58 11.05 -5.05 2.57
CA ASN A 58 12.45 -5.20 2.94
C ASN A 58 13.22 -5.99 1.89
N ASP A 59 14.47 -6.32 2.19
CA ASP A 59 15.32 -7.06 1.27
C ASP A 59 14.71 -8.42 0.91
N HIS A 60 13.81 -8.93 1.75
CA HIS A 60 13.19 -10.22 1.50
C HIS A 60 11.84 -10.09 0.80
N GLY A 61 11.34 -8.86 0.67
CA GLY A 61 10.06 -8.66 0.02
C GLY A 61 8.90 -8.60 1.00
N VAL A 62 9.22 -8.29 2.26
CA VAL A 62 8.20 -8.19 3.29
C VAL A 62 7.77 -6.74 3.48
N VAL A 63 6.49 -6.50 3.68
CA VAL A 63 5.99 -5.14 3.86
C VAL A 63 6.40 -4.58 5.22
N THR A 64 7.28 -3.59 5.20
CA THR A 64 7.77 -2.98 6.43
C THR A 64 6.96 -1.75 6.81
N SER A 65 6.47 -1.02 5.79
CA SER A 65 5.69 0.17 6.03
C SER A 65 4.20 -0.09 5.89
N VAL A 66 3.40 0.61 6.68
CA VAL A 66 1.95 0.47 6.66
C VAL A 66 1.37 0.87 5.31
N PRO A 67 1.02 -0.09 4.44
CA PRO A 67 0.43 0.20 3.14
C PRO A 67 -0.84 1.01 3.26
N HIS A 68 -0.73 2.32 3.05
CA HIS A 68 -1.87 3.22 3.15
C HIS A 68 -1.99 4.08 1.90
N ILE A 69 -3.21 4.50 1.62
CA ILE A 69 -3.49 5.35 0.47
C ILE A 69 -2.52 6.54 0.43
N THR A 70 -1.71 6.61 -0.62
CA THR A 70 -0.73 7.69 -0.76
C THR A 70 -0.27 7.83 -2.21
#